data_7EKT
#
_entry.id   7EKT
#
_cell.length_a   1.00
_cell.length_b   1.00
_cell.length_c   1.00
_cell.angle_alpha   90.00
_cell.angle_beta   90.00
_cell.angle_gamma   90.00
#
_symmetry.space_group_name_H-M   'P 1'
#
loop_
_entity.id
_entity.type
_entity.pdbx_description
1 polymer 'Neuronal acetylcholine receptor subunit alpha-7'
2 branched 2-acetamido-2-deoxy-beta-D-glucopyranose-(1-4)-2-acetamido-2-deoxy-beta-D-glucopyranose
3 non-polymer 2-acetamido-2-deoxy-beta-D-glucopyranose
4 non-polymer CHOLESTEROL
5 non-polymer 7-chloro-N-(quinuclidin-3-yl)benzo[b]thiophene-2-carboxamide
6 non-polymer "N-(5-Chloro-2,4-dimethoxyphenyl)-N'-(5-methyl-3-isoxazolyl)-urea"
#
_entity_poly.entity_id   1
_entity_poly.type   'polypeptide(L)'
_entity_poly.pdbx_seq_one_letter_code
;MRCSPGGVWLALAASLLHVSLQGEFQRKLYKELVKNYNPLERPVANDSQPLTVYFSLSLLQIMDVDEKNQVLTTNIWLQM
SWTDHYLQWNVSEYPGVKTVRFPDGQIWKPDILLYNSADERFDATFHTNVLVNSSGHCQYLPPGIFKSSCYIDVRWFPFD
VQHCKLKFGSWSYGGWSLDLQMQEADISGYIPNGEWDLVGIPGKRSERFYECCKEPYPDVTFTVTMRRRTLYYGLNLLIP
CVLISALALLVFLLPADSGEKISLGITVLLSLTVFMLLVAEIMPATSDSVPLIAQYFASTMIIVGLSVVVTVIVLQYHHH
DPDGGKMPKWTRVILLNWCAWFLRMKRPGEDKVRPACQHKQRRCSLASVEMSAVAPPPASNGNLLYIGFRGLDGVHCVPT
PDSGVVCGRMACSPTHDEHLLHGGQPPEGDPDLAKILEEVRYIANRFRCQDESEAVCSEWKFAACVVDRLCLMAFSVFTI
ICTIGILMSAPNFVEAVSKDFA
;
_entity_poly.pdbx_strand_id   A,B,C,D,E
#
loop_
_chem_comp.id
_chem_comp.type
_chem_comp.name
_chem_comp.formula
CLR non-polymer CHOLESTEROL 'C27 H46 O'
I33 non-polymer 7-chloro-N-(quinuclidin-3-yl)benzo[b]thiophene-2-carboxamide 'C16 H17 Cl N2 O S'
I34 non-polymer N-(5-Chloro-2,4-dimethoxyphenyl)-N'-(5-methyl-3-isoxazolyl)-urea 'C13 H14 Cl N3 O4'
NAG D-saccharide, beta linking 2-acetamido-2-deoxy-beta-D-glucopyranose 'C8 H15 N O6'
#
# COMPACT_ATOMS: atom_id res chain seq x y z
N GLY A 23 -27.88 19.26 46.51
CA GLY A 23 -28.62 19.80 47.64
C GLY A 23 -28.16 21.18 48.05
N GLU A 24 -28.70 21.66 49.17
CA GLU A 24 -28.33 22.99 49.65
C GLU A 24 -26.93 23.00 50.27
N PHE A 25 -26.50 21.90 50.88
CA PHE A 25 -25.18 21.85 51.50
C PHE A 25 -24.07 21.74 50.46
N GLN A 26 -24.29 20.93 49.42
CA GLN A 26 -23.28 20.79 48.38
C GLN A 26 -23.07 22.11 47.63
N ARG A 27 -24.17 22.82 47.33
CA ARG A 27 -24.05 24.13 46.69
C ARG A 27 -23.32 25.11 47.59
N LYS A 28 -23.63 25.08 48.88
CA LYS A 28 -22.95 25.96 49.83
C LYS A 28 -21.46 25.62 49.94
N LEU A 29 -21.13 24.33 49.95
CA LEU A 29 -19.73 23.93 50.07
C LEU A 29 -18.92 24.35 48.86
N TYR A 30 -19.49 24.17 47.66
CA TYR A 30 -18.76 24.52 46.44
C TYR A 30 -18.48 26.02 46.37
N LYS A 31 -19.38 26.85 46.89
CA LYS A 31 -19.16 28.28 46.91
C LYS A 31 -18.08 28.69 47.92
N GLU A 32 -17.80 27.84 48.91
CA GLU A 32 -16.81 28.16 49.93
C GLU A 32 -15.41 27.67 49.55
N LEU A 33 -15.31 26.59 48.78
CA LEU A 33 -14.01 26.03 48.45
C LEU A 33 -13.25 26.87 47.43
N VAL A 34 -13.95 27.49 46.49
CA VAL A 34 -13.32 28.27 45.44
C VAL A 34 -13.21 29.75 45.83
N LYS A 35 -13.44 30.07 47.09
CA LYS A 35 -13.31 31.45 47.56
C LYS A 35 -11.85 31.75 47.83
N ASN A 36 -11.31 32.75 47.13
CA ASN A 36 -9.91 33.14 47.25
C ASN A 36 -8.97 31.98 46.94
N TYR A 37 -9.33 31.14 45.98
CA TYR A 37 -8.52 29.99 45.59
C TYR A 37 -7.81 30.29 44.28
N ASN A 38 -6.49 30.14 44.29
CA ASN A 38 -5.66 30.39 43.11
C ASN A 38 -5.20 29.06 42.53
N PRO A 39 -5.58 28.72 41.30
CA PRO A 39 -5.17 27.44 40.71
C PRO A 39 -3.73 27.40 40.21
N LEU A 40 -2.90 28.38 40.57
CA LEU A 40 -1.51 28.43 40.13
C LEU A 40 -0.51 28.10 41.23
N GLU A 41 -0.89 28.22 42.50
CA GLU A 41 0.02 27.98 43.61
C GLU A 41 0.00 26.51 44.01
N ARG A 42 1.14 26.06 44.53
CA ARG A 42 1.21 24.71 45.09
C ARG A 42 0.37 24.63 46.36
N PRO A 43 -0.33 23.51 46.58
CA PRO A 43 -1.28 23.45 47.70
C PRO A 43 -0.62 23.19 49.05
N VAL A 44 0.70 23.34 49.14
CA VAL A 44 1.37 23.11 50.41
C VAL A 44 1.05 24.24 51.38
N ALA A 45 1.07 23.90 52.67
CA ALA A 45 0.84 24.88 53.73
C ALA A 45 2.09 25.65 54.10
N ASN A 46 3.27 25.08 53.88
CA ASN A 46 4.54 25.75 54.14
C ASN A 46 5.36 25.72 52.87
N ASP A 47 5.76 26.89 52.38
CA ASP A 47 6.47 26.95 51.11
C ASP A 47 7.96 26.70 51.30
N SER A 48 8.30 25.62 52.00
CA SER A 48 9.69 25.19 52.14
C SER A 48 9.88 23.68 52.00
N GLN A 49 8.81 22.88 52.04
CA GLN A 49 8.89 21.44 51.90
C GLN A 49 8.24 20.98 50.60
N PRO A 50 8.79 19.96 49.94
CA PRO A 50 8.19 19.48 48.70
C PRO A 50 6.83 18.84 48.94
N LEU A 51 6.02 18.84 47.89
CA LEU A 51 4.71 18.22 47.90
C LEU A 51 4.83 16.78 47.38
N THR A 52 4.45 15.82 48.22
CA THR A 52 4.58 14.41 47.86
C THR A 52 3.46 14.03 46.90
N VAL A 53 3.82 13.54 45.73
CA VAL A 53 2.88 13.09 44.71
C VAL A 53 3.17 11.62 44.42
N TYR A 54 2.17 10.77 44.62
CA TYR A 54 2.30 9.33 44.39
C TYR A 54 1.82 9.02 42.97
N PHE A 55 2.72 8.49 42.14
CA PHE A 55 2.42 8.18 40.76
C PHE A 55 2.38 6.67 40.56
N SER A 56 1.42 6.21 39.76
CA SER A 56 1.27 4.79 39.46
C SER A 56 0.83 4.67 38.00
N LEU A 57 0.51 3.44 37.61
CA LEU A 57 0.15 3.16 36.22
C LEU A 57 -0.63 1.85 36.18
N SER A 58 -1.48 1.71 35.19
CA SER A 58 -2.28 0.50 34.99
C SER A 58 -2.33 0.20 33.50
N LEU A 59 -1.66 -0.88 33.08
CA LEU A 59 -1.66 -1.28 31.68
C LEU A 59 -2.94 -2.04 31.37
N LEU A 60 -3.66 -1.58 30.34
CA LEU A 60 -4.95 -2.18 29.98
C LEU A 60 -4.86 -3.07 28.74
N GLN A 61 -4.00 -2.76 27.79
CA GLN A 61 -3.74 -3.61 26.62
C GLN A 61 -2.62 -2.97 25.81
N ILE A 62 -1.93 -3.80 25.03
CA ILE A 62 -0.90 -3.34 24.09
C ILE A 62 -1.56 -3.33 22.71
N MET A 63 -1.91 -2.13 22.23
CA MET A 63 -2.65 -2.02 20.98
C MET A 63 -1.82 -2.46 19.79
N ASP A 64 -0.60 -1.93 19.66
CA ASP A 64 0.21 -2.20 18.49
C ASP A 64 1.66 -1.87 18.79
N VAL A 65 2.57 -2.74 18.35
CA VAL A 65 4.01 -2.54 18.47
C VAL A 65 4.55 -2.44 17.04
N ASP A 66 4.76 -1.22 16.56
CA ASP A 66 5.25 -1.01 15.21
C ASP A 66 6.77 -1.16 15.18
N GLU A 67 7.26 -2.05 14.32
CA GLU A 67 8.69 -2.28 14.23
C GLU A 67 9.37 -1.24 13.34
N LYS A 68 8.71 -0.84 12.26
CA LYS A 68 9.33 0.12 11.32
C LYS A 68 9.52 1.48 11.97
N ASN A 69 8.47 2.03 12.58
CA ASN A 69 8.56 3.34 13.21
C ASN A 69 9.08 3.28 14.64
N GLN A 70 9.22 2.08 15.21
CA GLN A 70 9.76 1.90 16.56
C GLN A 70 8.95 2.68 17.59
N VAL A 71 7.63 2.51 17.54
CA VAL A 71 6.73 3.14 18.50
C VAL A 71 5.97 2.03 19.24
N LEU A 72 5.33 2.42 20.34
CA LEU A 72 4.56 1.49 21.16
C LEU A 72 3.27 2.18 21.55
N THR A 73 2.15 1.73 20.97
CA THR A 73 0.83 2.30 21.24
C THR A 73 0.14 1.45 22.30
N THR A 74 -0.08 2.02 23.48
CA THR A 74 -0.72 1.33 24.59
C THR A 74 -1.88 2.16 25.12
N ASN A 75 -2.86 1.46 25.69
CA ASN A 75 -4.00 2.08 26.35
C ASN A 75 -3.84 1.82 27.84
N ILE A 76 -3.51 2.88 28.60
CA ILE A 76 -3.23 2.76 30.02
C ILE A 76 -3.96 3.85 30.78
N TRP A 77 -4.09 3.63 32.09
CA TRP A 77 -4.58 4.63 33.02
C TRP A 77 -3.43 5.16 33.87
N LEU A 78 -3.63 6.33 34.45
CA LEU A 78 -2.67 6.95 35.35
C LEU A 78 -3.32 7.14 36.72
N GLN A 79 -2.47 7.20 37.75
CA GLN A 79 -2.95 7.35 39.13
C GLN A 79 -2.08 8.38 39.83
N MET A 80 -2.55 9.62 39.88
CA MET A 80 -1.87 10.69 40.59
C MET A 80 -2.59 10.96 41.90
N SER A 81 -1.83 11.07 42.98
CA SER A 81 -2.42 11.16 44.31
C SER A 81 -1.57 12.11 45.16
N TRP A 82 -2.13 13.28 45.48
CA TRP A 82 -1.45 14.23 46.35
C TRP A 82 -2.42 14.78 47.39
N THR A 83 -1.99 15.79 48.14
CA THR A 83 -2.82 16.39 49.17
C THR A 83 -2.95 17.89 48.94
N ASP A 84 -4.08 18.45 49.37
CA ASP A 84 -4.38 19.86 49.22
C ASP A 84 -4.72 20.44 50.59
N HIS A 85 -4.02 21.49 50.98
CA HIS A 85 -4.26 22.10 52.29
C HIS A 85 -5.51 22.97 52.30
N TYR A 86 -5.85 23.59 51.18
CA TYR A 86 -6.97 24.54 51.14
C TYR A 86 -8.32 23.86 50.94
N LEU A 87 -8.37 22.72 50.26
CA LEU A 87 -9.63 22.03 50.00
C LEU A 87 -9.93 21.07 51.16
N GLN A 88 -10.23 21.65 52.31
CA GLN A 88 -10.52 20.90 53.52
C GLN A 88 -11.79 21.41 54.16
N TRP A 89 -12.59 20.49 54.69
CA TRP A 89 -13.81 20.84 55.42
C TRP A 89 -14.17 19.68 56.32
N ASN A 90 -15.08 19.95 57.26
CA ASN A 90 -15.57 18.93 58.18
C ASN A 90 -16.98 18.48 57.78
N VAL A 91 -17.27 17.19 57.98
CA VAL A 91 -18.56 16.63 57.61
C VAL A 91 -19.68 17.07 58.55
N SER A 92 -19.35 17.55 59.74
CA SER A 92 -20.38 17.97 60.69
C SER A 92 -21.21 19.12 60.13
N GLU A 93 -20.55 20.10 59.50
CA GLU A 93 -21.29 21.23 58.93
C GLU A 93 -22.01 20.83 57.65
N TYR A 94 -21.46 19.89 56.91
CA TYR A 94 -22.08 19.42 55.66
C TYR A 94 -22.40 17.93 55.79
N PRO A 95 -23.54 17.58 56.39
CA PRO A 95 -23.80 16.16 56.71
C PRO A 95 -23.94 15.26 55.49
N GLY A 96 -24.21 15.80 54.31
CA GLY A 96 -24.51 14.96 53.17
C GLY A 96 -23.34 14.66 52.25
N VAL A 97 -22.52 15.67 51.97
CA VAL A 97 -21.45 15.55 50.98
C VAL A 97 -20.18 15.09 51.66
N LYS A 98 -19.51 14.10 51.06
CA LYS A 98 -18.21 13.63 51.51
C LYS A 98 -17.15 13.70 50.43
N THR A 99 -17.51 14.11 49.22
CA THR A 99 -16.56 14.16 48.10
C THR A 99 -17.06 15.16 47.08
N VAL A 100 -16.16 16.03 46.63
CA VAL A 100 -16.46 16.99 45.57
C VAL A 100 -15.50 16.73 44.41
N ARG A 101 -15.92 17.15 43.22
CA ARG A 101 -15.17 16.88 42.00
C ARG A 101 -15.00 18.19 41.22
N PHE A 102 -13.75 18.54 40.92
CA PHE A 102 -13.43 19.74 40.15
C PHE A 102 -12.91 19.37 38.77
N PRO A 103 -13.36 20.07 37.73
CA PRO A 103 -12.89 19.76 36.38
C PRO A 103 -11.50 20.32 36.10
N ASP A 104 -11.02 20.16 34.88
CA ASP A 104 -9.70 20.64 34.50
C ASP A 104 -9.69 22.17 34.45
N GLY A 105 -8.71 22.77 35.11
CA GLY A 105 -8.51 24.20 35.06
C GLY A 105 -9.03 25.00 36.24
N GLN A 106 -9.55 24.33 37.28
CA GLN A 106 -10.05 25.03 38.46
C GLN A 106 -9.29 24.72 39.74
N ILE A 107 -8.49 23.65 39.78
CA ILE A 107 -7.65 23.34 40.93
C ILE A 107 -6.25 23.00 40.43
N TRP A 108 -5.29 23.08 41.34
CA TRP A 108 -3.91 22.81 40.99
C TRP A 108 -3.71 21.32 40.74
N LYS A 109 -3.07 20.98 39.62
CA LYS A 109 -2.72 19.61 39.29
C LYS A 109 -1.27 19.54 38.84
N PRO A 110 -0.57 18.46 39.15
CA PRO A 110 0.79 18.31 38.65
C PRO A 110 0.82 18.13 37.14
N ASP A 111 1.95 18.50 36.54
CA ASP A 111 2.12 18.44 35.09
C ASP A 111 2.94 17.23 34.67
N ILE A 112 2.74 16.09 35.34
CA ILE A 112 3.47 14.88 34.99
C ILE A 112 3.03 14.44 33.59
N LEU A 113 4.01 14.18 32.72
CA LEU A 113 3.75 13.80 31.35
C LEU A 113 4.86 12.88 30.85
N LEU A 114 4.53 12.10 29.82
CA LEU A 114 5.49 11.17 29.23
C LEU A 114 6.59 11.94 28.51
N TYR A 115 7.84 11.56 28.78
CA TYR A 115 8.98 12.23 28.16
C TYR A 115 9.14 11.83 26.70
N ASN A 116 8.97 10.55 26.38
CA ASN A 116 9.19 10.08 25.01
C ASN A 116 8.12 10.63 24.07
N SER A 117 6.87 10.21 24.29
CA SER A 117 5.68 10.75 23.62
C SER A 117 5.92 10.97 22.12
N ALA A 118 6.18 9.87 21.42
CA ALA A 118 6.38 9.94 19.98
C ALA A 118 5.05 10.13 19.25
N ASP A 119 4.45 11.31 19.39
CA ASP A 119 3.16 11.60 18.81
C ASP A 119 2.99 13.11 18.64
N GLU A 120 2.02 13.50 17.82
CA GLU A 120 1.88 14.91 17.44
C GLU A 120 1.60 15.77 18.66
N ARG A 121 0.46 15.59 19.29
CA ARG A 121 0.21 16.24 20.57
C ARG A 121 0.87 15.45 21.69
N PHE A 122 1.44 16.19 22.63
CA PHE A 122 2.44 15.62 23.54
C PHE A 122 1.85 15.10 24.85
N ASP A 123 0.66 15.54 25.23
CA ASP A 123 0.12 15.16 26.53
C ASP A 123 -0.52 13.78 26.51
N ALA A 124 -1.58 13.62 25.71
CA ALA A 124 -2.30 12.35 25.58
C ALA A 124 -2.77 11.84 26.95
N THR A 125 -3.60 12.64 27.61
CA THR A 125 -4.07 12.29 28.95
C THR A 125 -5.57 12.41 29.13
N PHE A 126 -6.28 13.15 28.29
CA PHE A 126 -7.75 13.28 28.36
C PHE A 126 -8.20 13.64 29.78
N HIS A 127 -7.85 14.86 30.18
CA HIS A 127 -8.15 15.35 31.53
C HIS A 127 -9.61 15.12 31.88
N THR A 128 -9.84 14.50 33.03
CA THR A 128 -11.17 14.21 33.55
C THR A 128 -11.38 14.94 34.89
N ASN A 129 -12.48 14.62 35.55
CA ASN A 129 -12.76 15.19 36.86
C ASN A 129 -11.73 14.70 37.88
N VAL A 130 -11.58 15.49 38.94
CA VAL A 130 -10.56 15.24 39.97
C VAL A 130 -11.30 15.00 41.28
N LEU A 131 -11.16 13.80 41.84
CA LEU A 131 -11.80 13.49 43.11
C LEU A 131 -11.13 14.24 44.25
N VAL A 132 -11.94 14.70 45.20
CA VAL A 132 -11.46 15.43 46.36
C VAL A 132 -12.00 14.75 47.62
N ASN A 133 -11.12 14.52 48.58
CA ASN A 133 -11.43 13.81 49.82
C ASN A 133 -12.26 14.70 50.74
N SER A 134 -12.61 14.18 51.93
CA SER A 134 -13.15 15.04 52.97
C SER A 134 -12.06 15.65 53.83
N SER A 135 -10.80 15.26 53.63
CA SER A 135 -9.67 15.78 54.40
C SER A 135 -8.63 16.48 53.54
N GLY A 136 -8.87 16.62 52.24
CA GLY A 136 -7.95 17.30 51.35
C GLY A 136 -7.15 16.42 50.44
N HIS A 137 -7.14 15.10 50.68
CA HIS A 137 -6.39 14.20 49.81
CA HIS A 137 -6.40 14.19 49.82
C HIS A 137 -7.01 14.18 48.42
N CYS A 138 -6.15 14.26 47.40
CA CYS A 138 -6.61 14.41 46.04
C CYS A 138 -6.24 13.18 45.22
N GLN A 139 -7.18 12.73 44.40
CA GLN A 139 -6.99 11.58 43.51
C GLN A 139 -7.36 11.98 42.09
N TYR A 140 -6.59 11.50 41.13
CA TYR A 140 -6.76 11.88 39.72
C TYR A 140 -6.42 10.69 38.84
N LEU A 141 -7.37 10.28 38.00
CA LEU A 141 -7.27 9.05 37.22
C LEU A 141 -7.55 9.36 35.75
N PRO A 142 -6.56 9.86 35.02
CA PRO A 142 -6.79 10.20 33.61
C PRO A 142 -6.52 9.01 32.71
N PRO A 143 -7.44 8.70 31.79
CA PRO A 143 -7.17 7.68 30.78
C PRO A 143 -6.61 8.28 29.50
N GLY A 144 -5.77 7.50 28.82
CA GLY A 144 -5.18 7.97 27.59
C GLY A 144 -4.52 6.85 26.83
N ILE A 145 -4.33 7.09 25.53
CA ILE A 145 -3.62 6.17 24.66
C ILE A 145 -2.27 6.81 24.34
N PHE A 146 -1.19 6.16 24.81
CA PHE A 146 0.14 6.73 24.73
C PHE A 146 0.94 6.04 23.62
N LYS A 147 1.64 6.85 22.83
CA LYS A 147 2.51 6.36 21.76
C LYS A 147 3.94 6.76 22.12
N SER A 148 4.61 5.90 22.89
CA SER A 148 5.98 6.15 23.30
C SER A 148 6.95 5.62 22.26
N SER A 149 8.18 6.13 22.33
CA SER A 149 9.24 5.72 21.41
C SER A 149 10.23 4.84 22.15
N CYS A 150 10.22 3.55 21.85
CA CYS A 150 11.20 2.62 22.40
C CYS A 150 12.00 2.00 21.27
N TYR A 151 13.11 1.38 21.62
CA TYR A 151 14.06 0.85 20.66
C TYR A 151 13.76 -0.62 20.39
N ILE A 152 13.27 -0.91 19.19
CA ILE A 152 12.93 -2.26 18.78
C ILE A 152 14.20 -2.94 18.26
N ASP A 153 14.60 -4.02 18.92
CA ASP A 153 15.81 -4.75 18.55
C ASP A 153 15.41 -5.93 17.67
N VAL A 154 15.66 -5.79 16.37
CA VAL A 154 15.34 -6.87 15.41
C VAL A 154 16.58 -7.75 15.35
N ARG A 155 16.69 -8.65 16.32
CA ARG A 155 17.73 -9.66 16.36
C ARG A 155 17.11 -10.89 17.01
N TRP A 156 17.28 -12.05 16.37
CA TRP A 156 16.46 -13.22 16.69
C TRP A 156 14.97 -12.86 16.57
N PHE A 157 14.63 -12.31 15.39
CA PHE A 157 13.37 -11.60 15.24
C PHE A 157 12.14 -12.44 15.58
N PRO A 158 11.97 -13.68 15.09
CA PRO A 158 10.80 -14.47 15.51
C PRO A 158 10.82 -14.85 16.98
N PHE A 159 11.98 -14.80 17.65
CA PHE A 159 12.12 -15.26 19.02
C PHE A 159 12.76 -14.19 19.89
N ASP A 160 12.27 -12.95 19.80
CA ASP A 160 12.86 -11.82 20.49
C ASP A 160 11.98 -11.37 21.64
N VAL A 161 12.63 -10.76 22.65
CA VAL A 161 11.95 -10.15 23.79
C VAL A 161 12.31 -8.68 23.82
N GLN A 162 11.29 -7.83 23.89
CA GLN A 162 11.46 -6.39 23.81
C GLN A 162 11.30 -5.75 25.19
N HIS A 163 12.07 -4.69 25.42
CA HIS A 163 12.02 -3.92 26.66
C HIS A 163 11.80 -2.45 26.27
N CYS A 164 10.55 -1.99 26.38
CA CYS A 164 10.20 -0.62 26.03
C CYS A 164 10.01 0.20 27.31
N LYS A 165 10.62 1.38 27.35
CA LYS A 165 10.59 2.23 28.53
C LYS A 165 9.41 3.19 28.47
N LEU A 166 8.97 3.62 29.66
CA LEU A 166 7.92 4.62 29.81
C LEU A 166 8.38 5.60 30.88
N LYS A 167 8.95 6.73 30.46
CA LYS A 167 9.56 7.69 31.37
C LYS A 167 8.56 8.79 31.70
N PHE A 168 8.10 8.80 32.95
CA PHE A 168 7.14 9.79 33.42
C PHE A 168 7.79 10.67 34.48
N GLY A 169 7.48 11.96 34.43
CA GLY A 169 8.02 12.88 35.42
C GLY A 169 7.49 14.28 35.17
N SER A 170 7.60 15.10 36.22
CA SER A 170 7.16 16.49 36.13
C SER A 170 8.05 17.27 35.17
N TRP A 171 7.44 18.26 34.51
CA TRP A 171 8.15 19.05 33.51
C TRP A 171 8.63 20.41 34.02
N SER A 172 8.01 20.94 35.05
CA SER A 172 8.36 22.28 35.55
C SER A 172 8.69 22.34 37.03
N TYR A 173 8.34 21.33 37.82
CA TYR A 173 8.64 21.32 39.25
C TYR A 173 9.83 20.39 39.52
N GLY A 174 10.79 20.89 40.28
CA GLY A 174 11.97 20.13 40.63
C GLY A 174 11.76 19.26 41.85
N GLY A 175 12.86 18.70 42.34
CA GLY A 175 12.80 17.83 43.51
C GLY A 175 12.53 18.56 44.81
N TRP A 176 12.78 19.87 44.86
CA TRP A 176 12.53 20.65 46.06
C TRP A 176 11.09 21.14 46.17
N SER A 177 10.29 20.96 45.13
CA SER A 177 8.91 21.43 45.13
C SER A 177 7.90 20.30 45.01
N LEU A 178 8.14 19.34 44.12
CA LEU A 178 7.24 18.21 43.89
C LEU A 178 8.03 16.93 44.10
N ASP A 179 7.92 16.35 45.30
CA ASP A 179 8.60 15.11 45.63
C ASP A 179 7.80 13.95 45.03
N LEU A 180 8.18 13.56 43.82
CA LEU A 180 7.46 12.51 43.11
C LEU A 180 7.87 11.14 43.64
N GLN A 181 6.92 10.44 44.25
CA GLN A 181 7.15 9.08 44.71
C GLN A 181 6.66 8.11 43.63
N MET A 182 6.65 6.81 43.96
CA MET A 182 6.23 5.81 42.98
C MET A 182 5.51 4.68 43.71
N GLN A 183 4.54 4.08 43.00
CA GLN A 183 3.86 2.88 43.45
C GLN A 183 3.92 1.84 42.35
N GLU A 184 3.83 0.57 42.75
CA GLU A 184 3.97 -0.53 41.80
C GLU A 184 2.86 -0.50 40.76
N ALA A 185 3.21 -0.87 39.52
CA ALA A 185 2.25 -0.90 38.44
C ALA A 185 1.21 -1.98 38.68
N ASP A 186 0.00 -1.75 38.16
CA ASP A 186 -1.13 -2.64 38.34
C ASP A 186 -1.51 -3.26 37.01
N ILE A 187 -1.63 -4.59 37.00
CA ILE A 187 -2.01 -5.31 35.78
C ILE A 187 -3.24 -6.18 36.07
N SER A 188 -4.05 -5.74 37.04
CA SER A 188 -5.28 -6.46 37.36
C SER A 188 -6.31 -6.23 36.27
N GLY A 189 -6.27 -7.05 35.23
CA GLY A 189 -7.07 -6.84 34.03
C GLY A 189 -6.20 -6.35 32.90
N TYR A 190 -5.82 -7.25 32.00
CA TYR A 190 -4.85 -6.94 30.96
C TYR A 190 -5.33 -7.19 29.54
N ILE A 191 -6.32 -8.05 29.33
CA ILE A 191 -6.88 -8.32 27.99
C ILE A 191 -5.74 -8.71 27.07
N PRO A 192 -5.22 -9.94 27.16
CA PRO A 192 -3.99 -10.29 26.43
C PRO A 192 -4.10 -10.00 24.94
N ASN A 193 -2.99 -9.47 24.40
CA ASN A 193 -2.97 -9.00 23.01
C ASN A 193 -3.06 -10.14 22.00
N GLY A 194 -2.60 -11.32 22.37
CA GLY A 194 -2.58 -12.45 21.45
C GLY A 194 -1.30 -12.63 20.67
N GLU A 195 -0.75 -11.54 20.15
CA GLU A 195 0.53 -11.58 19.44
C GLU A 195 1.71 -11.44 20.38
N TRP A 196 1.62 -10.54 21.37
CA TRP A 196 2.69 -10.30 22.32
C TRP A 196 2.30 -10.87 23.68
N ASP A 197 3.22 -11.60 24.29
CA ASP A 197 3.02 -12.20 25.61
C ASP A 197 3.72 -11.31 26.63
N LEU A 198 2.94 -10.73 27.54
CA LEU A 198 3.51 -9.85 28.55
C LEU A 198 4.25 -10.66 29.60
N VAL A 199 5.47 -10.23 29.91
CA VAL A 199 6.29 -10.87 30.94
C VAL A 199 6.15 -10.14 32.28
N GLY A 200 6.25 -8.82 32.26
CA GLY A 200 6.09 -8.04 33.47
C GLY A 200 6.27 -6.57 33.16
N ILE A 201 6.12 -5.75 34.20
CA ILE A 201 6.30 -4.32 34.05
C ILE A 201 6.89 -3.76 35.35
N PRO A 202 8.19 -3.88 35.55
CA PRO A 202 8.81 -3.28 36.74
C PRO A 202 9.02 -1.79 36.56
N GLY A 203 9.21 -1.11 37.69
CA GLY A 203 9.35 0.34 37.69
C GLY A 203 10.44 0.80 38.63
N LYS A 204 10.91 2.02 38.38
CA LYS A 204 11.97 2.64 39.15
C LYS A 204 11.60 4.09 39.41
N ARG A 205 12.19 4.68 40.44
CA ARG A 205 12.25 6.13 40.60
C ARG A 205 13.70 6.55 40.69
N SER A 206 14.11 7.50 39.84
CA SER A 206 15.46 8.04 39.89
C SER A 206 15.41 9.55 39.70
N GLU A 207 16.40 10.24 40.26
CA GLU A 207 16.52 11.69 40.15
C GLU A 207 17.84 12.04 39.47
N ARG A 208 17.76 12.86 38.43
CA ARG A 208 18.90 13.23 37.60
C ARG A 208 19.14 14.74 37.66
N PHE A 209 20.17 15.18 36.95
CA PHE A 209 20.50 16.59 36.82
C PHE A 209 20.49 16.98 35.36
N TYR A 210 20.13 18.25 35.09
CA TYR A 210 20.01 18.75 33.73
C TYR A 210 20.78 20.05 33.60
N GLU A 211 20.92 20.52 32.36
CA GLU A 211 21.70 21.71 32.06
C GLU A 211 21.00 23.00 32.47
N CYS A 212 19.67 23.00 32.51
CA CYS A 212 18.94 24.21 32.88
C CYS A 212 19.23 24.62 34.31
N CYS A 213 19.15 23.67 35.23
CA CYS A 213 18.90 23.98 36.62
C CYS A 213 19.75 23.08 37.51
N LYS A 214 19.97 23.54 38.75
CA LYS A 214 20.66 22.78 39.78
C LYS A 214 19.71 21.88 40.57
N GLU A 215 18.41 22.10 40.47
CA GLU A 215 17.44 21.26 41.16
C GLU A 215 17.40 19.88 40.51
N PRO A 216 17.54 18.80 41.28
CA PRO A 216 17.32 17.47 40.71
C PRO A 216 15.87 17.29 40.30
N TYR A 217 15.67 16.53 39.22
CA TYR A 217 14.33 16.27 38.69
C TYR A 217 14.02 14.79 38.80
N PRO A 218 13.35 14.35 39.86
CA PRO A 218 13.00 12.93 39.97
C PRO A 218 11.97 12.53 38.92
N ASP A 219 12.05 11.27 38.51
CA ASP A 219 11.12 10.73 37.53
C ASP A 219 10.95 9.23 37.79
N VAL A 220 9.89 8.68 37.22
CA VAL A 220 9.58 7.26 37.37
C VAL A 220 9.54 6.63 35.98
N THR A 221 10.24 5.52 35.81
CA THR A 221 10.34 4.82 34.54
C THR A 221 9.76 3.42 34.69
N PHE A 222 8.79 3.09 33.85
CA PHE A 222 8.18 1.77 33.82
C PHE A 222 8.65 1.04 32.57
N THR A 223 9.37 -0.06 32.77
CA THR A 223 9.88 -0.85 31.66
C THR A 223 8.89 -1.96 31.32
N VAL A 224 8.37 -1.94 30.11
CA VAL A 224 7.40 -2.92 29.64
C VAL A 224 8.17 -4.05 28.97
N THR A 225 8.21 -5.21 29.63
CA THR A 225 8.87 -6.39 29.10
C THR A 225 7.82 -7.32 28.50
N MET A 226 8.02 -7.69 27.23
CA MET A 226 7.03 -8.47 26.51
C MET A 226 7.74 -9.41 25.55
N ARG A 227 7.17 -10.62 25.39
CA ARG A 227 7.73 -11.65 24.52
C ARG A 227 6.79 -11.89 23.35
N ARG A 228 7.36 -11.97 22.15
CA ARG A 228 6.57 -12.20 20.95
C ARG A 228 6.25 -13.67 20.81
N ARG A 229 4.96 -13.98 20.60
CA ARG A 229 4.54 -15.34 20.30
C ARG A 229 4.91 -15.66 18.86
N THR A 230 5.59 -16.80 18.65
CA THR A 230 6.21 -17.14 17.38
C THR A 230 5.44 -18.22 16.63
N LEU A 231 4.19 -18.45 17.00
CA LEU A 231 3.38 -19.43 16.30
C LEU A 231 2.96 -18.93 14.92
N TYR A 232 2.70 -17.63 14.80
CA TYR A 232 2.16 -17.09 13.54
C TYR A 232 3.24 -17.05 12.46
N TYR A 233 4.32 -16.30 12.71
CA TYR A 233 5.39 -16.16 11.73
C TYR A 233 6.04 -17.50 11.37
N GLY A 234 6.33 -18.34 12.37
CA GLY A 234 6.95 -19.63 12.10
C GLY A 234 6.08 -20.57 11.29
N LEU A 235 4.78 -20.31 11.24
CA LEU A 235 3.88 -21.07 10.40
C LEU A 235 3.66 -20.44 9.02
N ASN A 236 3.93 -19.14 8.90
CA ASN A 236 3.74 -18.42 7.64
C ASN A 236 5.03 -18.00 6.98
N LEU A 237 6.16 -18.07 7.66
CA LEU A 237 7.44 -17.68 7.08
C LEU A 237 8.51 -18.75 7.17
N LEU A 238 8.53 -19.52 8.26
CA LEU A 238 9.58 -20.51 8.46
C LEU A 238 9.23 -21.86 7.85
N ILE A 239 8.08 -22.43 8.20
CA ILE A 239 7.66 -23.73 7.68
C ILE A 239 7.50 -23.71 6.17
N PRO A 240 6.78 -22.75 5.57
CA PRO A 240 6.68 -22.75 4.10
C PRO A 240 8.02 -22.59 3.41
N CYS A 241 8.96 -21.85 4.01
CA CYS A 241 10.28 -21.68 3.40
C CYS A 241 11.04 -23.01 3.37
N VAL A 242 10.93 -23.81 4.42
CA VAL A 242 11.62 -25.10 4.46
C VAL A 242 11.05 -26.03 3.39
N LEU A 243 9.72 -26.12 3.32
CA LEU A 243 9.10 -27.04 2.38
C LEU A 243 9.34 -26.63 0.93
N ILE A 244 9.22 -25.35 0.62
CA ILE A 244 9.44 -24.90 -0.76
C ILE A 244 10.90 -25.06 -1.16
N SER A 245 11.83 -24.75 -0.26
CA SER A 245 13.24 -24.93 -0.56
C SER A 245 13.61 -26.40 -0.74
N ALA A 246 12.81 -27.32 -0.20
CA ALA A 246 13.04 -28.74 -0.42
C ALA A 246 12.77 -29.17 -1.85
N LEU A 247 11.99 -28.41 -2.61
CA LEU A 247 11.75 -28.72 -4.00
C LEU A 247 12.98 -28.45 -4.87
N ALA A 248 13.89 -27.58 -4.43
CA ALA A 248 15.13 -27.37 -5.15
C ALA A 248 16.03 -28.59 -5.08
N LEU A 249 15.94 -29.38 -4.00
CA LEU A 249 16.67 -30.63 -3.90
C LEU A 249 16.10 -31.71 -4.82
N LEU A 250 14.90 -31.51 -5.35
CA LEU A 250 14.26 -32.46 -6.25
C LEU A 250 14.81 -32.39 -7.66
N VAL A 251 15.60 -31.37 -7.98
CA VAL A 251 16.21 -31.27 -9.31
C VAL A 251 17.15 -32.42 -9.56
N PHE A 252 17.85 -32.88 -8.52
CA PHE A 252 18.83 -33.95 -8.66
C PHE A 252 18.20 -35.32 -8.90
N LEU A 253 16.87 -35.43 -8.81
CA LEU A 253 16.19 -36.67 -9.13
C LEU A 253 15.62 -36.71 -10.55
N LEU A 254 15.49 -35.55 -11.20
CA LEU A 254 15.01 -35.55 -12.58
C LEU A 254 16.04 -36.18 -13.51
N PRO A 255 15.59 -37.05 -14.42
CA PRO A 255 16.50 -37.50 -15.48
C PRO A 255 16.84 -36.34 -16.42
N ALA A 256 18.06 -36.37 -16.95
CA ALA A 256 18.52 -35.27 -17.79
C ALA A 256 17.84 -35.25 -19.15
N ASP A 257 17.20 -36.36 -19.56
CA ASP A 257 16.52 -36.38 -20.85
C ASP A 257 15.34 -35.41 -20.88
N SER A 258 14.60 -35.33 -19.81
CA SER A 258 13.53 -34.35 -19.73
C SER A 258 14.14 -32.97 -19.55
N GLY A 259 14.01 -32.12 -20.55
CA GLY A 259 14.65 -30.81 -20.51
C GLY A 259 13.94 -29.85 -19.57
N GLU A 260 13.95 -30.18 -18.27
CA GLU A 260 13.27 -29.36 -17.28
C GLU A 260 14.08 -29.18 -16.01
N LYS A 261 15.36 -29.56 -16.00
CA LYS A 261 16.17 -29.40 -14.81
C LYS A 261 16.41 -27.93 -14.48
N ILE A 262 16.79 -27.13 -15.49
CA ILE A 262 16.97 -25.71 -15.28
C ILE A 262 15.62 -25.03 -15.03
N SER A 263 14.53 -25.46 -15.75
CA SER A 263 13.23 -24.83 -15.57
C SER A 263 12.64 -25.07 -14.18
N LEU A 264 13.16 -26.04 -13.43
CA LEU A 264 12.72 -26.29 -12.07
C LEU A 264 13.58 -25.58 -11.02
N GLY A 265 14.91 -25.63 -11.18
CA GLY A 265 15.78 -24.97 -10.23
C GLY A 265 15.64 -23.46 -10.28
N ILE A 266 15.55 -22.89 -11.48
CA ILE A 266 15.50 -21.44 -11.61
C ILE A 266 14.12 -20.91 -11.25
N THR A 267 13.08 -21.73 -11.37
CA THR A 267 11.73 -21.28 -11.02
C THR A 267 11.57 -21.17 -9.51
N VAL A 268 12.05 -22.17 -8.77
CA VAL A 268 11.93 -22.14 -7.30
C VAL A 268 12.78 -21.02 -6.73
N LEU A 269 14.00 -20.84 -7.25
CA LEU A 269 14.92 -19.85 -6.68
C LEU A 269 14.36 -18.44 -6.83
N LEU A 270 13.94 -18.08 -8.04
CA LEU A 270 13.49 -16.72 -8.29
C LEU A 270 12.09 -16.45 -7.75
N SER A 271 11.32 -17.50 -7.42
CA SER A 271 10.00 -17.32 -6.84
C SER A 271 10.00 -17.37 -5.31
N LEU A 272 11.10 -17.80 -4.69
CA LEU A 272 11.21 -17.79 -3.24
C LEU A 272 11.53 -16.42 -2.70
N THR A 273 11.85 -15.46 -3.58
CA THR A 273 12.15 -14.09 -3.19
C THR A 273 10.98 -13.39 -2.51
N VAL A 274 9.75 -13.86 -2.73
CA VAL A 274 8.57 -13.18 -2.20
C VAL A 274 8.59 -13.15 -0.68
N PHE A 275 9.29 -14.10 -0.04
CA PHE A 275 9.33 -14.12 1.42
C PHE A 275 10.03 -12.89 1.97
N MET A 276 11.18 -12.51 1.40
CA MET A 276 11.90 -11.36 1.93
C MET A 276 11.18 -10.06 1.59
N LEU A 277 10.42 -10.02 0.50
CA LEU A 277 9.56 -8.87 0.25
C LEU A 277 8.53 -8.70 1.36
N LEU A 278 8.08 -9.81 1.94
CA LEU A 278 7.22 -9.74 3.12
C LEU A 278 8.00 -9.30 4.35
N VAL A 279 9.23 -9.81 4.51
CA VAL A 279 10.06 -9.42 5.64
C VAL A 279 10.47 -7.96 5.55
N ALA A 280 10.72 -7.47 4.33
CA ALA A 280 11.09 -6.06 4.16
C ALA A 280 9.97 -5.12 4.60
N GLU A 281 8.72 -5.58 4.58
CA GLU A 281 7.61 -4.78 5.05
C GLU A 281 7.47 -4.81 6.57
N ILE A 282 8.24 -5.64 7.26
CA ILE A 282 8.20 -5.72 8.71
C ILE A 282 9.48 -5.19 9.35
N MET A 283 10.64 -5.42 8.76
CA MET A 283 11.90 -5.02 9.37
C MET A 283 12.08 -3.50 9.26
N PRO A 284 12.41 -2.82 10.35
CA PRO A 284 12.89 -1.45 10.23
C PRO A 284 14.23 -1.41 9.51
N ALA A 285 14.46 -0.34 8.76
CA ALA A 285 15.68 -0.19 7.97
C ALA A 285 16.86 0.22 8.86
N THR A 286 17.11 -0.59 9.88
CA THR A 286 18.17 -0.32 10.84
C THR A 286 19.43 -1.08 10.46
N SER A 287 20.52 -0.35 10.26
CA SER A 287 21.81 -0.95 9.93
C SER A 287 22.64 -1.23 11.17
N ASP A 288 22.04 -1.93 12.14
CA ASP A 288 22.68 -2.21 13.42
C ASP A 288 22.84 -3.70 13.71
N SER A 289 21.85 -4.53 13.37
CA SER A 289 21.93 -5.97 13.61
C SER A 289 21.15 -6.71 12.54
N VAL A 290 21.74 -7.77 12.01
CA VAL A 290 21.09 -8.58 10.98
C VAL A 290 20.08 -9.50 11.65
N PRO A 291 18.80 -9.44 11.24
CA PRO A 291 17.81 -10.33 11.83
C PRO A 291 18.12 -11.80 11.54
N LEU A 292 17.74 -12.66 12.49
CA LEU A 292 17.97 -14.09 12.31
C LEU A 292 17.17 -14.64 11.13
N ILE A 293 15.93 -14.17 10.96
CA ILE A 293 15.12 -14.64 9.85
C ILE A 293 15.73 -14.20 8.52
N ALA A 294 16.49 -13.10 8.52
CA ALA A 294 17.19 -12.68 7.31
C ALA A 294 18.38 -13.58 7.02
N GLN A 295 19.11 -13.99 8.06
CA GLN A 295 20.23 -14.91 7.86
C GLN A 295 19.74 -16.26 7.37
N TYR A 296 18.64 -16.76 7.95
CA TYR A 296 18.11 -18.05 7.53
C TYR A 296 17.51 -17.99 6.12
N PHE A 297 16.87 -16.88 5.76
CA PHE A 297 16.40 -16.72 4.39
C PHE A 297 17.55 -16.54 3.42
N ALA A 298 18.61 -15.84 3.84
CA ALA A 298 19.79 -15.72 2.99
C ALA A 298 20.50 -17.06 2.82
N SER A 299 20.53 -17.88 3.87
CA SER A 299 21.18 -19.18 3.78
C SER A 299 20.47 -20.10 2.80
N THR A 300 19.14 -20.09 2.80
CA THR A 300 18.39 -20.98 1.92
C THR A 300 18.39 -20.52 0.47
N MET A 301 18.73 -19.26 0.18
CA MET A 301 18.97 -18.84 -1.20
C MET A 301 20.29 -19.34 -1.75
N ILE A 302 21.37 -19.31 -0.96
CA ILE A 302 22.66 -19.76 -1.49
C ILE A 302 22.61 -21.25 -1.77
N ILE A 303 21.97 -22.03 -0.90
CA ILE A 303 21.86 -23.46 -1.11
C ILE A 303 21.10 -23.76 -2.40
N VAL A 304 19.98 -23.07 -2.62
CA VAL A 304 19.23 -23.24 -3.86
C VAL A 304 20.02 -22.67 -5.04
N GLY A 305 20.69 -21.54 -4.83
CA GLY A 305 21.49 -20.96 -5.89
C GLY A 305 22.64 -21.86 -6.32
N LEU A 306 23.29 -22.51 -5.36
CA LEU A 306 24.37 -23.43 -5.69
C LEU A 306 23.86 -24.67 -6.41
N SER A 307 22.59 -25.04 -6.20
CA SER A 307 22.04 -26.19 -6.91
C SER A 307 21.97 -25.94 -8.40
N VAL A 308 21.62 -24.71 -8.80
CA VAL A 308 21.58 -24.38 -10.23
C VAL A 308 22.97 -24.42 -10.82
N VAL A 309 23.98 -23.96 -10.07
CA VAL A 309 25.35 -24.01 -10.56
C VAL A 309 25.79 -25.46 -10.75
N VAL A 310 25.47 -26.33 -9.80
CA VAL A 310 25.83 -27.73 -9.93
C VAL A 310 25.06 -28.39 -11.07
N THR A 311 23.79 -28.01 -11.26
CA THR A 311 22.99 -28.58 -12.33
C THR A 311 23.61 -28.30 -13.69
N VAL A 312 24.14 -27.09 -13.88
CA VAL A 312 24.79 -26.76 -15.15
C VAL A 312 26.03 -27.62 -15.35
N ILE A 313 26.77 -27.90 -14.28
CA ILE A 313 27.93 -28.78 -14.38
C ILE A 313 27.51 -30.17 -14.81
N VAL A 314 26.36 -30.64 -14.32
CA VAL A 314 25.85 -31.95 -14.72
C VAL A 314 25.47 -31.95 -16.20
N LEU A 315 24.79 -30.90 -16.65
CA LEU A 315 24.25 -30.89 -18.01
C LEU A 315 25.35 -30.90 -19.05
N GLN A 316 26.51 -30.32 -18.75
CA GLN A 316 27.62 -30.35 -19.70
C GLN A 316 28.37 -31.67 -19.69
N TYR A 317 28.16 -32.52 -18.68
CA TYR A 317 28.64 -33.89 -18.74
C TYR A 317 27.69 -34.79 -19.54
N HIS A 318 26.40 -34.46 -19.56
CA HIS A 318 25.43 -35.27 -20.30
C HIS A 318 25.61 -35.10 -21.80
N HIS A 319 25.53 -33.86 -22.28
CA HIS A 319 25.72 -33.57 -23.70
C HIS A 319 27.18 -33.22 -23.95
N HIS A 320 28.04 -34.21 -23.72
CA HIS A 320 29.48 -34.00 -23.81
C HIS A 320 29.99 -33.98 -25.25
N ASP A 321 29.19 -34.40 -26.23
CA ASP A 321 29.59 -34.41 -27.63
C ASP A 321 30.90 -35.17 -27.81
N PRO A 322 30.88 -36.50 -27.76
CA PRO A 322 32.14 -37.26 -27.78
C PRO A 322 32.89 -37.11 -29.10
N ASP A 323 34.05 -37.76 -29.17
CA ASP A 323 35.03 -37.55 -30.23
C ASP A 323 35.53 -36.11 -30.25
N GLY A 324 35.50 -35.46 -29.09
CA GLY A 324 36.00 -34.10 -28.94
C GLY A 324 36.69 -33.94 -27.60
N GLY A 325 37.08 -35.05 -27.01
CA GLY A 325 37.74 -35.06 -25.71
C GLY A 325 37.71 -36.44 -25.10
N LYS A 326 38.42 -36.56 -23.97
CA LYS A 326 38.49 -37.83 -23.27
C LYS A 326 38.63 -37.56 -21.78
N MET A 327 38.28 -38.56 -20.98
CA MET A 327 38.38 -38.43 -19.53
C MET A 327 39.84 -38.33 -19.13
N PRO A 328 40.21 -37.40 -18.24
CA PRO A 328 41.62 -37.20 -17.89
C PRO A 328 42.16 -38.26 -16.93
N LYS A 329 41.43 -39.35 -16.76
CA LYS A 329 41.82 -40.48 -15.91
C LYS A 329 41.82 -40.09 -14.44
N TRP A 330 41.42 -38.85 -14.12
CA TRP A 330 41.25 -38.43 -12.74
C TRP A 330 39.81 -38.56 -12.28
N THR A 331 38.86 -38.14 -13.13
CA THR A 331 37.45 -38.45 -12.91
C THR A 331 37.12 -39.87 -13.29
N ARG A 332 38.04 -40.58 -13.96
CA ARG A 332 37.83 -41.98 -14.30
C ARG A 332 37.81 -42.85 -13.05
N VAL A 333 38.58 -42.47 -12.04
CA VAL A 333 38.69 -43.27 -10.82
C VAL A 333 37.82 -42.72 -9.69
N ILE A 334 37.46 -41.43 -9.75
CA ILE A 334 36.70 -40.83 -8.66
C ILE A 334 35.21 -41.11 -8.83
N LEU A 335 34.63 -40.67 -9.94
CA LEU A 335 33.19 -40.78 -10.14
C LEU A 335 32.78 -42.08 -10.79
N LEU A 336 33.73 -42.89 -11.25
CA LEU A 336 33.42 -44.16 -11.90
C LEU A 336 33.91 -45.38 -11.13
N ASN A 337 34.86 -45.23 -10.22
CA ASN A 337 35.43 -46.35 -9.49
C ASN A 337 35.17 -46.29 -7.99
N TRP A 338 35.37 -45.12 -7.37
CA TRP A 338 35.17 -44.98 -5.92
C TRP A 338 33.75 -44.58 -5.60
N CYS A 339 33.29 -43.44 -6.12
CA CYS A 339 31.94 -42.96 -5.83
C CYS A 339 30.87 -43.85 -6.44
N ALA A 340 31.17 -44.54 -7.54
CA ALA A 340 30.18 -45.39 -8.18
C ALA A 340 29.84 -46.61 -7.32
N TRP A 341 30.80 -47.10 -6.53
CA TRP A 341 30.58 -48.28 -5.71
C TRP A 341 30.06 -47.94 -4.32
N PHE A 342 30.58 -46.87 -3.71
CA PHE A 342 30.10 -46.48 -2.39
C PHE A 342 28.63 -46.05 -2.43
N LEU A 343 28.25 -45.29 -3.46
CA LEU A 343 26.85 -44.99 -3.71
C LEU A 343 26.06 -46.21 -4.18
N ARG A 344 26.74 -47.28 -4.59
CA ARG A 344 26.10 -48.55 -4.98
C ARG A 344 25.13 -48.35 -6.14
N MET A 345 25.69 -47.96 -7.29
CA MET A 345 24.91 -47.77 -8.51
C MET A 345 25.21 -48.78 -9.60
N LYS A 346 26.39 -49.40 -9.59
CA LYS A 346 26.75 -50.51 -10.46
C LYS A 346 26.57 -50.16 -11.93
N ARG A 347 27.35 -49.17 -12.37
CA ARG A 347 27.38 -48.75 -13.78
C ARG A 347 26.00 -48.42 -14.34
N ASP A 432 31.96 -59.95 -60.20
CA ASP A 432 31.98 -58.59 -59.68
C ASP A 432 31.56 -58.56 -58.21
N LEU A 433 31.73 -59.70 -57.53
CA LEU A 433 31.39 -59.78 -56.12
C LEU A 433 32.32 -58.95 -55.24
N ALA A 434 33.53 -58.67 -55.71
CA ALA A 434 34.47 -57.86 -54.93
C ALA A 434 33.94 -56.45 -54.72
N LYS A 435 33.34 -55.87 -55.76
CA LYS A 435 32.77 -54.53 -55.63
C LYS A 435 31.62 -54.52 -54.64
N ILE A 436 30.76 -55.54 -54.68
CA ILE A 436 29.66 -55.63 -53.72
C ILE A 436 30.22 -55.85 -52.31
N LEU A 437 31.26 -56.67 -52.19
CA LEU A 437 31.84 -56.96 -50.88
C LEU A 437 32.39 -55.70 -50.22
N GLU A 438 33.02 -54.83 -51.01
CA GLU A 438 33.59 -53.61 -50.44
C GLU A 438 32.50 -52.68 -49.90
N GLU A 439 31.37 -52.59 -50.60
CA GLU A 439 30.32 -51.66 -50.19
C GLU A 439 29.65 -52.13 -48.90
N VAL A 440 29.30 -53.41 -48.81
CA VAL A 440 28.65 -53.92 -47.61
C VAL A 440 29.60 -53.88 -46.42
N ARG A 441 30.91 -54.08 -46.67
CA ARG A 441 31.89 -53.96 -45.61
C ARG A 441 31.94 -52.54 -45.05
N TYR A 442 31.81 -51.54 -45.91
CA TYR A 442 31.79 -50.15 -45.46
C TYR A 442 30.58 -49.87 -44.58
N ILE A 443 29.42 -50.41 -44.95
CA ILE A 443 28.21 -50.19 -44.17
C ILE A 443 28.36 -50.78 -42.78
N ALA A 444 28.90 -52.00 -42.68
CA ALA A 444 29.14 -52.61 -41.38
C ALA A 444 30.17 -51.82 -40.58
N ASN A 445 31.22 -51.36 -41.25
CA ASN A 445 32.25 -50.57 -40.56
C ASN A 445 31.69 -49.25 -40.06
N ARG A 446 30.78 -48.64 -40.83
CA ARG A 446 30.14 -47.41 -40.37
C ARG A 446 29.31 -47.65 -39.11
N PHE A 447 28.59 -48.78 -39.06
CA PHE A 447 27.82 -49.11 -37.87
C PHE A 447 28.72 -49.40 -36.68
N ARG A 448 29.85 -50.07 -36.93
CA ARG A 448 30.76 -50.39 -35.82
C ARG A 448 31.33 -49.12 -35.20
N CYS A 449 31.68 -48.12 -36.02
CA CYS A 449 32.16 -46.86 -35.48
C CYS A 449 31.08 -46.13 -34.68
N GLN A 450 29.81 -46.25 -35.10
CA GLN A 450 28.73 -45.63 -34.36
C GLN A 450 28.55 -46.27 -32.99
N ASP A 451 28.71 -47.60 -32.90
CA ASP A 451 28.61 -48.27 -31.61
C ASP A 451 29.72 -47.82 -30.66
N GLU A 452 30.94 -47.65 -31.19
CA GLU A 452 32.03 -47.15 -30.36
C GLU A 452 31.78 -45.71 -29.92
N SER A 453 31.18 -44.89 -30.78
CA SER A 453 30.82 -43.54 -30.37
C SER A 453 29.68 -43.53 -29.37
N GLU A 454 28.76 -44.49 -29.46
CA GLU A 454 27.66 -44.56 -28.49
C GLU A 454 28.14 -45.05 -27.14
N ALA A 455 29.15 -45.93 -27.11
CA ALA A 455 29.67 -46.43 -25.85
C ALA A 455 30.37 -45.32 -25.07
N VAL A 456 31.16 -44.49 -25.76
CA VAL A 456 31.84 -43.38 -25.11
C VAL A 456 30.84 -42.38 -24.57
N CYS A 457 29.80 -42.07 -25.36
CA CYS A 457 28.76 -41.16 -24.91
C CYS A 457 27.94 -41.74 -23.76
N SER A 458 27.85 -43.07 -23.67
CA SER A 458 27.05 -43.69 -22.62
C SER A 458 27.71 -43.52 -21.25
N GLU A 459 29.04 -43.69 -21.19
CA GLU A 459 29.73 -43.54 -19.91
C GLU A 459 29.78 -42.09 -19.44
N TRP A 460 29.70 -41.13 -20.36
CA TRP A 460 29.57 -39.73 -19.95
C TRP A 460 28.24 -39.47 -19.29
N LYS A 461 27.17 -40.07 -19.81
CA LYS A 461 25.85 -39.88 -19.21
C LYS A 461 25.79 -40.48 -17.81
N PHE A 462 26.38 -41.66 -17.61
CA PHE A 462 26.41 -42.26 -16.29
C PHE A 462 27.23 -41.42 -15.32
N ALA A 463 28.34 -40.85 -15.79
CA ALA A 463 29.13 -39.95 -14.96
C ALA A 463 28.34 -38.74 -14.51
N ALA A 464 27.38 -38.29 -15.32
CA ALA A 464 26.47 -37.23 -14.89
C ALA A 464 25.45 -37.71 -13.87
N CYS A 465 25.12 -39.01 -13.89
CA CYS A 465 24.22 -39.56 -12.88
C CYS A 465 24.87 -39.69 -11.52
N VAL A 466 26.18 -39.97 -11.49
CA VAL A 466 26.90 -40.06 -10.22
C VAL A 466 26.89 -38.71 -9.51
N VAL A 467 27.09 -37.62 -10.26
CA VAL A 467 27.09 -36.29 -9.66
C VAL A 467 25.72 -35.95 -9.09
N ASP A 468 24.65 -36.36 -9.78
CA ASP A 468 23.30 -36.15 -9.25
C ASP A 468 23.10 -36.87 -7.92
N ARG A 469 23.52 -38.14 -7.86
CA ARG A 469 23.35 -38.89 -6.62
C ARG A 469 24.30 -38.41 -5.53
N LEU A 470 25.53 -38.02 -5.91
CA LEU A 470 26.48 -37.52 -4.93
C LEU A 470 26.04 -36.18 -4.36
N CYS A 471 25.60 -35.26 -5.23
CA CYS A 471 25.18 -33.94 -4.76
C CYS A 471 23.82 -33.99 -4.07
N LEU A 472 23.01 -35.00 -4.33
CA LEU A 472 21.75 -35.15 -3.61
C LEU A 472 22.00 -35.37 -2.13
N MET A 473 22.98 -36.21 -1.79
CA MET A 473 23.34 -36.43 -0.40
C MET A 473 24.15 -35.27 0.18
N ALA A 474 24.99 -34.62 -0.62
CA ALA A 474 25.79 -33.51 -0.13
C ALA A 474 24.94 -32.29 0.18
N PHE A 475 23.97 -31.97 -0.68
CA PHE A 475 23.10 -30.83 -0.44
C PHE A 475 22.03 -31.12 0.61
N SER A 476 21.59 -32.38 0.73
CA SER A 476 20.59 -32.72 1.75
C SER A 476 21.14 -32.50 3.15
N VAL A 477 22.37 -32.96 3.40
CA VAL A 477 22.96 -32.76 4.72
C VAL A 477 23.32 -31.29 4.93
N PHE A 478 23.60 -30.56 3.86
CA PHE A 478 23.88 -29.13 3.99
C PHE A 478 22.65 -28.37 4.45
N THR A 479 21.48 -28.74 3.96
CA THR A 479 20.26 -28.01 4.28
C THR A 479 19.80 -28.26 5.72
N ILE A 480 19.85 -29.51 6.17
CA ILE A 480 19.29 -29.84 7.48
C ILE A 480 20.16 -29.26 8.60
N ILE A 481 21.48 -29.36 8.48
CA ILE A 481 22.35 -28.84 9.52
C ILE A 481 22.44 -27.33 9.50
N CYS A 482 22.04 -26.69 8.39
CA CYS A 482 22.06 -25.23 8.33
C CYS A 482 20.78 -24.64 8.90
N THR A 483 19.63 -25.21 8.54
CA THR A 483 18.36 -24.76 9.09
C THR A 483 18.32 -24.96 10.60
N ILE A 484 18.77 -26.13 11.08
CA ILE A 484 18.81 -26.39 12.51
C ILE A 484 19.83 -25.47 13.19
N GLY A 485 20.99 -25.31 12.57
CA GLY A 485 22.03 -24.49 13.19
C GLY A 485 21.62 -23.04 13.37
N ILE A 486 20.98 -22.47 12.36
CA ILE A 486 20.55 -21.08 12.45
C ILE A 486 19.39 -20.93 13.43
N LEU A 487 18.39 -21.79 13.31
CA LEU A 487 17.18 -21.66 14.10
C LEU A 487 17.40 -21.95 15.58
N MET A 488 18.30 -22.88 15.90
CA MET A 488 18.63 -23.17 17.29
C MET A 488 19.60 -22.14 17.88
N SER A 489 20.26 -21.35 17.05
CA SER A 489 21.27 -20.43 17.54
C SER A 489 20.67 -19.35 18.45
N ALA A 490 19.40 -19.01 18.24
CA ALA A 490 18.77 -17.97 19.04
C ALA A 490 18.59 -18.43 20.48
N PRO A 491 18.70 -17.52 21.44
CA PRO A 491 18.31 -17.84 22.82
C PRO A 491 16.81 -18.06 22.91
N ASN A 492 16.39 -18.61 24.06
CA ASN A 492 15.01 -18.91 24.44
C ASN A 492 14.19 -19.44 23.27
N PHE A 493 14.84 -20.18 22.38
CA PHE A 493 14.15 -20.83 21.26
C PHE A 493 13.41 -22.06 21.71
N VAL A 494 14.01 -22.84 22.63
CA VAL A 494 13.31 -24.00 23.17
C VAL A 494 12.09 -23.58 23.98
N GLU A 495 12.18 -22.45 24.68
CA GLU A 495 11.02 -21.92 25.37
C GLU A 495 9.94 -21.47 24.38
N ALA A 496 10.35 -20.86 23.27
CA ALA A 496 9.39 -20.36 22.30
C ALA A 496 8.61 -21.49 21.63
N VAL A 497 9.25 -22.63 21.40
CA VAL A 497 8.55 -23.75 20.77
C VAL A 497 7.81 -24.62 21.79
N SER A 498 8.26 -24.62 23.05
CA SER A 498 7.58 -25.39 24.08
C SER A 498 6.32 -24.69 24.59
N LYS A 499 6.18 -23.38 24.35
CA LYS A 499 5.05 -22.61 24.81
C LYS A 499 4.00 -22.38 23.73
N ASP A 500 4.42 -22.05 22.51
CA ASP A 500 3.49 -21.72 21.45
C ASP A 500 3.11 -22.94 20.61
N PHE A 501 4.10 -23.70 20.14
CA PHE A 501 3.81 -24.87 19.32
C PHE A 501 3.29 -26.02 20.15
N ALA A 502 4.08 -26.47 21.13
CA ALA A 502 3.68 -27.57 21.99
C ALA A 502 2.78 -27.08 23.12
N GLY B 23 1.41 27.99 50.23
CA GLY B 23 1.37 28.69 51.50
C GLY B 23 0.74 30.06 51.41
N GLU B 24 0.80 30.81 52.50
CA GLU B 24 0.23 32.16 52.52
C GLU B 24 1.08 33.15 51.75
N PHE B 25 2.40 32.96 51.72
CA PHE B 25 3.26 33.89 50.99
C PHE B 25 3.17 33.69 49.49
N GLN B 26 3.11 32.44 49.03
CA GLN B 26 3.00 32.18 47.60
C GLN B 26 1.68 32.70 47.04
N ARG B 27 0.59 32.51 47.78
CA ARG B 27 -0.70 33.06 47.36
C ARG B 27 -0.66 34.58 47.32
N LYS B 28 -0.04 35.19 48.32
CA LYS B 28 0.10 36.64 48.33
C LYS B 28 0.96 37.14 47.19
N LEU B 29 2.05 36.44 46.87
CA LEU B 29 2.93 36.87 45.79
C LEU B 29 2.24 36.79 44.44
N TYR B 30 1.49 35.71 44.20
CA TYR B 30 0.81 35.54 42.92
C TYR B 30 -0.23 36.63 42.69
N LYS B 31 -0.89 37.08 43.76
CA LYS B 31 -1.86 38.16 43.64
C LYS B 31 -1.21 39.51 43.35
N GLU B 32 0.08 39.66 43.67
CA GLU B 32 0.78 40.92 43.45
C GLU B 32 1.45 40.99 42.09
N LEU B 33 1.86 39.85 41.52
CA LEU B 33 2.58 39.87 40.26
C LEU B 33 1.66 40.16 39.07
N VAL B 34 0.41 39.70 39.12
CA VAL B 34 -0.53 39.88 38.02
C VAL B 34 -1.37 41.14 38.20
N LYS B 35 -0.99 42.01 39.13
CA LYS B 35 -1.70 43.27 39.35
C LYS B 35 -1.24 44.29 38.31
N ASN B 36 -2.17 44.78 37.50
CA ASN B 36 -1.88 45.74 36.43
C ASN B 36 -0.83 45.20 35.46
N TYR B 37 -0.88 43.91 35.17
CA TYR B 37 0.04 43.27 34.25
C TYR B 37 -0.64 43.02 32.92
N ASN B 38 -0.04 43.50 31.83
CA ASN B 38 -0.58 43.34 30.50
C ASN B 38 0.25 42.32 29.74
N PRO B 39 -0.32 41.19 29.33
CA PRO B 39 0.45 40.16 28.61
C PRO B 39 0.72 40.49 27.15
N LEU B 40 0.50 41.73 26.71
CA LEU B 40 0.73 42.11 25.33
C LEU B 40 1.97 42.99 25.14
N GLU B 41 2.44 43.66 26.19
CA GLU B 41 3.58 44.56 26.08
C GLU B 41 4.89 43.82 26.27
N ARG B 42 5.94 44.34 25.65
CA ARG B 42 7.27 43.80 25.86
C ARG B 42 7.73 44.12 27.28
N PRO B 43 8.42 43.20 27.95
CA PRO B 43 8.75 43.39 29.36
C PRO B 43 9.94 44.31 29.60
N VAL B 44 10.36 45.05 28.58
CA VAL B 44 11.49 45.96 28.75
C VAL B 44 11.08 47.15 29.61
N ALA B 45 12.07 47.70 30.34
CA ALA B 45 11.84 48.87 31.17
C ALA B 45 11.94 50.17 30.40
N ASN B 46 12.66 50.19 29.28
CA ASN B 46 12.79 51.36 28.42
C ASN B 46 12.41 50.95 27.01
N ASP B 47 11.41 51.61 26.44
CA ASP B 47 10.91 51.23 25.12
C ASP B 47 11.76 51.83 24.02
N SER B 48 13.07 51.68 24.11
CA SER B 48 13.98 52.09 23.05
C SER B 48 15.08 51.09 22.76
N GLN B 49 15.32 50.10 23.63
CA GLN B 49 16.34 49.10 23.44
C GLN B 49 15.71 47.73 23.20
N PRO B 50 16.30 46.90 22.34
CA PRO B 50 15.74 45.56 22.10
C PRO B 50 15.85 44.67 23.32
N LEU B 51 14.97 43.68 23.37
CA LEU B 51 14.96 42.68 24.44
C LEU B 51 15.79 41.48 23.99
N THR B 52 16.83 41.16 24.76
CA THR B 52 17.72 40.06 24.41
C THR B 52 17.05 38.74 24.75
N VAL B 53 16.89 37.87 23.75
CA VAL B 53 16.32 36.54 23.92
C VAL B 53 17.35 35.52 23.47
N TYR B 54 17.72 34.62 24.37
CA TYR B 54 18.71 33.59 24.08
C TYR B 54 17.98 32.33 23.66
N PHE B 55 18.24 31.88 22.42
CA PHE B 55 17.58 30.71 21.86
C PHE B 55 18.58 29.57 21.73
N SER B 56 18.12 28.36 22.04
CA SER B 56 18.94 27.16 21.94
C SER B 56 18.08 26.02 21.44
N LEU B 57 18.63 24.81 21.45
CA LEU B 57 17.94 23.65 20.93
C LEU B 57 18.62 22.41 21.50
N SER B 58 17.83 21.33 21.61
CA SER B 58 18.34 20.05 22.10
C SER B 58 17.71 18.93 21.28
N LEU B 59 18.52 18.27 20.46
CA LEU B 59 18.04 17.17 19.64
C LEU B 59 17.96 15.90 20.48
N LEU B 60 16.78 15.28 20.49
CA LEU B 60 16.55 14.08 21.30
C LEU B 60 16.56 12.79 20.49
N GLN B 61 16.10 12.82 19.25
CA GLN B 61 16.17 11.69 18.33
C GLN B 61 15.66 12.12 16.97
N ILE B 62 16.10 11.41 15.93
CA ILE B 62 15.61 11.62 14.57
C ILE B 62 14.58 10.51 14.30
N MET B 63 13.30 10.88 14.35
CA MET B 63 12.25 9.87 14.24
C MET B 63 12.21 9.24 12.86
N ASP B 64 12.19 10.06 11.80
CA ASP B 64 12.04 9.55 10.45
C ASP B 64 12.51 10.60 9.46
N VAL B 65 13.24 10.16 8.44
CA VAL B 65 13.68 11.01 7.34
C VAL B 65 13.01 10.47 6.08
N ASP B 66 11.91 11.09 5.67
CA ASP B 66 11.18 10.64 4.49
C ASP B 66 11.83 11.21 3.23
N GLU B 67 12.19 10.32 2.31
CA GLU B 67 12.83 10.76 1.07
C GLU B 67 11.82 11.22 0.04
N LYS B 68 10.66 10.56 -0.04
CA LYS B 68 9.67 10.91 -1.05
C LYS B 68 9.08 12.29 -0.80
N ASN B 69 8.64 12.55 0.44
CA ASN B 69 8.05 13.84 0.76
C ASN B 69 9.08 14.89 1.16
N GLN B 70 10.34 14.49 1.34
CA GLN B 70 11.44 15.41 1.68
C GLN B 70 11.13 16.19 2.96
N VAL B 71 10.74 15.46 4.00
CA VAL B 71 10.48 16.04 5.31
C VAL B 71 11.44 15.40 6.32
N LEU B 72 11.53 16.03 7.49
CA LEU B 72 12.40 15.55 8.57
C LEU B 72 11.62 15.66 9.88
N THR B 73 11.22 14.52 10.43
CA THR B 73 10.46 14.48 11.68
C THR B 73 11.43 14.22 12.83
N THR B 74 11.58 15.21 13.71
CA THR B 74 12.47 15.12 14.85
C THR B 74 11.73 15.46 16.13
N ASN B 75 12.21 14.91 17.23
CA ASN B 75 11.70 15.19 18.57
C ASN B 75 12.78 15.99 19.28
N ILE B 76 12.54 17.28 19.50
CA ILE B 76 13.53 18.18 20.08
C ILE B 76 12.88 19.04 21.14
N TRP B 77 13.71 19.61 22.00
CA TRP B 77 13.32 20.61 22.97
C TRP B 77 13.82 21.98 22.55
N LEU B 78 13.20 23.02 23.09
CA LEU B 78 13.60 24.40 22.84
C LEU B 78 13.99 25.06 24.17
N GLN B 79 14.83 26.08 24.07
CA GLN B 79 15.31 26.78 25.27
C GLN B 79 15.26 28.28 24.98
N MET B 80 14.20 28.93 25.44
CA MET B 80 14.04 30.38 25.34
C MET B 80 14.31 31.00 26.70
N SER B 81 15.12 32.06 26.70
CA SER B 81 15.57 32.66 27.95
C SER B 81 15.65 34.17 27.77
N TRP B 82 14.76 34.89 28.45
CA TRP B 82 14.79 36.35 28.42
C TRP B 82 14.60 36.90 29.83
N THR B 83 14.43 38.21 29.96
CA THR B 83 14.26 38.86 31.25
C THR B 83 12.96 39.67 31.26
N ASP B 84 12.38 39.78 32.45
CA ASP B 84 11.13 40.51 32.65
C ASP B 84 11.33 41.54 33.74
N HIS B 85 11.03 42.81 33.44
CA HIS B 85 11.22 43.89 34.41
C HIS B 85 10.12 43.91 35.46
N TYR B 86 8.91 43.50 35.10
CA TYR B 86 7.77 43.61 36.02
C TYR B 86 7.66 42.45 36.99
N LEU B 87 8.11 41.26 36.60
CA LEU B 87 8.02 40.08 37.45
C LEU B 87 9.27 39.98 38.34
N GLN B 88 9.37 40.93 39.27
CA GLN B 88 10.50 41.01 40.18
C GLN B 88 10.00 41.16 41.61
N TRP B 89 10.70 40.51 42.54
CA TRP B 89 10.39 40.63 43.95
C TRP B 89 11.63 40.22 44.75
N ASN B 90 11.61 40.56 46.03
CA ASN B 90 12.71 40.20 46.94
C ASN B 90 12.29 39.04 47.84
N VAL B 91 13.26 38.17 48.15
CA VAL B 91 13.00 37.00 48.97
C VAL B 91 12.77 37.34 50.43
N SER B 92 13.21 38.53 50.87
CA SER B 92 13.05 38.91 52.27
C SER B 92 11.58 38.98 52.66
N GLU B 93 10.75 39.54 51.80
CA GLU B 93 9.31 39.63 52.10
C GLU B 93 8.62 38.28 51.94
N TYR B 94 9.12 37.45 51.02
CA TYR B 94 8.54 36.13 50.80
C TYR B 94 9.59 35.07 51.08
N PRO B 95 9.77 34.68 52.35
CA PRO B 95 10.91 33.80 52.71
C PRO B 95 10.85 32.41 52.08
N GLY B 96 9.69 31.95 51.64
CA GLY B 96 9.56 30.58 51.19
C GLY B 96 9.70 30.36 49.70
N VAL B 97 9.09 31.23 48.90
CA VAL B 97 9.02 31.04 47.46
C VAL B 97 10.22 31.71 46.79
N LYS B 98 10.87 30.99 45.88
CA LYS B 98 11.95 31.53 45.07
C LYS B 98 11.69 31.40 43.57
N THR B 99 10.56 30.79 43.18
CA THR B 99 10.27 30.58 41.77
C THR B 99 8.76 30.42 41.60
N VAL B 100 8.19 31.13 40.64
CA VAL B 100 6.78 31.02 40.30
C VAL B 100 6.67 30.58 38.85
N ARG B 101 5.54 29.97 38.51
CA ARG B 101 5.33 29.40 37.18
C ARG B 101 3.99 29.89 36.64
N PHE B 102 4.02 30.50 35.45
CA PHE B 102 2.82 30.99 34.79
C PHE B 102 2.51 30.16 33.55
N PRO B 103 1.24 29.81 33.34
CA PRO B 103 0.89 29.00 32.15
C PRO B 103 0.84 29.84 30.89
N ASP B 104 0.45 29.21 29.78
CA ASP B 104 0.36 29.90 28.51
C ASP B 104 -0.79 30.90 28.51
N GLY B 105 -0.51 32.13 28.11
CA GLY B 105 -1.54 33.14 27.98
C GLY B 105 -1.65 34.14 29.10
N GLN B 106 -0.76 34.09 30.09
CA GLN B 106 -0.81 35.03 31.21
C GLN B 106 0.41 35.93 31.32
N ILE B 107 1.52 35.59 30.67
CA ILE B 107 2.70 36.44 30.63
C ILE B 107 3.19 36.54 29.20
N TRP B 108 3.99 37.57 28.94
CA TRP B 108 4.51 37.80 27.60
C TRP B 108 5.55 36.74 27.25
N LYS B 109 5.40 36.14 26.07
CA LYS B 109 6.37 35.18 25.56
C LYS B 109 6.71 35.52 24.10
N PRO B 110 7.94 35.28 23.68
CA PRO B 110 8.28 35.51 22.27
C PRO B 110 7.58 34.50 21.38
N ASP B 111 7.38 34.89 20.13
CA ASP B 111 6.68 34.08 19.14
C ASP B 111 7.65 33.38 18.19
N ILE B 112 8.80 32.93 18.70
CA ILE B 112 9.77 32.23 17.87
C ILE B 112 9.16 30.91 17.41
N LEU B 113 9.23 30.67 16.09
CA LEU B 113 8.64 29.47 15.50
C LEU B 113 9.45 29.05 14.29
N LEU B 114 9.34 27.78 13.93
CA LEU B 114 10.05 27.24 12.78
C LEU B 114 9.49 27.81 11.49
N TYR B 115 10.39 28.28 10.61
CA TYR B 115 9.96 28.86 9.36
C TYR B 115 9.48 27.80 8.36
N ASN B 116 10.20 26.68 8.27
CA ASN B 116 9.86 25.65 7.28
C ASN B 116 8.54 24.97 7.63
N SER B 117 8.51 24.27 8.76
CA SER B 117 7.31 23.70 9.36
C SER B 117 6.38 23.07 8.32
N ALA B 118 6.90 22.03 7.67
CA ALA B 118 6.12 21.31 6.66
C ALA B 118 5.09 20.40 7.33
N ASP B 119 4.07 21.01 7.93
CA ASP B 119 3.04 20.29 8.67
C ASP B 119 1.78 21.13 8.75
N GLU B 120 0.66 20.46 9.07
CA GLU B 120 -0.65 21.11 9.02
C GLU B 120 -0.72 22.30 9.98
N ARG B 121 -0.64 22.03 11.26
CA ARG B 121 -0.50 23.11 12.23
C ARG B 121 0.95 23.55 12.31
N PHE B 122 1.14 24.86 12.42
CA PHE B 122 2.44 25.45 12.11
C PHE B 122 3.34 25.63 13.32
N ASP B 123 2.79 25.61 14.54
CA ASP B 123 3.60 25.90 15.72
C ASP B 123 4.38 24.67 16.18
N ALA B 124 3.66 23.62 16.58
CA ALA B 124 4.25 22.37 17.06
C ALA B 124 5.23 22.63 18.22
N THR B 125 4.70 23.19 19.30
CA THR B 125 5.54 23.54 20.44
C THR B 125 5.00 23.06 21.78
N PHE B 126 3.71 22.74 21.89
CA PHE B 126 3.12 22.22 23.13
C PHE B 126 3.49 23.09 24.32
N HIS B 127 2.93 24.30 24.31
CA HIS B 127 3.21 25.28 25.35
C HIS B 127 3.03 24.70 26.75
N THR B 128 4.05 24.86 27.58
CA THR B 128 4.07 24.38 28.96
C THR B 128 4.20 25.57 29.91
N ASN B 129 4.40 25.26 31.19
CA ASN B 129 4.61 26.29 32.20
C ASN B 129 5.92 27.03 31.92
N VAL B 130 5.98 28.26 32.44
CA VAL B 130 7.11 29.15 32.20
C VAL B 130 7.75 29.44 33.56
N LEU B 131 9.01 29.05 33.73
CA LEU B 131 9.72 29.30 34.98
C LEU B 131 10.04 30.78 35.11
N VAL B 132 9.93 31.29 36.34
CA VAL B 132 10.22 32.68 36.64
C VAL B 132 11.21 32.74 37.79
N ASN B 133 12.26 33.54 37.62
CA ASN B 133 13.36 33.67 38.57
C ASN B 133 12.91 34.43 39.80
N SER B 134 13.83 34.63 40.75
CA SER B 134 13.58 35.58 41.82
C SER B 134 14.01 37.00 41.46
N SER B 135 14.65 37.19 40.30
CA SER B 135 15.10 38.49 39.84
C SER B 135 14.50 38.91 38.51
N GLY B 136 13.57 38.13 37.96
CA GLY B 136 12.90 38.47 36.72
C GLY B 136 13.35 37.69 35.50
N HIS B 137 14.46 36.96 35.60
CA HIS B 137 14.92 36.18 34.46
CA HIS B 137 14.94 36.16 34.47
C HIS B 137 13.93 35.06 34.16
N CYS B 138 13.63 34.88 32.88
CA CYS B 138 12.58 33.97 32.46
C CYS B 138 13.18 32.83 31.65
N GLN B 139 12.70 31.62 31.93
CA GLN B 139 13.13 30.41 31.24
C GLN B 139 11.90 29.68 30.72
N TYR B 140 12.01 29.12 29.52
CA TYR B 140 10.88 28.47 28.86
C TYR B 140 11.40 27.31 28.04
N LEU B 141 10.87 26.11 28.31
CA LEU B 141 11.39 24.86 27.73
C LEU B 141 10.24 24.07 27.13
N PRO B 142 9.81 24.40 25.91
CA PRO B 142 8.69 23.69 25.29
C PRO B 142 9.17 22.49 24.51
N PRO B 143 8.56 21.32 24.72
CA PRO B 143 8.85 20.15 23.89
C PRO B 143 7.89 20.05 22.71
N GLY B 144 8.41 19.50 21.61
CA GLY B 144 7.58 19.35 20.43
C GLY B 144 8.24 18.44 19.42
N ILE B 145 7.40 17.92 18.52
CA ILE B 145 7.85 17.09 17.40
C ILE B 145 7.71 17.95 16.14
N PHE B 146 8.83 18.27 15.52
CA PHE B 146 8.87 19.19 14.39
C PHE B 146 9.05 18.44 13.09
N LYS B 147 8.27 18.82 12.08
CA LYS B 147 8.35 18.25 10.74
C LYS B 147 8.78 19.36 9.80
N SER B 148 10.10 19.56 9.67
CA SER B 148 10.65 20.58 8.80
C SER B 148 10.82 20.04 7.38
N SER B 149 10.94 20.95 6.43
CA SER B 149 11.10 20.62 5.03
C SER B 149 12.54 20.92 4.62
N CYS B 150 13.33 19.88 4.42
CA CYS B 150 14.69 20.01 3.91
C CYS B 150 14.80 19.28 2.58
N TYR B 151 15.89 19.57 1.86
CA TYR B 151 16.09 19.08 0.51
C TYR B 151 16.91 17.81 0.56
N ILE B 152 16.27 16.67 0.25
CA ILE B 152 16.94 15.38 0.25
C ILE B 152 17.62 15.18 -1.10
N ASP B 153 18.93 15.03 -1.09
CA ASP B 153 19.72 14.87 -2.31
C ASP B 153 19.94 13.37 -2.53
N VAL B 154 19.21 12.81 -3.48
CA VAL B 154 19.36 11.38 -3.81
C VAL B 154 20.44 11.30 -4.88
N ARG B 155 21.68 11.32 -4.43
CA ARG B 155 22.84 11.12 -5.29
C ARG B 155 23.89 10.42 -4.45
N TRP B 156 24.47 9.35 -4.98
CA TRP B 156 25.21 8.37 -4.18
C TRP B 156 24.32 7.89 -3.03
N PHE B 157 23.13 7.40 -3.41
CA PHE B 157 22.05 7.21 -2.44
C PHE B 157 22.42 6.32 -1.27
N PRO B 158 23.00 5.12 -1.45
CA PRO B 158 23.39 4.33 -0.28
C PRO B 158 24.51 4.94 0.54
N PHE B 159 25.27 5.89 -0.01
CA PHE B 159 26.43 6.46 0.64
C PHE B 159 26.36 7.99 0.67
N ASP B 160 25.20 8.53 1.05
CA ASP B 160 24.97 9.97 1.00
C ASP B 160 24.96 10.57 2.40
N VAL B 161 25.29 11.84 2.47
CA VAL B 161 25.23 12.63 3.70
C VAL B 161 24.28 13.79 3.47
N GLN B 162 23.32 13.94 4.38
CA GLN B 162 22.27 14.95 4.24
C GLN B 162 22.51 16.12 5.17
N HIS B 163 22.13 17.32 4.72
CA HIS B 163 22.22 18.54 5.51
C HIS B 163 20.85 19.19 5.51
N CYS B 164 20.10 19.01 6.60
CA CYS B 164 18.75 19.56 6.73
C CYS B 164 18.80 20.78 7.64
N LYS B 165 18.17 21.86 7.21
CA LYS B 165 18.19 23.12 7.94
C LYS B 165 17.00 23.20 8.90
N LEU B 166 17.18 23.99 9.96
CA LEU B 166 16.13 24.28 10.93
C LEU B 166 16.18 25.78 11.20
N LYS B 167 15.32 26.54 10.53
CA LYS B 167 15.34 27.99 10.59
C LYS B 167 14.33 28.48 11.63
N PHE B 168 14.85 29.03 12.73
CA PHE B 168 14.03 29.54 13.83
C PHE B 168 14.20 31.05 13.93
N GLY B 169 13.11 31.74 14.19
CA GLY B 169 13.16 33.18 14.35
C GLY B 169 11.80 33.74 14.69
N SER B 170 11.81 34.96 15.22
CA SER B 170 10.57 35.64 15.58
C SER B 170 9.77 35.99 14.32
N TRP B 171 8.46 35.99 14.46
CA TRP B 171 7.57 36.24 13.32
C TRP B 171 7.02 37.65 13.27
N SER B 172 6.98 38.35 14.40
CA SER B 172 6.38 39.69 14.45
C SER B 172 7.29 40.76 15.03
N TYR B 173 8.35 40.40 15.74
CA TYR B 173 9.27 41.38 16.32
C TYR B 173 10.54 41.44 15.49
N GLY B 174 10.96 42.67 15.15
CA GLY B 174 12.15 42.89 14.37
C GLY B 174 13.40 42.95 15.23
N GLY B 175 14.50 43.36 14.60
CA GLY B 175 15.77 43.44 15.29
C GLY B 175 15.86 44.58 16.28
N TRP B 176 15.00 45.59 16.15
CA TRP B 176 15.00 46.72 17.07
C TRP B 176 14.17 46.46 18.32
N SER B 177 13.42 45.37 18.37
CA SER B 177 12.56 45.07 19.51
C SER B 177 12.96 43.79 20.23
N LEU B 178 13.28 42.73 19.49
CA LEU B 178 13.65 41.44 20.05
C LEU B 178 15.02 41.05 19.48
N ASP B 179 16.07 41.33 20.25
CA ASP B 179 17.44 41.01 19.85
C ASP B 179 17.66 39.52 20.12
N LEU B 180 17.42 38.70 19.09
CA LEU B 180 17.54 37.26 19.25
C LEU B 180 18.99 36.83 19.17
N GLN B 181 19.52 36.31 20.28
CA GLN B 181 20.87 35.77 20.32
C GLN B 181 20.81 34.26 20.06
N MET B 182 21.94 33.59 20.22
CA MET B 182 22.00 32.16 19.96
C MET B 182 22.97 31.50 20.94
N GLN B 183 22.66 30.25 21.30
CA GLN B 183 23.56 29.41 22.08
C GLN B 183 23.74 28.09 21.36
N GLU B 184 24.87 27.43 21.63
CA GLU B 184 25.21 26.20 20.92
C GLU B 184 24.19 25.11 21.22
N ALA B 185 23.91 24.29 20.22
CA ALA B 185 22.97 23.19 20.37
C ALA B 185 23.53 22.14 21.34
N ASP B 186 22.61 21.45 22.02
CA ASP B 186 22.97 20.45 23.02
C ASP B 186 22.55 19.08 22.53
N ILE B 187 23.48 18.12 22.58
CA ILE B 187 23.20 16.75 22.17
C ILE B 187 23.55 15.80 23.31
N SER B 188 23.47 16.30 24.55
CA SER B 188 23.72 15.47 25.71
C SER B 188 22.56 14.50 25.92
N GLY B 189 22.61 13.35 25.26
CA GLY B 189 21.50 12.44 25.23
C GLY B 189 20.81 12.47 23.88
N TYR B 190 21.12 11.50 23.02
CA TYR B 190 20.68 11.53 21.64
C TYR B 190 19.88 10.31 21.21
N ILE B 191 20.03 9.16 21.87
CA ILE B 191 19.29 7.94 21.55
C ILE B 191 19.48 7.65 20.06
N PRO B 192 20.63 7.10 19.66
CA PRO B 192 20.94 6.99 18.23
C PRO B 192 19.85 6.26 17.46
N ASN B 193 19.56 6.77 16.25
CA ASN B 193 18.45 6.27 15.45
C ASN B 193 18.70 4.87 14.91
N GLY B 194 19.95 4.50 14.70
CA GLY B 194 20.29 3.20 14.12
C GLY B 194 20.46 3.20 12.62
N GLU B 195 19.55 3.87 11.92
CA GLU B 195 19.67 3.99 10.46
C GLU B 195 20.52 5.18 10.03
N TRP B 196 20.37 6.31 10.71
CA TRP B 196 21.11 7.52 10.40
C TRP B 196 22.15 7.78 11.49
N ASP B 197 23.38 8.06 11.06
CA ASP B 197 24.48 8.35 11.96
C ASP B 197 24.66 9.87 12.02
N LEU B 198 24.44 10.45 13.20
CA LEU B 198 24.55 11.89 13.35
C LEU B 198 26.01 12.31 13.33
N VAL B 199 26.32 13.33 12.53
CA VAL B 199 27.67 13.87 12.43
C VAL B 199 27.83 15.10 13.34
N GLY B 200 26.88 16.01 13.29
CA GLY B 200 26.91 17.18 14.15
C GLY B 200 25.72 18.05 13.87
N ILE B 201 25.64 19.15 14.61
CA ILE B 201 24.54 20.10 14.43
C ILE B 201 25.07 21.51 14.72
N PRO B 202 25.76 22.14 13.77
CA PRO B 202 26.21 23.51 13.98
C PRO B 202 25.07 24.50 13.74
N GLY B 203 25.27 25.72 14.26
CA GLY B 203 24.25 26.74 14.20
C GLY B 203 24.83 28.10 13.86
N LYS B 204 23.95 28.97 13.37
CA LYS B 204 24.33 30.33 12.98
C LYS B 204 23.24 31.28 13.47
N ARG B 205 23.60 32.55 13.61
CA ARG B 205 22.63 33.65 13.69
C ARG B 205 22.91 34.63 12.56
N SER B 206 21.89 34.94 11.78
CA SER B 206 22.00 35.93 10.72
C SER B 206 20.76 36.81 10.70
N GLU B 207 20.92 38.04 10.22
CA GLU B 207 19.83 39.01 10.12
C GLU B 207 19.68 39.43 8.66
N ARG B 208 18.45 39.32 8.15
CA ARG B 208 18.13 39.58 6.75
C ARG B 208 17.14 40.74 6.64
N PHE B 209 16.79 41.08 5.40
CA PHE B 209 15.80 42.09 5.11
C PHE B 209 14.68 41.47 4.27
N TYR B 210 13.46 41.99 4.45
CA TYR B 210 12.28 41.47 3.78
C TYR B 210 11.52 42.61 3.11
N GLU B 211 10.54 42.24 2.31
CA GLU B 211 9.77 43.21 1.53
C GLU B 211 8.78 44.00 2.38
N CYS B 212 8.31 43.43 3.49
CA CYS B 212 7.34 44.13 4.33
C CYS B 212 7.95 45.39 4.93
N CYS B 213 9.15 45.27 5.50
CA CYS B 213 9.61 46.18 6.52
C CYS B 213 11.08 46.50 6.32
N LYS B 214 11.50 47.64 6.87
CA LYS B 214 12.90 48.04 6.88
C LYS B 214 13.67 47.49 8.08
N GLU B 215 12.96 47.00 9.09
CA GLU B 215 13.61 46.41 10.25
C GLU B 215 14.26 45.09 9.86
N PRO B 216 15.54 44.89 10.17
CA PRO B 216 16.14 43.56 9.97
C PRO B 216 15.51 42.54 10.91
N TYR B 217 15.40 41.30 10.43
CA TYR B 217 14.80 40.22 11.21
C TYR B 217 15.86 39.15 11.47
N PRO B 218 16.53 39.19 12.62
CA PRO B 218 17.51 38.15 12.93
C PRO B 218 16.84 36.80 13.14
N ASP B 219 17.57 35.74 12.81
CA ASP B 219 17.09 34.38 12.97
C ASP B 219 18.27 33.47 13.22
N VAL B 220 18.00 32.29 13.75
CA VAL B 220 19.01 31.28 14.03
C VAL B 220 18.69 30.02 13.24
N THR B 221 19.68 29.50 12.54
CA THR B 221 19.52 28.31 11.70
C THR B 221 20.43 27.21 12.21
N PHE B 222 19.85 26.05 12.52
CA PHE B 222 20.60 24.88 12.96
C PHE B 222 20.61 23.86 11.83
N THR B 223 21.81 23.56 11.32
CA THR B 223 21.97 22.60 10.23
C THR B 223 22.23 21.21 10.82
N VAL B 224 21.34 20.28 10.53
CA VAL B 224 21.45 18.92 11.03
C VAL B 224 22.20 18.11 9.98
N THR B 225 23.44 17.73 10.29
CA THR B 225 24.27 16.92 9.40
C THR B 225 24.24 15.48 9.88
N MET B 226 23.88 14.57 8.97
CA MET B 226 23.69 13.17 9.33
C MET B 226 24.13 12.29 8.18
N ARG B 227 24.71 11.15 8.51
CA ARG B 227 25.20 10.19 7.52
C ARG B 227 24.38 8.91 7.61
N ARG B 228 23.98 8.40 6.44
CA ARG B 228 23.19 7.17 6.38
C ARG B 228 24.09 5.95 6.52
N ARG B 229 23.73 5.06 7.43
CA ARG B 229 24.40 3.78 7.56
C ARG B 229 23.99 2.87 6.42
N THR B 230 24.97 2.30 5.72
CA THR B 230 24.74 1.59 4.46
C THR B 230 24.84 0.08 4.61
N LEU B 231 24.75 -0.42 5.85
CA LEU B 231 24.79 -1.86 6.07
C LEU B 231 23.49 -2.52 5.63
N TYR B 232 22.36 -1.84 5.81
CA TYR B 232 21.07 -2.47 5.53
C TYR B 232 20.83 -2.60 4.03
N TYR B 233 20.81 -1.47 3.32
CA TYR B 233 20.54 -1.49 1.89
C TYR B 233 21.58 -2.30 1.11
N GLY B 234 22.87 -2.14 1.42
CA GLY B 234 23.90 -2.88 0.72
C GLY B 234 23.83 -4.37 0.94
N LEU B 235 23.13 -4.82 1.97
CA LEU B 235 22.89 -6.23 2.20
C LEU B 235 21.58 -6.72 1.60
N ASN B 236 20.63 -5.81 1.35
CA ASN B 236 19.33 -6.16 0.80
C ASN B 236 19.12 -5.69 -0.63
N LEU B 237 19.98 -4.83 -1.15
CA LEU B 237 19.82 -4.34 -2.52
C LEU B 237 21.08 -4.52 -3.37
N LEU B 238 22.26 -4.39 -2.78
CA LEU B 238 23.50 -4.46 -3.55
C LEU B 238 24.03 -5.88 -3.67
N ILE B 239 24.22 -6.56 -2.55
CA ILE B 239 24.75 -7.93 -2.54
C ILE B 239 23.82 -8.89 -3.28
N PRO B 240 22.51 -8.92 -3.01
CA PRO B 240 21.65 -9.84 -3.78
C PRO B 240 21.64 -9.54 -5.27
N CYS B 241 21.77 -8.27 -5.67
CA CYS B 241 21.80 -7.94 -7.08
C CYS B 241 23.03 -8.50 -7.77
N VAL B 242 24.18 -8.45 -7.09
CA VAL B 242 25.41 -8.99 -7.68
C VAL B 242 25.30 -10.50 -7.85
N LEU B 243 24.84 -11.20 -6.82
CA LEU B 243 24.77 -12.65 -6.88
C LEU B 243 23.75 -13.13 -7.90
N ILE B 244 22.57 -12.51 -7.94
CA ILE B 244 21.55 -12.93 -8.90
C ILE B 244 21.99 -12.62 -10.34
N SER B 245 22.59 -11.46 -10.56
CA SER B 245 23.09 -11.13 -11.90
C SER B 245 24.21 -12.06 -12.34
N ALA B 246 24.90 -12.71 -11.41
CA ALA B 246 25.93 -13.68 -11.77
C ALA B 246 25.35 -14.94 -12.39
N LEU B 247 24.06 -15.24 -12.16
CA LEU B 247 23.43 -16.38 -12.79
C LEU B 247 23.19 -16.17 -14.28
N ALA B 248 23.13 -14.92 -14.74
CA ALA B 248 23.02 -14.65 -16.16
C ALA B 248 24.31 -15.01 -16.90
N LEU B 249 25.46 -14.95 -16.22
CA LEU B 249 26.71 -15.41 -16.79
C LEU B 249 26.80 -16.92 -16.89
N LEU B 250 25.90 -17.64 -16.21
CA LEU B 250 25.88 -19.09 -16.25
C LEU B 250 25.24 -19.64 -17.51
N VAL B 251 24.59 -18.79 -18.31
CA VAL B 251 24.00 -19.25 -19.56
C VAL B 251 25.05 -19.74 -20.53
N PHE B 252 26.24 -19.12 -20.50
CA PHE B 252 27.32 -19.48 -21.42
C PHE B 252 27.98 -20.81 -21.08
N LEU B 253 27.62 -21.43 -19.95
CA LEU B 253 28.11 -22.76 -19.62
C LEU B 253 27.13 -23.88 -19.97
N LEU B 254 25.87 -23.55 -20.21
CA LEU B 254 24.91 -24.57 -20.62
C LEU B 254 25.24 -25.10 -22.01
N PRO B 255 25.22 -26.42 -22.21
CA PRO B 255 25.28 -26.94 -23.58
C PRO B 255 24.03 -26.58 -24.35
N ALA B 256 24.20 -26.36 -25.65
CA ALA B 256 23.08 -25.93 -26.48
C ALA B 256 22.05 -27.03 -26.72
N ASP B 257 22.42 -28.29 -26.46
CA ASP B 257 21.47 -29.38 -26.66
C ASP B 257 20.30 -29.27 -25.69
N SER B 258 20.56 -28.92 -24.45
CA SER B 258 19.48 -28.70 -23.51
C SER B 258 18.78 -27.38 -23.85
N GLY B 259 17.53 -27.47 -24.31
CA GLY B 259 16.82 -26.29 -24.76
C GLY B 259 16.37 -25.41 -23.61
N GLU B 260 17.34 -24.85 -22.88
CA GLU B 260 17.04 -24.03 -21.72
C GLU B 260 17.92 -22.79 -21.64
N LYS B 261 18.68 -22.46 -22.70
CA LYS B 261 19.53 -21.28 -22.67
C LYS B 261 18.70 -20.00 -22.61
N ILE B 262 17.69 -19.90 -23.48
CA ILE B 262 16.81 -18.73 -23.46
C ILE B 262 15.95 -18.74 -22.21
N SER B 263 15.47 -19.94 -21.75
CA SER B 263 14.63 -20.00 -20.56
C SER B 263 15.36 -19.59 -19.29
N LEU B 264 16.68 -19.56 -19.31
CA LEU B 264 17.47 -19.11 -18.16
C LEU B 264 17.84 -17.64 -18.25
N GLY B 265 18.28 -17.17 -19.42
CA GLY B 265 18.64 -15.77 -19.55
C GLY B 265 17.44 -14.85 -19.43
N ILE B 266 16.32 -15.23 -20.03
CA ILE B 266 15.15 -14.35 -20.01
C ILE B 266 14.45 -14.40 -18.66
N THR B 267 14.61 -15.50 -17.92
CA THR B 267 13.97 -15.58 -16.60
C THR B 267 14.67 -14.67 -15.59
N VAL B 268 16.00 -14.71 -15.58
CA VAL B 268 16.76 -13.87 -14.64
C VAL B 268 16.56 -12.40 -14.96
N LEU B 269 16.59 -12.03 -16.25
CA LEU B 269 16.51 -10.63 -16.64
C LEU B 269 15.17 -10.01 -16.24
N LEU B 270 14.07 -10.69 -16.58
CA LEU B 270 12.75 -10.13 -16.31
C LEU B 270 12.34 -10.25 -14.84
N SER B 271 13.01 -11.10 -14.06
CA SER B 271 12.72 -11.23 -12.64
C SER B 271 13.62 -10.35 -11.77
N LEU B 272 14.69 -9.78 -12.32
CA LEU B 272 15.54 -8.88 -11.56
C LEU B 272 14.93 -7.47 -11.47
N THR B 273 13.85 -7.23 -12.21
CA THR B 273 13.15 -5.94 -12.19
C THR B 273 12.58 -5.59 -10.82
N VAL B 274 12.36 -6.58 -9.96
CA VAL B 274 11.72 -6.34 -8.67
C VAL B 274 12.55 -5.41 -7.80
N PHE B 275 13.87 -5.36 -8.03
CA PHE B 275 14.71 -4.48 -7.22
C PHE B 275 14.37 -3.01 -7.44
N MET B 276 14.20 -2.59 -8.69
CA MET B 276 13.90 -1.19 -8.93
C MET B 276 12.48 -0.83 -8.51
N LEU B 277 11.57 -1.80 -8.52
CA LEU B 277 10.25 -1.55 -7.92
C LEU B 277 10.37 -1.25 -6.44
N LEU B 278 11.35 -1.85 -5.77
CA LEU B 278 11.64 -1.49 -4.38
C LEU B 278 12.28 -0.11 -4.30
N VAL B 279 13.20 0.19 -5.22
CA VAL B 279 13.85 1.49 -5.23
C VAL B 279 12.87 2.60 -5.58
N ALA B 280 11.92 2.32 -6.47
CA ALA B 280 10.91 3.32 -6.82
C ALA B 280 10.04 3.71 -5.63
N GLU B 281 9.91 2.83 -4.64
CA GLU B 281 9.17 3.16 -3.43
C GLU B 281 9.99 3.97 -2.44
N ILE B 282 11.28 4.17 -2.71
CA ILE B 282 12.13 4.95 -1.83
C ILE B 282 12.57 6.26 -2.48
N MET B 283 12.83 6.27 -3.78
CA MET B 283 13.34 7.48 -4.45
C MET B 283 12.22 8.50 -4.61
N PRO B 284 12.45 9.75 -4.22
CA PRO B 284 11.53 10.82 -4.64
C PRO B 284 11.59 11.00 -6.15
N ALA B 285 10.46 11.39 -6.73
CA ALA B 285 10.37 11.56 -8.18
C ALA B 285 10.99 12.89 -8.62
N THR B 286 12.26 13.07 -8.24
CA THR B 286 12.97 14.30 -8.56
C THR B 286 13.80 14.12 -9.82
N SER B 287 13.54 14.98 -10.80
CA SER B 287 14.29 14.96 -12.07
C SER B 287 15.49 15.88 -12.03
N ASP B 288 16.33 15.72 -11.01
CA ASP B 288 17.48 16.57 -10.79
C ASP B 288 18.81 15.82 -10.80
N SER B 289 18.87 14.62 -10.22
CA SER B 289 20.11 13.86 -10.19
C SER B 289 19.77 12.37 -10.20
N VAL B 290 20.48 11.61 -11.02
CA VAL B 290 20.27 10.16 -11.11
C VAL B 290 20.95 9.49 -9.92
N PRO B 291 20.22 8.72 -9.12
CA PRO B 291 20.84 8.02 -8.00
C PRO B 291 21.89 7.02 -8.47
N LEU B 292 22.92 6.83 -7.64
CA LEU B 292 23.97 5.87 -7.97
C LEU B 292 23.42 4.45 -8.02
N ILE B 293 22.53 4.10 -7.08
CA ILE B 293 21.94 2.77 -7.08
C ILE B 293 21.10 2.55 -8.34
N ALA B 294 20.57 3.62 -8.93
CA ALA B 294 19.83 3.49 -10.18
C ALA B 294 20.78 3.25 -11.34
N GLN B 295 21.93 3.93 -11.36
CA GLN B 295 22.92 3.70 -12.40
C GLN B 295 23.47 2.28 -12.33
N TYR B 296 23.75 1.79 -11.11
CA TYR B 296 24.28 0.44 -10.97
C TYR B 296 23.23 -0.62 -11.30
N PHE B 297 21.97 -0.37 -10.95
CA PHE B 297 20.91 -1.29 -11.35
C PHE B 297 20.66 -1.23 -12.84
N ALA B 298 20.77 -0.04 -13.44
CA ALA B 298 20.64 0.07 -14.89
C ALA B 298 21.79 -0.63 -15.61
N SER B 299 23.01 -0.53 -15.05
CA SER B 299 24.16 -1.16 -15.68
C SER B 299 24.04 -2.67 -15.69
N THR B 300 23.53 -3.27 -14.60
CA THR B 300 23.43 -4.71 -14.53
C THR B 300 22.28 -5.28 -15.35
N MET B 301 21.31 -4.45 -15.76
CA MET B 301 20.32 -4.88 -16.74
C MET B 301 20.86 -4.95 -18.16
N ILE B 302 21.67 -3.99 -18.58
CA ILE B 302 22.20 -4.02 -19.94
C ILE B 302 23.13 -5.21 -20.13
N ILE B 303 23.95 -5.49 -19.11
CA ILE B 303 24.86 -6.63 -19.18
C ILE B 303 24.08 -7.94 -19.33
N VAL B 304 23.03 -8.10 -18.52
CA VAL B 304 22.19 -9.28 -18.63
C VAL B 304 21.41 -9.25 -19.94
N GLY B 305 20.92 -8.07 -20.33
CA GLY B 305 20.19 -7.96 -21.59
C GLY B 305 21.04 -8.30 -22.80
N LEU B 306 22.31 -7.87 -22.79
CA LEU B 306 23.20 -8.21 -23.89
C LEU B 306 23.54 -9.69 -23.93
N SER B 307 23.47 -10.39 -22.78
CA SER B 307 23.72 -11.82 -22.78
C SER B 307 22.66 -12.57 -23.58
N VAL B 308 21.41 -12.15 -23.48
CA VAL B 308 20.34 -12.79 -24.26
C VAL B 308 20.56 -12.54 -25.75
N VAL B 309 21.00 -11.34 -26.12
CA VAL B 309 21.28 -11.05 -27.52
C VAL B 309 22.41 -11.93 -28.04
N VAL B 310 23.46 -12.09 -27.25
CA VAL B 310 24.57 -12.95 -27.66
C VAL B 310 24.13 -14.41 -27.71
N THR B 311 23.28 -14.83 -26.78
CA THR B 311 22.81 -16.21 -26.76
C THR B 311 22.07 -16.56 -28.04
N VAL B 312 21.26 -15.62 -28.56
CA VAL B 312 20.54 -15.85 -29.80
C VAL B 312 21.52 -16.00 -30.96
N ILE B 313 22.60 -15.22 -30.95
CA ILE B 313 23.63 -15.35 -31.98
C ILE B 313 24.27 -16.73 -31.92
N VAL B 314 24.47 -17.27 -30.72
CA VAL B 314 25.04 -18.60 -30.58
C VAL B 314 24.08 -19.66 -31.13
N LEU B 315 22.78 -19.53 -30.80
CA LEU B 315 21.82 -20.56 -31.14
C LEU B 315 21.65 -20.70 -32.65
N GLN B 316 21.82 -19.61 -33.40
CA GLN B 316 21.72 -19.69 -34.85
C GLN B 316 22.98 -20.25 -35.50
N TYR B 317 24.10 -20.30 -34.77
CA TYR B 317 25.26 -21.05 -35.24
C TYR B 317 25.13 -22.54 -34.95
N HIS B 318 24.40 -22.91 -33.90
CA HIS B 318 24.23 -24.32 -33.56
C HIS B 318 23.33 -25.02 -34.58
N HIS B 319 22.10 -24.52 -34.74
CA HIS B 319 21.16 -25.08 -35.72
C HIS B 319 21.31 -24.34 -37.05
N HIS B 320 22.50 -24.49 -37.64
CA HIS B 320 22.81 -23.75 -38.86
C HIS B 320 22.18 -24.35 -40.11
N ASP B 321 21.66 -25.59 -40.03
CA ASP B 321 21.02 -26.25 -41.17
C ASP B 321 21.97 -26.27 -42.37
N PRO B 322 22.98 -27.15 -42.37
CA PRO B 322 24.00 -27.11 -43.43
C PRO B 322 23.42 -27.45 -44.79
N ASP B 323 24.30 -27.40 -45.81
CA ASP B 323 23.91 -27.45 -47.21
C ASP B 323 23.01 -26.28 -47.58
N GLY B 324 23.16 -25.18 -46.86
CA GLY B 324 22.43 -23.95 -47.14
C GLY B 324 23.30 -22.74 -46.93
N GLY B 325 24.61 -22.96 -46.94
CA GLY B 325 25.57 -21.90 -46.72
C GLY B 325 26.93 -22.47 -46.39
N LYS B 326 27.91 -21.57 -46.32
CA LYS B 326 29.28 -21.96 -46.02
C LYS B 326 29.96 -20.84 -45.26
N MET B 327 31.02 -21.19 -44.55
CA MET B 327 31.77 -20.19 -43.78
C MET B 327 32.47 -19.23 -44.74
N PRO B 328 32.40 -17.92 -44.49
CA PRO B 328 32.97 -16.95 -45.44
C PRO B 328 34.49 -16.84 -45.35
N LYS B 329 35.13 -17.80 -44.69
CA LYS B 329 36.58 -17.86 -44.54
C LYS B 329 37.12 -16.73 -43.68
N TRP B 330 36.23 -15.90 -43.14
CA TRP B 330 36.63 -14.87 -42.19
C TRP B 330 36.44 -15.33 -40.76
N THR B 331 35.31 -15.98 -40.46
CA THR B 331 35.14 -16.69 -39.19
C THR B 331 35.87 -18.02 -39.18
N ARG B 332 36.36 -18.46 -40.35
CA ARG B 332 37.13 -19.70 -40.41
C ARG B 332 38.47 -19.54 -39.70
N VAL B 333 39.04 -18.34 -39.74
CA VAL B 333 40.36 -18.11 -39.14
C VAL B 333 40.25 -17.46 -37.76
N ILE B 334 39.14 -16.80 -37.46
CA ILE B 334 39.01 -16.08 -36.19
C ILE B 334 38.58 -17.04 -35.08
N LEU B 335 37.41 -17.67 -35.25
CA LEU B 335 36.86 -18.49 -34.18
C LEU B 335 37.31 -19.95 -34.27
N LEU B 336 38.01 -20.33 -35.33
CA LEU B 336 38.47 -21.70 -35.50
C LEU B 336 39.98 -21.85 -35.50
N ASN B 337 40.74 -20.78 -35.74
CA ASN B 337 42.19 -20.84 -35.81
C ASN B 337 42.88 -20.02 -34.73
N TRP B 338 42.43 -18.78 -34.50
CA TRP B 338 43.07 -17.93 -33.50
C TRP B 338 42.43 -18.09 -32.13
N CYS B 339 41.12 -17.84 -32.03
CA CYS B 339 40.43 -17.95 -30.75
C CYS B 339 40.35 -19.39 -30.25
N ALA B 340 40.37 -20.37 -31.16
CA ALA B 340 40.27 -21.77 -30.74
C ALA B 340 41.53 -22.22 -30.00
N TRP B 341 42.69 -21.65 -30.34
CA TRP B 341 43.94 -22.05 -29.73
C TRP B 341 44.28 -21.23 -28.50
N PHE B 342 44.02 -19.92 -28.52
CA PHE B 342 44.29 -19.09 -27.36
C PHE B 342 43.40 -19.48 -26.18
N LEU B 343 42.12 -19.76 -26.44
CA LEU B 343 41.24 -20.33 -25.43
C LEU B 343 41.59 -21.78 -25.10
N ARG B 344 42.41 -22.44 -25.92
CA ARG B 344 42.90 -23.80 -25.66
C ARG B 344 41.75 -24.79 -25.53
N MET B 345 41.03 -24.96 -26.65
CA MET B 345 39.91 -25.90 -26.71
C MET B 345 40.17 -27.10 -27.62
N LYS B 346 41.07 -26.97 -28.59
CA LYS B 346 41.54 -28.07 -29.43
C LYS B 346 40.39 -28.80 -30.12
N ARG B 347 39.69 -28.06 -30.98
CA ARG B 347 38.61 -28.58 -31.80
C ARG B 347 37.55 -29.33 -30.98
N ASP B 432 22.67 -61.62 -62.74
CA ASP B 432 21.96 -60.39 -62.40
C ASP B 432 22.61 -59.68 -61.22
N LEU B 433 23.90 -59.96 -61.01
CA LEU B 433 24.62 -59.33 -59.90
C LEU B 433 24.85 -57.84 -60.14
N ALA B 434 24.81 -57.39 -61.39
CA ALA B 434 24.99 -55.96 -61.68
C ALA B 434 23.87 -55.14 -61.07
N LYS B 435 22.63 -55.63 -61.17
CA LYS B 435 21.50 -54.92 -60.59
C LYS B 435 21.62 -54.83 -59.07
N ILE B 436 22.04 -55.92 -58.42
CA ILE B 436 22.25 -55.90 -56.98
C ILE B 436 23.40 -54.97 -56.63
N LEU B 437 24.45 -54.97 -57.44
CA LEU B 437 25.62 -54.13 -57.16
C LEU B 437 25.25 -52.65 -57.18
N GLU B 438 24.40 -52.25 -58.13
CA GLU B 438 24.01 -50.85 -58.22
C GLU B 438 23.23 -50.39 -57.00
N GLU B 439 22.35 -51.25 -56.47
CA GLU B 439 21.51 -50.86 -55.35
C GLU B 439 22.32 -50.70 -54.08
N VAL B 440 23.20 -51.67 -53.79
CA VAL B 440 24.01 -51.58 -52.58
C VAL B 440 25.00 -50.43 -52.67
N ARG B 441 25.48 -50.12 -53.87
CA ARG B 441 26.36 -48.96 -54.06
C ARG B 441 25.63 -47.66 -53.73
N TYR B 442 24.35 -47.57 -54.09
CA TYR B 442 23.58 -46.37 -53.77
C TYR B 442 23.41 -46.21 -52.26
N ILE B 443 23.18 -47.32 -51.55
CA ILE B 443 23.00 -47.24 -50.10
C ILE B 443 24.27 -46.74 -49.44
N ALA B 444 25.43 -47.25 -49.87
CA ALA B 444 26.69 -46.79 -49.32
C ALA B 444 26.95 -45.32 -49.68
N ASN B 445 26.61 -44.94 -50.91
CA ASN B 445 26.79 -43.54 -51.32
C ASN B 445 25.87 -42.62 -50.53
N ARG B 446 24.66 -43.06 -50.22
CA ARG B 446 23.77 -42.26 -49.39
C ARG B 446 24.35 -42.04 -48.00
N PHE B 447 24.94 -43.09 -47.42
CA PHE B 447 25.57 -42.96 -46.11
C PHE B 447 26.78 -42.04 -46.16
N ARG B 448 27.56 -42.12 -47.24
CA ARG B 448 28.75 -41.27 -47.37
C ARG B 448 28.37 -39.80 -47.43
N CYS B 449 27.29 -39.46 -48.15
CA CYS B 449 26.84 -38.08 -48.20
C CYS B 449 26.34 -37.61 -46.83
N GLN B 450 25.73 -38.50 -46.05
CA GLN B 450 25.29 -38.13 -44.71
C GLN B 450 26.46 -37.82 -43.80
N ASP B 451 27.55 -38.58 -43.91
CA ASP B 451 28.73 -38.31 -43.10
C ASP B 451 29.34 -36.96 -43.45
N GLU B 452 29.38 -36.61 -44.74
CA GLU B 452 29.87 -35.29 -45.14
C GLU B 452 28.96 -34.17 -44.63
N SER B 453 27.64 -34.41 -44.60
CA SER B 453 26.73 -33.43 -44.05
C SER B 453 26.86 -33.33 -42.53
N GLU B 454 27.18 -34.45 -41.86
CA GLU B 454 27.37 -34.41 -40.42
C GLU B 454 28.68 -33.72 -40.04
N ALA B 455 29.71 -33.84 -40.87
CA ALA B 455 30.98 -33.18 -40.58
C ALA B 455 30.85 -31.67 -40.66
N VAL B 456 30.14 -31.18 -41.69
CA VAL B 456 29.93 -29.73 -41.83
C VAL B 456 29.11 -29.19 -40.66
N CYS B 457 28.06 -29.92 -40.27
CA CYS B 457 27.26 -29.50 -39.13
C CYS B 457 28.04 -29.59 -37.82
N SER B 458 29.03 -30.48 -37.73
CA SER B 458 29.79 -30.60 -36.49
C SER B 458 30.67 -29.38 -36.24
N GLU B 459 31.32 -28.86 -37.28
CA GLU B 459 32.17 -27.70 -37.10
C GLU B 459 31.38 -26.43 -36.82
N TRP B 460 30.12 -26.36 -37.27
CA TRP B 460 29.26 -25.25 -36.88
C TRP B 460 28.95 -25.28 -35.39
N LYS B 461 28.70 -26.47 -34.84
CA LYS B 461 28.42 -26.58 -33.42
C LYS B 461 29.63 -26.16 -32.58
N PHE B 462 30.83 -26.58 -32.99
CA PHE B 462 32.03 -26.17 -32.26
C PHE B 462 32.25 -24.67 -32.35
N ALA B 463 31.96 -24.08 -33.50
CA ALA B 463 32.05 -22.63 -33.65
C ALA B 463 31.11 -21.91 -32.70
N ALA B 464 29.98 -22.51 -32.36
CA ALA B 464 29.09 -21.95 -31.35
C ALA B 464 29.64 -22.13 -29.94
N CYS B 465 30.48 -23.14 -29.73
CA CYS B 465 31.11 -23.33 -28.42
C CYS B 465 32.22 -22.31 -28.17
N VAL B 466 32.92 -21.90 -29.23
CA VAL B 466 33.96 -20.88 -29.08
C VAL B 466 33.35 -19.56 -28.62
N VAL B 467 32.19 -19.19 -29.19
CA VAL B 467 31.54 -17.95 -28.80
C VAL B 467 31.10 -17.99 -27.34
N ASP B 468 30.64 -19.16 -26.87
CA ASP B 468 30.27 -19.30 -25.47
C ASP B 468 31.48 -19.08 -24.56
N ARG B 469 32.61 -19.70 -24.91
CA ARG B 469 33.80 -19.55 -24.08
C ARG B 469 34.40 -18.15 -24.21
N LEU B 470 34.35 -17.58 -25.41
CA LEU B 470 34.88 -16.23 -25.61
C LEU B 470 34.04 -15.19 -24.87
N CYS B 471 32.71 -15.28 -24.98
CA CYS B 471 31.84 -14.32 -24.33
C CYS B 471 31.75 -14.54 -22.82
N LEU B 472 32.06 -15.75 -22.35
CA LEU B 472 32.11 -15.98 -20.91
C LEU B 472 33.20 -15.12 -20.26
N MET B 473 34.37 -15.05 -20.90
CA MET B 473 35.44 -14.20 -20.39
C MET B 473 35.20 -12.72 -20.68
N ALA B 474 34.57 -12.40 -21.81
CA ALA B 474 34.32 -11.01 -22.15
C ALA B 474 33.28 -10.39 -21.23
N PHE B 475 32.20 -11.11 -20.94
CA PHE B 475 31.17 -10.61 -20.04
C PHE B 475 31.57 -10.66 -18.58
N SER B 476 32.43 -11.61 -18.19
CA SER B 476 32.87 -11.68 -16.80
C SER B 476 33.69 -10.46 -16.43
N VAL B 477 34.63 -10.07 -17.28
CA VAL B 477 35.44 -8.88 -17.01
C VAL B 477 34.60 -7.62 -17.13
N PHE B 478 33.55 -7.64 -17.96
CA PHE B 478 32.67 -6.48 -18.07
C PHE B 478 31.90 -6.24 -16.77
N THR B 479 31.47 -7.31 -16.11
CA THR B 479 30.66 -7.18 -14.91
C THR B 479 31.48 -6.69 -13.72
N ILE B 480 32.69 -7.25 -13.52
CA ILE B 480 33.46 -6.94 -12.32
C ILE B 480 33.96 -5.49 -12.36
N ILE B 481 34.47 -5.04 -13.51
CA ILE B 481 34.99 -3.68 -13.60
C ILE B 481 33.87 -2.65 -13.65
N CYS B 482 32.64 -3.05 -13.95
CA CYS B 482 31.53 -2.11 -13.95
C CYS B 482 30.93 -1.95 -12.55
N THR B 483 30.74 -3.06 -11.85
CA THR B 483 30.24 -2.99 -10.47
C THR B 483 31.21 -2.25 -9.57
N ILE B 484 32.51 -2.55 -9.71
CA ILE B 484 33.52 -1.86 -8.92
C ILE B 484 33.60 -0.39 -9.33
N GLY B 485 33.56 -0.12 -10.62
CA GLY B 485 33.68 1.26 -11.08
C GLY B 485 32.55 2.15 -10.61
N ILE B 486 31.32 1.65 -10.65
CA ILE B 486 30.19 2.45 -10.20
C ILE B 486 30.20 2.61 -8.69
N LEU B 487 30.40 1.50 -7.97
CA LEU B 487 30.29 1.52 -6.51
C LEU B 487 31.42 2.30 -5.85
N MET B 488 32.62 2.28 -6.43
CA MET B 488 33.74 3.06 -5.91
C MET B 488 33.66 4.53 -6.32
N SER B 489 32.85 4.86 -7.32
CA SER B 489 32.81 6.23 -7.83
C SER B 489 32.31 7.20 -6.78
N ALA B 490 31.47 6.75 -5.85
CA ALA B 490 30.90 7.64 -4.84
C ALA B 490 31.99 8.11 -3.88
N PRO B 491 31.89 9.34 -3.38
CA PRO B 491 32.75 9.77 -2.28
C PRO B 491 32.41 9.01 -1.01
N ASN B 492 33.31 9.13 -0.02
CA ASN B 492 33.23 8.54 1.31
C ASN B 492 32.67 7.13 1.29
N PHE B 493 32.96 6.39 0.21
CA PHE B 493 32.56 4.98 0.11
C PHE B 493 33.46 4.09 0.95
N VAL B 494 34.77 4.39 0.97
CA VAL B 494 35.68 3.62 1.81
C VAL B 494 35.37 3.83 3.28
N GLU B 495 34.96 5.05 3.65
CA GLU B 495 34.51 5.29 5.02
C GLU B 495 33.24 4.53 5.33
N ALA B 496 32.31 4.45 4.37
CA ALA B 496 31.05 3.78 4.61
C ALA B 496 31.22 2.28 4.83
N VAL B 497 32.18 1.65 4.15
CA VAL B 497 32.40 0.23 4.31
C VAL B 497 33.34 -0.07 5.47
N SER B 498 34.21 0.88 5.83
CA SER B 498 35.11 0.66 6.97
C SER B 498 34.41 0.87 8.31
N LYS B 499 33.26 1.54 8.32
CA LYS B 499 32.52 1.82 9.54
C LYS B 499 31.36 0.87 9.77
N ASP B 500 30.59 0.55 8.73
CA ASP B 500 29.41 -0.28 8.89
C ASP B 500 29.70 -1.77 8.67
N PHE B 501 30.37 -2.10 7.57
CA PHE B 501 30.67 -3.51 7.28
C PHE B 501 31.81 -4.00 8.17
N ALA B 502 32.97 -3.37 8.07
CA ALA B 502 34.13 -3.78 8.87
C ALA B 502 34.07 -3.17 10.26
N GLY C 23 7.81 49.17 28.80
CA GLY C 23 8.00 50.37 29.60
C GLY C 23 6.70 50.96 30.09
N GLU C 24 6.77 52.15 30.70
CA GLU C 24 5.57 52.79 31.22
C GLU C 24 4.71 53.38 30.11
N PHE C 25 5.32 53.83 29.01
CA PHE C 25 4.55 54.40 27.92
C PHE C 25 3.82 53.34 27.11
N GLN C 26 4.47 52.20 26.85
CA GLN C 26 3.82 51.13 26.11
C GLN C 26 2.64 50.56 26.88
N ARG C 27 2.79 50.38 28.20
CA ARG C 27 1.67 49.92 29.01
C ARG C 27 0.54 50.94 29.00
N LYS C 28 0.87 52.22 29.09
CA LYS C 28 -0.15 53.26 29.03
C LYS C 28 -0.84 53.29 27.69
N LEU C 29 -0.10 53.12 26.59
CA LEU C 29 -0.70 53.17 25.26
C LEU C 29 -1.64 52.00 25.05
N TYR C 30 -1.25 50.80 25.48
CA TYR C 30 -2.10 49.63 25.28
C TYR C 30 -3.42 49.75 26.04
N LYS C 31 -3.40 50.40 27.20
CA LYS C 31 -4.63 50.61 27.96
C LYS C 31 -5.54 51.64 27.30
N GLU C 32 -5.00 52.50 26.44
CA GLU C 32 -5.80 53.53 25.79
C GLU C 32 -6.37 53.07 24.45
N LEU C 33 -5.69 52.15 23.76
CA LEU C 33 -6.15 51.73 22.44
C LEU C 33 -7.36 50.81 22.52
N VAL C 34 -7.45 49.97 23.54
CA VAL C 34 -8.55 49.03 23.66
C VAL C 34 -9.69 49.60 24.50
N LYS C 35 -9.68 50.91 24.76
CA LYS C 35 -10.75 51.56 25.50
C LYS C 35 -11.91 51.84 24.55
N ASN C 36 -13.08 51.27 24.87
CA ASN C 36 -14.29 51.41 24.04
C ASN C 36 -14.05 50.93 22.61
N TYR C 37 -13.26 49.88 22.44
CA TYR C 37 -12.96 49.32 21.13
C TYR C 37 -13.78 48.05 20.91
N ASN C 38 -14.51 48.00 19.81
CA ASN C 38 -15.34 46.86 19.46
C ASN C 38 -14.70 46.09 18.32
N PRO C 39 -14.30 44.84 18.51
CA PRO C 39 -13.66 44.07 17.44
C PRO C 39 -14.61 43.56 16.37
N LEU C 40 -15.87 44.02 16.34
CA LEU C 40 -16.83 43.56 15.36
C LEU C 40 -17.14 44.59 14.27
N GLU C 41 -16.87 45.86 14.51
CA GLU C 41 -17.18 46.92 13.56
C GLU C 41 -16.03 47.12 12.57
N ARG C 42 -16.39 47.56 11.37
CA ARG C 42 -15.37 47.93 10.40
C ARG C 42 -14.65 49.19 10.86
N PRO C 43 -13.34 49.28 10.65
CA PRO C 43 -12.57 50.39 11.21
C PRO C 43 -12.68 51.68 10.41
N VAL C 44 -13.64 51.76 9.49
CA VAL C 44 -13.81 52.98 8.70
C VAL C 44 -14.35 54.10 9.57
N ALA C 45 -13.99 55.34 9.21
CA ALA C 45 -14.48 56.51 9.91
C ALA C 45 -15.85 56.97 9.42
N ASN C 46 -16.21 56.64 8.19
CA ASN C 46 -17.51 56.97 7.62
C ASN C 46 -18.14 55.69 7.10
N ASP C 47 -19.32 55.35 7.60
CA ASP C 47 -19.95 54.09 7.24
C ASP C 47 -20.72 54.21 5.92
N SER C 48 -20.05 54.76 4.90
CA SER C 48 -20.63 54.81 3.56
C SER C 48 -19.63 54.47 2.46
N GLN C 49 -18.33 54.42 2.75
CA GLN C 49 -17.30 54.08 1.77
C GLN C 49 -16.65 52.76 2.10
N PRO C 50 -16.30 51.96 1.10
CA PRO C 50 -15.66 50.67 1.37
C PRO C 50 -14.27 50.84 1.96
N LEU C 51 -13.83 49.82 2.67
CA LEU C 51 -12.50 49.78 3.27
C LEU C 51 -11.55 49.07 2.31
N THR C 52 -10.51 49.77 1.89
CA THR C 52 -9.56 49.23 0.93
C THR C 52 -8.62 48.25 1.63
N VAL C 53 -8.60 47.01 1.15
CA VAL C 53 -7.73 45.96 1.68
C VAL C 53 -6.85 45.48 0.55
N TYR C 54 -5.53 45.57 0.74
CA TYR C 54 -4.56 45.15 -0.26
C TYR C 54 -4.14 43.72 0.05
N PHE C 55 -4.39 42.81 -0.89
CA PHE C 55 -4.10 41.40 -0.72
C PHE C 55 -2.94 41.01 -1.64
N SER C 56 -2.05 40.17 -1.13
CA SER C 56 -0.91 39.68 -1.90
C SER C 56 -0.65 38.23 -1.51
N LEU C 57 0.45 37.68 -2.00
CA LEU C 57 0.77 36.29 -1.77
C LEU C 57 2.26 36.08 -2.03
N SER C 58 2.83 35.09 -1.36
CA SER C 58 4.25 34.74 -1.53
C SER C 58 4.38 33.23 -1.53
N LEU C 59 4.71 32.66 -2.68
CA LEU C 59 4.89 31.21 -2.79
C LEU C 59 6.28 30.83 -2.28
N LEU C 60 6.31 29.90 -1.34
CA LEU C 60 7.56 29.48 -0.72
C LEU C 60 8.07 28.13 -1.24
N GLN C 61 7.18 27.21 -1.58
CA GLN C 61 7.54 25.94 -2.20
C GLN C 61 6.26 25.20 -2.56
N ILE C 62 6.37 24.30 -3.54
CA ILE C 62 5.28 23.41 -3.92
C ILE C 62 5.57 22.06 -3.29
N MET C 63 4.85 21.75 -2.20
CA MET C 63 5.14 20.55 -1.43
C MET C 63 4.83 19.29 -2.22
N ASP C 64 3.62 19.21 -2.79
CA ASP C 64 3.20 17.99 -3.47
C ASP C 64 2.03 18.31 -4.40
N VAL C 65 2.06 17.74 -5.60
CA VAL C 65 0.96 17.85 -6.56
C VAL C 65 0.42 16.44 -6.76
N ASP C 66 -0.68 16.13 -6.09
CA ASP C 66 -1.28 14.80 -6.19
C ASP C 66 -2.16 14.73 -7.44
N GLU C 67 -1.88 13.74 -8.29
CA GLU C 67 -2.66 13.60 -9.52
C GLU C 67 -3.95 12.84 -9.27
N LYS C 68 -3.94 11.84 -8.40
CA LYS C 68 -5.13 11.03 -8.16
C LYS C 68 -6.22 11.84 -7.49
N ASN C 69 -5.90 12.54 -6.41
CA ASN C 69 -6.89 13.33 -5.70
C ASN C 69 -7.05 14.74 -6.28
N GLN C 70 -6.20 15.13 -7.21
CA GLN C 70 -6.29 16.44 -7.88
C GLN C 70 -6.26 17.58 -6.87
N VAL C 71 -5.29 17.54 -5.96
CA VAL C 71 -5.07 18.59 -4.98
C VAL C 71 -3.69 19.19 -5.19
N LEU C 72 -3.46 20.34 -4.56
CA LEU C 72 -2.18 21.05 -4.66
C LEU C 72 -1.82 21.56 -3.27
N THR C 73 -0.82 20.94 -2.66
CA THR C 73 -0.37 21.31 -1.32
C THR C 73 0.83 22.26 -1.46
N THR C 74 0.64 23.50 -1.04
CA THR C 74 1.68 24.52 -1.12
C THR C 74 1.86 25.18 0.25
N ASN C 75 3.07 25.67 0.48
CA ASN C 75 3.41 26.43 1.68
C ASN C 75 3.63 27.88 1.23
N ILE C 76 2.70 28.76 1.60
CA ILE C 76 2.72 30.15 1.16
C ILE C 76 2.44 31.06 2.34
N TRP C 77 2.81 32.33 2.17
CA TRP C 77 2.45 33.39 3.09
C TRP C 77 1.39 34.29 2.46
N LEU C 78 0.70 35.02 3.32
CA LEU C 78 -0.32 35.98 2.90
C LEU C 78 0.07 37.38 3.37
N GLN C 79 -0.43 38.39 2.66
CA GLN C 79 -0.10 39.78 2.98
C GLN C 79 -1.39 40.59 2.90
N MET C 80 -2.01 40.82 4.06
CA MET C 80 -3.20 41.65 4.16
C MET C 80 -2.81 43.01 4.75
N SER C 81 -3.29 44.07 4.12
CA SER C 81 -2.87 45.42 4.51
C SER C 81 -4.07 46.35 4.38
N TRP C 82 -4.55 46.85 5.52
CA TRP C 82 -5.63 47.83 5.52
C TRP C 82 -5.31 48.94 6.52
N THR C 83 -6.28 49.82 6.77
CA THR C 83 -6.11 50.94 7.69
C THR C 83 -7.17 50.91 8.77
N ASP C 84 -6.82 51.43 9.94
CA ASP C 84 -7.71 51.48 11.09
C ASP C 84 -7.79 52.91 11.59
N HIS C 85 -9.01 53.44 11.69
CA HIS C 85 -9.20 54.82 12.14
C HIS C 85 -9.03 54.97 13.65
N TYR C 86 -9.39 53.94 14.41
CA TYR C 86 -9.37 54.05 15.87
C TYR C 86 -8.00 53.79 16.48
N LEU C 87 -7.17 52.97 15.86
CA LEU C 87 -5.85 52.65 16.39
C LEU C 87 -4.82 53.66 15.88
N GLN C 88 -4.97 54.89 16.37
CA GLN C 88 -4.10 55.99 15.98
C GLN C 88 -3.60 56.72 17.21
N TRP C 89 -2.34 57.14 17.17
CA TRP C 89 -1.75 57.93 18.24
C TRP C 89 -0.55 58.68 17.68
N ASN C 90 -0.08 59.67 18.45
CA ASN C 90 1.09 60.44 18.07
C ASN C 90 2.30 60.02 18.89
N VAL C 91 3.48 60.06 18.26
CA VAL C 91 4.71 59.64 18.91
C VAL C 91 5.20 60.64 19.95
N SER C 92 4.72 61.88 19.88
CA SER C 92 5.16 62.90 20.84
C SER C 92 4.79 62.52 22.27
N GLU C 93 3.57 62.01 22.46
CA GLU C 93 3.14 61.61 23.80
C GLU C 93 3.80 60.31 24.23
N TYR C 94 4.09 59.42 23.27
CA TYR C 94 4.73 58.15 23.58
C TYR C 94 6.06 58.09 22.84
N PRO C 95 7.13 58.65 23.42
CA PRO C 95 8.40 58.78 22.68
C PRO C 95 9.06 57.45 22.32
N GLY C 96 8.73 56.36 22.99
CA GLY C 96 9.45 55.12 22.80
C GLY C 96 8.83 54.16 21.81
N VAL C 97 7.51 54.00 21.87
CA VAL C 97 6.82 52.98 21.08
C VAL C 97 6.40 53.57 19.75
N LYS C 98 6.66 52.82 18.67
CA LYS C 98 6.20 53.19 17.34
C LYS C 98 5.36 52.10 16.68
N THR C 99 5.18 50.96 17.35
CA THR C 99 4.43 49.85 16.76
C THR C 99 3.91 48.97 17.90
N VAL C 100 2.63 48.62 17.82
CA VAL C 100 2.01 47.71 18.77
C VAL C 100 1.48 46.51 18.00
N ARG C 101 1.32 45.39 18.71
CA ARG C 101 0.92 44.13 18.09
C ARG C 101 -0.24 43.54 18.88
N PHE C 102 -1.34 43.25 18.19
CA PHE C 102 -2.52 42.65 18.79
C PHE C 102 -2.71 41.23 18.31
N PRO C 103 -3.04 40.29 19.20
CA PRO C 103 -3.23 38.90 18.78
C PRO C 103 -4.58 38.69 18.12
N ASP C 104 -4.88 37.43 17.78
CA ASP C 104 -6.14 37.10 17.12
C ASP C 104 -7.30 37.25 18.10
N GLY C 105 -8.34 37.97 17.68
CA GLY C 105 -9.54 38.11 18.47
C GLY C 105 -9.69 39.39 19.25
N GLN C 106 -8.77 40.35 19.09
CA GLN C 106 -8.86 41.62 19.81
C GLN C 106 -9.02 42.83 18.91
N ILE C 107 -8.72 42.71 17.61
CA ILE C 107 -8.93 43.79 16.66
C ILE C 107 -9.63 43.23 15.43
N TRP C 108 -10.24 44.12 14.66
CA TRP C 108 -10.97 43.70 13.46
C TRP C 108 -10.00 43.26 12.38
N LYS C 109 -10.26 42.09 11.80
CA LYS C 109 -9.48 41.58 10.69
C LYS C 109 -10.41 41.09 9.59
N PRO C 110 -10.03 41.23 8.33
CA PRO C 110 -10.85 40.71 7.24
C PRO C 110 -10.86 39.18 7.27
N ASP C 111 -11.93 38.61 6.70
CA ASP C 111 -12.13 37.17 6.68
C ASP C 111 -11.79 36.56 5.33
N ILE C 112 -10.74 37.09 4.68
CA ILE C 112 -10.33 36.55 3.39
C ILE C 112 -9.84 35.12 3.56
N LEU C 113 -10.36 34.22 2.74
CA LEU C 113 -10.02 32.81 2.84
C LEU C 113 -10.10 32.17 1.46
N LEU C 114 -9.39 31.05 1.31
CA LEU C 114 -9.37 30.33 0.05
C LEU C 114 -10.73 29.69 -0.22
N TYR C 115 -11.23 29.89 -1.44
CA TYR C 115 -12.53 29.33 -1.81
C TYR C 115 -12.47 27.83 -2.04
N ASN C 116 -11.42 27.34 -2.70
CA ASN C 116 -11.34 25.92 -3.03
C ASN C 116 -11.13 25.09 -1.78
N SER C 117 -9.98 25.27 -1.12
CA SER C 117 -9.67 24.70 0.20
C SER C 117 -10.12 23.24 0.31
N ALA C 118 -9.52 22.39 -0.52
CA ALA C 118 -9.83 20.98 -0.48
C ALA C 118 -9.18 20.30 0.71
N ASP C 119 -9.67 20.61 1.92
CA ASP C 119 -9.09 20.10 3.15
C ASP C 119 -10.14 20.14 4.26
N GLU C 120 -9.88 19.39 5.33
CA GLU C 120 -10.88 19.21 6.39
C GLU C 120 -11.24 20.54 7.03
N ARG C 121 -10.31 21.16 7.71
CA ARG C 121 -10.52 22.51 8.20
C ARG C 121 -10.26 23.51 7.07
N PHE C 122 -11.09 24.53 7.01
CA PHE C 122 -11.23 25.33 5.81
C PHE C 122 -10.35 26.57 5.78
N ASP C 123 -9.87 27.04 6.93
CA ASP C 123 -9.12 28.28 6.96
C ASP C 123 -7.66 28.08 6.56
N ALA C 124 -6.92 27.30 7.35
CA ALA C 124 -5.51 27.02 7.09
C ALA C 124 -4.69 28.30 6.97
N THR C 125 -4.69 29.09 8.05
CA THR C 125 -4.00 30.38 8.05
C THR C 125 -3.10 30.61 9.24
N PHE C 126 -3.27 29.88 10.35
CA PHE C 126 -2.42 30.00 11.53
C PHE C 126 -2.26 31.46 11.96
N HIS C 127 -3.38 32.01 12.43
CA HIS C 127 -3.42 33.41 12.84
C HIS C 127 -2.27 33.76 13.77
N THR C 128 -1.55 34.83 13.43
CA THR C 128 -0.42 35.33 14.21
C THR C 128 -0.71 36.75 14.69
N ASN C 129 0.31 37.40 15.25
CA ASN C 129 0.18 38.77 15.70
C ASN C 129 -0.04 39.69 14.50
N VAL C 130 -0.64 40.85 14.78
CA VAL C 130 -1.01 41.81 13.74
C VAL C 130 -0.24 43.09 14.02
N LEU C 131 0.62 43.49 13.08
CA LEU C 131 1.39 44.72 13.23
C LEU C 131 0.49 45.94 13.10
N VAL C 132 0.76 46.95 13.92
CA VAL C 132 -0.01 48.20 13.90
C VAL C 132 0.97 49.36 13.76
N ASN C 133 0.66 50.27 12.83
CA ASN C 133 1.50 51.41 12.48
C ASN C 133 1.46 52.45 13.59
N SER C 134 2.18 53.55 13.40
CA SER C 134 1.98 54.72 14.25
C SER C 134 0.88 55.64 13.73
N SER C 135 0.34 55.37 12.55
CA SER C 135 -0.72 56.17 11.95
C SER C 135 -2.00 55.38 11.69
N GLY C 136 -2.08 54.12 12.11
CA GLY C 136 -3.27 53.32 11.94
C GLY C 136 -3.20 52.28 10.85
N HIS C 137 -2.20 52.34 9.96
CA HIS C 137 -2.08 51.35 8.91
CA HIS C 137 -2.06 51.35 8.90
C HIS C 137 -1.78 49.97 9.50
N CYS C 138 -2.49 48.96 9.01
CA CYS C 138 -2.42 47.63 9.60
C CYS C 138 -1.82 46.65 8.61
N GLN C 139 -0.93 45.80 9.11
CA GLN C 139 -0.28 44.77 8.32
C GLN C 139 -0.47 43.43 9.00
N TYR C 140 -0.69 42.38 8.20
CA TYR C 140 -1.00 41.06 8.72
C TYR C 140 -0.39 40.01 7.79
N LEU C 141 0.47 39.14 8.33
CA LEU C 141 1.25 38.20 7.54
C LEU C 141 1.08 36.79 8.11
N PRO C 142 -0.01 36.11 7.76
CA PRO C 142 -0.25 34.76 8.29
C PRO C 142 0.39 33.70 7.41
N PRO C 143 1.15 32.78 7.99
CA PRO C 143 1.65 31.63 7.24
C PRO C 143 0.72 30.44 7.33
N GLY C 144 0.70 29.65 6.27
CA GLY C 144 -0.15 28.47 6.25
C GLY C 144 0.20 27.56 5.09
N ILE C 145 -0.22 26.31 5.24
CA ILE C 145 -0.07 25.29 4.20
C ILE C 145 -1.46 25.04 3.61
N PHE C 146 -1.63 25.40 2.34
CA PHE C 146 -2.93 25.37 1.69
C PHE C 146 -3.03 24.16 0.76
N LYS C 147 -4.17 23.47 0.83
CA LYS C 147 -4.47 22.34 -0.03
C LYS C 147 -5.67 22.71 -0.89
N SER C 148 -5.39 23.36 -2.03
CA SER C 148 -6.43 23.77 -2.95
C SER C 148 -6.76 22.64 -3.93
N SER C 149 -7.93 22.74 -4.54
CA SER C 149 -8.40 21.76 -5.51
C SER C 149 -8.32 22.38 -6.91
N CYS C 150 -7.37 21.90 -7.70
CA CYS C 150 -7.24 22.30 -9.09
C CYS C 150 -7.40 21.07 -9.99
N TYR C 151 -7.64 21.33 -11.27
CA TYR C 151 -7.94 20.28 -12.22
C TYR C 151 -6.66 19.83 -12.92
N ILE C 152 -6.23 18.60 -12.61
CA ILE C 152 -5.03 18.03 -13.19
C ILE C 152 -5.39 17.39 -14.53
N ASP C 153 -4.78 17.89 -15.60
CA ASP C 153 -5.05 17.42 -16.95
C ASP C 153 -3.98 16.38 -17.31
N VAL C 154 -4.36 15.11 -17.28
CA VAL C 154 -3.43 14.02 -17.64
C VAL C 154 -3.57 13.82 -19.15
N ARG C 155 -2.88 14.66 -19.89
CA ARG C 155 -2.79 14.54 -21.34
C ARG C 155 -1.41 15.04 -21.73
N TRP C 156 -0.69 14.26 -22.53
CA TRP C 156 0.75 14.41 -22.70
C TRP C 156 1.42 14.37 -21.33
N PHE C 157 1.13 13.29 -20.60
CA PHE C 157 1.41 13.25 -19.16
C PHE C 157 2.88 13.52 -18.82
N PRO C 158 3.87 12.87 -19.43
CA PRO C 158 5.26 13.20 -19.09
C PRO C 158 5.67 14.60 -19.50
N PHE C 159 4.94 15.25 -20.42
CA PHE C 159 5.32 16.54 -20.97
C PHE C 159 4.17 17.53 -20.85
N ASP C 160 3.55 17.62 -19.67
CA ASP C 160 2.37 18.44 -19.46
C ASP C 160 2.71 19.67 -18.62
N VAL C 161 1.92 20.72 -18.82
CA VAL C 161 2.01 21.95 -18.04
C VAL C 161 0.67 22.17 -17.35
N GLN C 162 0.70 22.38 -16.05
CA GLN C 162 -0.51 22.50 -15.24
C GLN C 162 -0.77 23.95 -14.86
N HIS C 163 -2.05 24.30 -14.78
CA HIS C 163 -2.48 25.63 -14.35
C HIS C 163 -3.47 25.45 -13.21
N CYS C 164 -3.01 25.63 -11.98
CA CYS C 164 -3.84 25.49 -10.79
C CYS C 164 -4.21 26.87 -10.26
N LYS C 165 -5.50 27.05 -9.97
CA LYS C 165 -6.01 28.33 -9.51
C LYS C 165 -5.98 28.43 -7.99
N LEU C 166 -5.90 29.66 -7.49
CA LEU C 166 -5.97 29.97 -6.07
C LEU C 166 -6.91 31.15 -5.90
N LYS C 167 -8.16 30.87 -5.56
CA LYS C 167 -9.21 31.89 -5.50
C LYS C 167 -9.36 32.39 -4.07
N PHE C 168 -8.95 33.63 -3.83
CA PHE C 168 -9.03 34.26 -2.53
C PHE C 168 -10.02 35.41 -2.56
N GLY C 169 -10.80 35.54 -1.49
CA GLY C 169 -11.76 36.62 -1.40
C GLY C 169 -12.48 36.59 -0.07
N SER C 170 -13.08 37.73 0.27
CA SER C 170 -13.84 37.84 1.49
C SER C 170 -15.10 36.98 1.43
N TRP C 171 -15.52 36.46 2.59
CA TRP C 171 -16.66 35.56 2.65
C TRP C 171 -17.94 36.23 3.12
N SER C 172 -17.85 37.35 3.84
CA SER C 172 -19.03 38.00 4.38
C SER C 172 -19.18 39.48 4.01
N TYR C 173 -18.12 40.14 3.55
CA TYR C 173 -18.18 41.54 3.17
C TYR C 173 -18.22 41.66 1.66
N GLY C 174 -19.16 42.47 1.16
CA GLY C 174 -19.32 42.69 -0.26
C GLY C 174 -18.42 43.80 -0.78
N GLY C 175 -18.67 44.18 -2.04
CA GLY C 175 -17.88 45.22 -2.66
C GLY C 175 -18.13 46.61 -2.12
N TRP C 176 -19.28 46.82 -1.47
CA TRP C 176 -19.60 48.13 -0.91
C TRP C 176 -19.02 48.33 0.48
N SER C 177 -18.45 47.29 1.10
CA SER C 177 -17.91 47.38 2.45
C SER C 177 -16.41 47.12 2.49
N LEU C 178 -15.92 46.11 1.78
CA LEU C 178 -14.51 45.75 1.77
C LEU C 178 -14.04 45.77 0.31
N ASP C 179 -13.43 46.89 -0.10
CA ASP C 179 -12.91 47.04 -1.45
C ASP C 179 -11.57 46.30 -1.52
N LEU C 180 -11.62 45.04 -1.94
CA LEU C 180 -10.43 44.22 -1.99
C LEU C 180 -9.61 44.54 -3.24
N GLN C 181 -8.42 45.08 -3.04
CA GLN C 181 -7.48 45.35 -4.13
C GLN C 181 -6.54 44.16 -4.29
N MET C 182 -5.53 44.30 -5.14
CA MET C 182 -4.59 43.22 -5.37
C MET C 182 -3.20 43.79 -5.62
N GLN C 183 -2.18 43.04 -5.21
CA GLN C 183 -0.80 43.34 -5.51
C GLN C 183 -0.14 42.10 -6.11
N GLU C 184 0.91 42.32 -6.89
CA GLU C 184 1.56 41.24 -7.61
C GLU C 184 2.16 40.23 -6.64
N ALA C 185 2.10 38.96 -7.03
CA ALA C 185 2.66 37.90 -6.21
C ALA C 185 4.18 38.01 -6.13
N ASP C 186 4.73 37.54 -5.02
CA ASP C 186 6.16 37.63 -4.76
C ASP C 186 6.75 36.23 -4.74
N ILE C 187 7.84 36.04 -5.50
CA ILE C 187 8.52 34.76 -5.55
C ILE C 187 9.99 34.95 -5.20
N SER C 188 10.28 35.98 -4.41
CA SER C 188 11.66 36.23 -3.97
C SER C 188 12.05 35.20 -2.92
N GLY C 189 12.56 34.05 -3.39
CA GLY C 189 12.81 32.92 -2.51
C GLY C 189 11.78 31.83 -2.75
N TYR C 190 12.13 30.81 -3.52
CA TYR C 190 11.17 29.81 -3.96
C TYR C 190 11.55 28.38 -3.60
N ILE C 191 12.82 28.08 -3.38
CA ILE C 191 13.27 26.73 -2.99
C ILE C 191 12.73 25.73 -4.02
N PRO C 192 13.33 25.64 -5.21
CA PRO C 192 12.73 24.86 -6.30
C PRO C 192 12.44 23.42 -5.88
N ASN C 193 11.28 22.93 -6.33
CA ASN C 193 10.78 21.62 -5.90
C ASN C 193 11.62 20.48 -6.47
N GLY C 194 12.24 20.67 -7.61
CA GLY C 194 13.00 19.60 -8.25
C GLY C 194 12.22 18.79 -9.26
N GLU C 195 10.99 18.40 -8.92
CA GLU C 195 10.14 17.67 -9.84
C GLU C 195 9.34 18.60 -10.75
N TRP C 196 8.82 19.70 -10.20
CA TRP C 196 8.02 20.66 -10.95
C TRP C 196 8.82 21.94 -11.16
N ASP C 197 8.83 22.42 -12.40
CA ASP C 197 9.52 23.65 -12.77
C ASP C 197 8.49 24.78 -12.83
N LEU C 198 8.64 25.76 -11.95
CA LEU C 198 7.70 26.87 -11.91
C LEU C 198 7.91 27.79 -13.10
N VAL C 199 6.83 28.13 -13.79
CA VAL C 199 6.87 29.05 -14.92
C VAL C 199 6.53 30.48 -14.49
N GLY C 200 5.47 30.63 -13.71
CA GLY C 200 5.09 31.94 -13.21
C GLY C 200 3.85 31.82 -12.37
N ILE C 201 3.42 32.96 -11.84
CA ILE C 201 2.20 33.01 -11.03
C ILE C 201 1.52 34.36 -11.25
N PRO C 202 0.77 34.53 -12.34
CA PRO C 202 0.03 35.76 -12.54
C PRO C 202 -1.26 35.78 -11.73
N GLY C 203 -1.79 36.99 -11.54
CA GLY C 203 -2.97 37.18 -10.72
C GLY C 203 -3.95 38.15 -11.34
N LYS C 204 -5.19 38.05 -10.88
CA LYS C 204 -6.27 38.89 -11.37
C LYS C 204 -7.11 39.34 -10.18
N ARG C 205 -7.84 40.43 -10.34
CA ARG C 205 -8.96 40.78 -9.48
C ARG C 205 -10.22 40.89 -10.33
N SER C 206 -11.27 40.17 -9.94
CA SER C 206 -12.56 40.27 -10.61
C SER C 206 -13.68 40.29 -9.58
N GLU C 207 -14.79 40.91 -9.96
CA GLU C 207 -15.97 41.00 -9.10
C GLU C 207 -17.15 40.34 -9.80
N ARG C 208 -17.81 39.42 -9.11
CA ARG C 208 -18.91 38.64 -9.65
C ARG C 208 -20.19 38.89 -8.87
N PHE C 209 -21.27 38.22 -9.29
CA PHE C 209 -22.56 38.28 -8.62
C PHE C 209 -22.98 36.88 -8.21
N TYR C 210 -23.71 36.79 -7.11
CA TYR C 210 -24.14 35.51 -6.56
C TYR C 210 -25.63 35.54 -6.28
N GLU C 211 -26.18 34.36 -5.96
CA GLU C 211 -27.62 34.22 -5.75
C GLU C 211 -28.09 34.80 -4.43
N CYS C 212 -27.22 34.88 -3.41
CA CYS C 212 -27.63 35.42 -2.12
C CYS C 212 -28.01 36.88 -2.23
N CYS C 213 -27.15 37.67 -2.88
CA CYS C 213 -27.10 39.09 -2.63
C CYS C 213 -26.89 39.84 -3.94
N LYS C 214 -27.28 41.12 -3.93
CA LYS C 214 -27.06 42.02 -5.05
C LYS C 214 -25.70 42.71 -4.99
N GLU C 215 -25.03 42.66 -3.85
CA GLU C 215 -23.70 43.25 -3.73
C GLU C 215 -22.69 42.43 -4.53
N PRO C 216 -21.90 43.04 -5.40
CA PRO C 216 -20.80 42.31 -6.04
C PRO C 216 -19.76 41.90 -5.01
N TYR C 217 -19.15 40.74 -5.24
CA TYR C 217 -18.13 40.21 -4.33
C TYR C 217 -16.80 40.12 -5.08
N PRO C 218 -15.94 41.13 -4.96
CA PRO C 218 -14.63 41.05 -5.60
C PRO C 218 -13.76 39.97 -4.98
N ASP C 219 -12.89 39.39 -5.80
CA ASP C 219 -11.96 38.37 -5.35
C ASP C 219 -10.72 38.43 -6.21
N VAL C 220 -9.65 37.83 -5.71
CA VAL C 220 -8.36 37.78 -6.40
C VAL C 220 -7.99 36.32 -6.64
N THR C 221 -7.62 36.00 -7.87
CA THR C 221 -7.27 34.64 -8.26
C THR C 221 -5.82 34.61 -8.74
N PHE C 222 -5.02 33.76 -8.13
CA PHE C 222 -3.62 33.57 -8.51
C PHE C 222 -3.49 32.22 -9.21
N THR C 223 -3.12 32.25 -10.50
CA THR C 223 -2.95 31.03 -11.28
C THR C 223 -1.50 30.58 -11.20
N VAL C 224 -1.29 29.38 -10.66
CA VAL C 224 0.04 28.81 -10.51
C VAL C 224 0.33 27.97 -11.76
N THR C 225 1.24 28.46 -12.60
CA THR C 225 1.64 27.77 -13.81
C THR C 225 2.97 27.07 -13.57
N MET C 226 3.02 25.77 -13.81
CA MET C 226 4.18 24.96 -13.50
C MET C 226 4.35 23.88 -14.55
N ARG C 227 5.60 23.57 -14.87
CA ARG C 227 5.94 22.57 -15.86
C ARG C 227 6.63 21.38 -15.20
N ARG C 228 6.22 20.18 -15.56
CA ARG C 228 6.80 18.97 -14.98
C ARG C 228 8.11 18.64 -15.67
N ARG C 229 9.16 18.42 -14.88
CA ARG C 229 10.43 17.94 -15.39
C ARG C 229 10.31 16.47 -15.74
N THR C 230 10.71 16.11 -16.97
CA THR C 230 10.44 14.78 -17.53
C THR C 230 11.69 13.91 -17.57
N LEU C 231 12.72 14.27 -16.80
CA LEU C 231 13.92 13.45 -16.74
C LEU C 231 13.69 12.17 -15.96
N TYR C 232 12.87 12.22 -14.92
CA TYR C 232 12.70 11.06 -14.04
C TYR C 232 11.87 9.97 -14.71
N TYR C 233 10.62 10.30 -15.08
CA TYR C 233 9.73 9.32 -15.69
C TYR C 233 10.29 8.78 -17.01
N GLY C 234 10.81 9.65 -17.88
CA GLY C 234 11.36 9.20 -19.16
C GLY C 234 12.56 8.30 -19.02
N LEU C 235 13.22 8.30 -17.86
CA LEU C 235 14.30 7.38 -17.57
C LEU C 235 13.84 6.11 -16.87
N ASN C 236 12.67 6.15 -16.22
CA ASN C 236 12.15 5.01 -15.48
C ASN C 236 10.93 4.38 -16.12
N LEU C 237 10.31 5.03 -17.10
CA LEU C 237 9.12 4.48 -17.76
C LEU C 237 9.25 4.41 -19.27
N LEU C 238 9.91 5.39 -19.89
CA LEU C 238 9.99 5.43 -21.35
C LEU C 238 11.18 4.65 -21.89
N ILE C 239 12.38 4.94 -21.42
CA ILE C 239 13.59 4.26 -21.89
C ILE C 239 13.55 2.77 -21.59
N PRO C 240 13.24 2.32 -20.37
CA PRO C 240 13.17 0.87 -20.15
C PRO C 240 12.11 0.18 -20.99
N CYS C 241 11.00 0.85 -21.28
CA CYS C 241 9.98 0.24 -22.11
C CYS C 241 10.47 0.01 -23.54
N VAL C 242 11.23 0.96 -24.09
CA VAL C 242 11.75 0.81 -25.44
C VAL C 242 12.73 -0.36 -25.50
N LEU C 243 13.66 -0.42 -24.54
CA LEU C 243 14.68 -1.46 -24.56
C LEU C 243 14.09 -2.85 -24.34
N ILE C 244 13.16 -2.98 -23.38
CA ILE C 244 12.56 -4.29 -23.12
C ILE C 244 11.69 -4.73 -24.30
N SER C 245 10.93 -3.82 -24.89
CA SER C 245 10.12 -4.18 -26.06
C SER C 245 10.98 -4.56 -27.26
N ALA C 246 12.24 -4.13 -27.29
CA ALA C 246 13.15 -4.53 -28.37
C ALA C 246 13.52 -6.01 -28.29
N LEU C 247 13.39 -6.64 -27.13
CA LEU C 247 13.65 -8.07 -27.02
C LEU C 247 12.57 -8.91 -27.67
N ALA C 248 11.36 -8.38 -27.84
CA ALA C 248 10.32 -9.08 -28.59
C ALA C 248 10.66 -9.19 -30.07
N LEU C 249 11.42 -8.23 -30.60
CA LEU C 249 11.90 -8.31 -31.98
C LEU C 249 13.01 -9.35 -32.15
N LEU C 250 13.58 -9.82 -31.05
CA LEU C 250 14.63 -10.83 -31.09
C LEU C 250 14.09 -12.24 -31.32
N VAL C 251 12.79 -12.43 -31.23
CA VAL C 251 12.20 -13.74 -31.48
C VAL C 251 12.42 -14.17 -32.93
N PHE C 252 12.41 -13.22 -33.86
CA PHE C 252 12.56 -13.51 -35.27
C PHE C 252 13.98 -13.92 -35.65
N LEU C 253 14.94 -13.82 -34.73
CA LEU C 253 16.29 -14.29 -34.97
C LEU C 253 16.57 -15.68 -34.42
N LEU C 254 15.73 -16.18 -33.52
CA LEU C 254 15.90 -17.53 -33.00
C LEU C 254 15.63 -18.56 -34.09
N PRO C 255 16.49 -19.57 -34.23
CA PRO C 255 16.14 -20.71 -35.10
C PRO C 255 14.97 -21.48 -34.51
N ALA C 256 14.14 -22.03 -35.40
CA ALA C 256 12.95 -22.74 -34.95
C ALA C 256 13.25 -24.06 -34.28
N ASP C 257 14.47 -24.61 -34.48
CA ASP C 257 14.81 -25.87 -33.85
C ASP C 257 14.85 -25.74 -32.33
N SER C 258 15.38 -24.66 -31.82
CA SER C 258 15.34 -24.44 -30.37
C SER C 258 13.91 -24.08 -29.97
N GLY C 259 13.26 -24.96 -29.23
CA GLY C 259 11.87 -24.75 -28.87
C GLY C 259 11.69 -23.69 -27.82
N GLU C 260 12.04 -22.44 -28.16
CA GLU C 260 11.97 -21.34 -27.21
C GLU C 260 11.41 -20.06 -27.85
N LYS C 261 10.86 -20.14 -29.06
CA LYS C 261 10.32 -18.95 -29.70
C LYS C 261 9.09 -18.43 -28.96
N ILE C 262 8.16 -19.33 -28.63
CA ILE C 262 6.99 -18.93 -27.88
C ILE C 262 7.37 -18.57 -26.45
N SER C 263 8.33 -19.32 -25.83
CA SER C 263 8.74 -19.04 -24.46
C SER C 263 9.42 -17.69 -24.30
N LEU C 264 9.87 -17.07 -25.39
CA LEU C 264 10.48 -15.75 -25.35
C LEU C 264 9.47 -14.64 -25.66
N GLY C 265 8.63 -14.83 -26.68
CA GLY C 265 7.64 -13.81 -27.00
C GLY C 265 6.59 -13.64 -25.93
N ILE C 266 6.12 -14.76 -25.37
CA ILE C 266 5.04 -14.70 -24.39
C ILE C 266 5.57 -14.24 -23.04
N THR C 267 6.87 -14.46 -22.76
CA THR C 267 7.43 -14.01 -21.49
C THR C 267 7.59 -12.51 -21.45
N VAL C 268 8.10 -11.91 -22.53
CA VAL C 268 8.28 -10.46 -22.57
C VAL C 268 6.93 -9.75 -22.55
N LEU C 269 5.96 -10.26 -23.32
CA LEU C 269 4.67 -9.59 -23.43
C LEU C 269 3.94 -9.54 -22.08
N LEU C 270 3.85 -10.68 -21.41
CA LEU C 270 3.10 -10.75 -20.16
C LEU C 270 3.85 -10.15 -18.98
N SER C 271 5.17 -9.95 -19.10
CA SER C 271 5.96 -9.32 -18.05
C SER C 271 6.13 -7.81 -18.24
N LEU C 272 5.79 -7.27 -19.42
CA LEU C 272 5.85 -5.83 -19.64
C LEU C 272 4.63 -5.13 -19.05
N THR C 273 3.64 -5.87 -18.58
CA THR C 273 2.44 -5.32 -17.97
C THR C 273 2.73 -4.52 -16.70
N VAL C 274 3.87 -4.78 -16.05
CA VAL C 274 4.17 -4.14 -14.77
C VAL C 274 4.27 -2.63 -14.93
N PHE C 275 4.59 -2.13 -16.13
CA PHE C 275 4.72 -0.70 -16.33
C PHE C 275 3.38 0.00 -16.12
N MET C 276 2.30 -0.53 -16.69
CA MET C 276 1.00 0.13 -16.55
C MET C 276 0.46 -0.01 -15.13
N LEU C 277 0.83 -1.07 -14.42
CA LEU C 277 0.49 -1.15 -13.00
C LEU C 277 1.14 0.00 -12.23
N LEU C 278 2.32 0.42 -12.66
CA LEU C 278 2.94 1.61 -12.08
C LEU C 278 2.20 2.87 -12.51
N VAL C 279 1.80 2.95 -13.78
CA VAL C 279 1.07 4.11 -14.28
C VAL C 279 -0.31 4.20 -13.64
N ALA C 280 -0.96 3.05 -13.39
CA ALA C 280 -2.27 3.07 -12.75
C ALA C 280 -2.21 3.65 -11.34
N GLU C 281 -1.06 3.59 -10.68
CA GLU C 281 -0.87 4.19 -9.37
C GLU C 281 -0.64 5.69 -9.44
N ILE C 282 -0.45 6.25 -10.64
CA ILE C 282 -0.23 7.67 -10.80
C ILE C 282 -1.40 8.36 -11.50
N MET C 283 -2.04 7.71 -12.46
CA MET C 283 -3.12 8.35 -13.22
C MET C 283 -4.39 8.44 -12.37
N PRO C 284 -5.01 9.60 -12.29
CA PRO C 284 -6.38 9.66 -11.75
C PRO C 284 -7.33 8.92 -12.68
N ALA C 285 -8.37 8.33 -12.08
CA ALA C 285 -9.33 7.53 -12.84
C ALA C 285 -10.34 8.45 -13.55
N THR C 286 -9.80 9.35 -14.37
CA THR C 286 -10.62 10.32 -15.09
C THR C 286 -10.89 9.81 -16.51
N SER C 287 -12.17 9.69 -16.85
CA SER C 287 -12.59 9.26 -18.17
C SER C 287 -12.80 10.45 -19.11
N ASP C 288 -11.80 11.31 -19.20
CA ASP C 288 -11.89 12.52 -20.00
C ASP C 288 -10.85 12.61 -21.10
N SER C 289 -9.61 12.19 -20.86
CA SER C 289 -8.56 12.23 -21.87
C SER C 289 -7.59 11.10 -21.65
N VAL C 290 -7.22 10.40 -22.72
CA VAL C 290 -6.28 9.30 -22.64
C VAL C 290 -4.87 9.85 -22.53
N PRO C 291 -4.12 9.47 -21.50
CA PRO C 291 -2.74 9.97 -21.38
C PRO C 291 -1.87 9.48 -22.53
N LEU C 292 -0.88 10.31 -22.89
CA LEU C 292 0.03 9.93 -23.96
C LEU C 292 0.85 8.70 -23.59
N ILE C 293 1.30 8.63 -22.33
CA ILE C 293 2.08 7.47 -21.91
C ILE C 293 1.23 6.21 -21.95
N ALA C 294 -0.10 6.34 -21.82
CA ALA C 294 -0.97 5.18 -21.95
C ALA C 294 -1.08 4.75 -23.41
N GLN C 295 -1.19 5.72 -24.33
CA GLN C 295 -1.22 5.38 -25.75
C GLN C 295 0.07 4.72 -26.20
N TYR C 296 1.21 5.24 -25.74
CA TYR C 296 2.50 4.67 -26.13
C TYR C 296 2.71 3.29 -25.50
N PHE C 297 2.26 3.09 -24.27
CA PHE C 297 2.32 1.77 -23.65
C PHE C 297 1.35 0.81 -24.33
N ALA C 298 0.17 1.30 -24.72
CA ALA C 298 -0.77 0.45 -25.45
C ALA C 298 -0.22 0.08 -26.82
N SER C 299 0.46 1.02 -27.49
CA SER C 299 1.01 0.74 -28.81
C SER C 299 2.08 -0.33 -28.76
N THR C 300 2.94 -0.31 -27.74
CA THR C 300 4.02 -1.28 -27.66
C THR C 300 3.55 -2.66 -27.21
N MET C 301 2.35 -2.78 -26.63
CA MET C 301 1.75 -4.10 -26.42
C MET C 301 1.22 -4.74 -27.68
N ILE C 302 0.56 -3.99 -28.55
CA ILE C 302 0.02 -4.58 -29.77
C ILE C 302 1.14 -5.07 -30.67
N ILE C 303 2.23 -4.29 -30.77
CA ILE C 303 3.37 -4.69 -31.59
C ILE C 303 3.96 -6.00 -31.06
N VAL C 304 4.15 -6.09 -29.75
CA VAL C 304 4.66 -7.33 -29.17
C VAL C 304 3.61 -8.44 -29.28
N GLY C 305 2.33 -8.09 -29.08
CA GLY C 305 1.28 -9.09 -29.21
C GLY C 305 1.17 -9.66 -30.60
N LEU C 306 1.32 -8.80 -31.62
CA LEU C 306 1.29 -9.28 -33.00
C LEU C 306 2.49 -10.14 -33.34
N SER C 307 3.62 -9.96 -32.65
CA SER C 307 4.79 -10.80 -32.88
C SER C 307 4.50 -12.25 -32.52
N VAL C 308 3.78 -12.48 -31.42
CA VAL C 308 3.43 -13.84 -31.03
C VAL C 308 2.49 -14.47 -32.06
N VAL C 309 1.55 -13.68 -32.60
CA VAL C 309 0.65 -14.19 -33.62
C VAL C 309 1.44 -14.59 -34.87
N VAL C 310 2.39 -13.76 -35.28
CA VAL C 310 3.21 -14.08 -36.45
C VAL C 310 4.10 -15.28 -36.17
N THR C 311 4.62 -15.39 -34.94
CA THR C 311 5.48 -16.51 -34.60
C THR C 311 4.74 -17.84 -34.74
N VAL C 312 3.47 -17.88 -34.35
CA VAL C 312 2.68 -19.09 -34.50
C VAL C 312 2.51 -19.44 -35.98
N ILE C 313 2.33 -18.43 -36.83
CA ILE C 313 2.23 -18.66 -38.25
C ILE C 313 3.52 -19.26 -38.80
N VAL C 314 4.67 -18.82 -38.27
CA VAL C 314 5.95 -19.39 -38.70
C VAL C 314 6.06 -20.84 -38.26
N LEU C 315 5.68 -21.13 -37.01
CA LEU C 315 5.90 -22.48 -36.46
C LEU C 315 5.09 -23.53 -37.20
N GLN C 316 3.92 -23.18 -37.74
CA GLN C 316 3.14 -24.14 -38.50
C GLN C 316 3.66 -24.32 -39.92
N TYR C 317 4.52 -23.44 -40.40
CA TYR C 317 5.24 -23.69 -41.64
C TYR C 317 6.45 -24.57 -41.42
N HIS C 318 7.05 -24.53 -40.24
CA HIS C 318 8.22 -25.34 -39.95
C HIS C 318 7.84 -26.82 -39.82
N HIS C 319 6.93 -27.13 -38.90
CA HIS C 319 6.44 -28.50 -38.71
C HIS C 319 5.21 -28.72 -39.58
N HIS C 320 5.42 -28.65 -40.90
CA HIS C 320 4.31 -28.74 -41.83
C HIS C 320 3.83 -30.17 -42.07
N ASP C 321 4.59 -31.17 -41.63
CA ASP C 321 4.21 -32.58 -41.80
C ASP C 321 3.91 -32.88 -43.26
N PRO C 322 4.93 -33.02 -44.11
CA PRO C 322 4.68 -33.16 -45.55
C PRO C 322 3.96 -34.46 -45.88
N ASP C 323 3.69 -34.63 -47.18
CA ASP C 323 2.80 -35.69 -47.68
C ASP C 323 1.39 -35.52 -47.13
N GLY C 324 1.02 -34.29 -46.79
CA GLY C 324 -0.31 -33.96 -46.33
C GLY C 324 -0.77 -32.63 -46.89
N GLY C 325 -0.12 -32.19 -47.95
CA GLY C 325 -0.44 -30.93 -48.58
C GLY C 325 0.67 -30.51 -49.52
N LYS C 326 0.41 -29.42 -50.24
CA LYS C 326 1.38 -28.89 -51.20
C LYS C 326 1.21 -27.38 -51.28
N MET C 327 2.26 -26.72 -51.74
CA MET C 327 2.23 -25.27 -51.88
C MET C 327 1.24 -24.87 -52.97
N PRO C 328 0.38 -23.88 -52.73
CA PRO C 328 -0.66 -23.54 -53.72
C PRO C 328 -0.14 -22.74 -54.90
N LYS C 329 1.19 -22.71 -55.06
CA LYS C 329 1.85 -22.02 -56.17
C LYS C 329 1.69 -20.50 -56.07
N TRP C 330 1.05 -20.02 -55.01
CA TRP C 330 0.96 -18.59 -54.74
C TRP C 330 2.04 -18.12 -53.78
N THR C 331 2.27 -18.89 -52.70
CA THR C 331 3.43 -18.69 -51.86
C THR C 331 4.70 -19.25 -52.48
N ARG C 332 4.57 -20.02 -53.57
CA ARG C 332 5.73 -20.54 -54.28
C ARG C 332 6.51 -19.42 -54.95
N VAL C 333 5.81 -18.38 -55.40
CA VAL C 333 6.45 -17.27 -56.11
C VAL C 333 6.70 -16.08 -55.22
N ILE C 334 5.96 -15.95 -54.11
CA ILE C 334 6.10 -14.78 -53.25
C ILE C 334 7.27 -14.96 -52.29
N LEU C 335 7.21 -15.99 -51.45
CA LEU C 335 8.22 -16.16 -50.41
C LEU C 335 9.41 -16.99 -50.87
N LEU C 336 9.36 -17.57 -52.06
CA LEU C 336 10.46 -18.37 -52.58
C LEU C 336 11.13 -17.79 -53.82
N ASN C 337 10.47 -16.88 -54.54
CA ASN C 337 11.03 -16.31 -55.76
C ASN C 337 11.27 -14.82 -55.68
N TRP C 338 10.32 -14.05 -55.14
CA TRP C 338 10.47 -12.60 -55.05
C TRP C 338 11.12 -12.18 -53.74
N CYS C 339 10.51 -12.54 -52.61
CA CYS C 339 11.06 -12.17 -51.31
C CYS C 339 12.36 -12.87 -50.99
N ALA C 340 12.59 -14.05 -51.57
CA ALA C 340 13.83 -14.78 -51.30
C ALA C 340 15.04 -14.09 -51.90
N TRP C 341 14.86 -13.38 -53.03
CA TRP C 341 15.97 -12.73 -53.71
C TRP C 341 16.17 -11.31 -53.24
N PHE C 342 15.09 -10.56 -53.00
CA PHE C 342 15.22 -9.19 -52.52
C PHE C 342 15.84 -9.15 -51.13
N LEU C 343 15.43 -10.06 -50.25
CA LEU C 343 16.10 -10.25 -48.97
C LEU C 343 17.48 -10.85 -49.10
N ARG C 344 17.81 -11.42 -50.27
CA ARG C 344 19.14 -11.96 -50.56
C ARG C 344 19.53 -13.07 -49.57
N MET C 345 18.76 -14.16 -49.63
CA MET C 345 19.03 -15.32 -48.79
C MET C 345 19.50 -16.55 -49.56
N LYS C 346 19.19 -16.64 -50.85
CA LYS C 346 19.72 -17.66 -51.76
C LYS C 346 19.44 -19.08 -51.25
N ARG C 347 18.15 -19.39 -51.15
CA ARG C 347 17.69 -20.74 -50.77
C ARG C 347 18.30 -21.21 -49.45
N ASP C 432 19.00 -68.31 -56.73
CA ASP C 432 18.02 -67.61 -55.92
C ASP C 432 18.40 -66.15 -55.74
N LEU C 433 19.20 -65.63 -56.66
CA LEU C 433 19.62 -64.23 -56.60
C LEU C 433 18.46 -63.28 -56.86
N ALA C 434 17.42 -63.73 -57.55
CA ALA C 434 16.27 -62.86 -57.82
C ALA C 434 15.58 -62.45 -56.53
N LYS C 435 15.43 -63.40 -55.60
CA LYS C 435 14.80 -63.08 -54.31
C LYS C 435 15.63 -62.07 -53.54
N ILE C 436 16.96 -62.23 -53.54
CA ILE C 436 17.83 -61.26 -52.87
C ILE C 436 17.76 -59.91 -53.56
N LEU C 437 17.70 -59.92 -54.90
CA LEU C 437 17.66 -58.68 -55.66
C LEU C 437 16.42 -57.87 -55.33
N GLU C 438 15.28 -58.53 -55.17
CA GLU C 438 14.04 -57.82 -54.87
C GLU C 438 14.10 -57.15 -53.50
N GLU C 439 14.70 -57.81 -52.51
CA GLU C 439 14.73 -57.25 -51.16
C GLU C 439 15.62 -56.03 -51.08
N VAL C 440 16.83 -56.10 -51.66
CA VAL C 440 17.75 -54.97 -51.62
C VAL C 440 17.20 -53.81 -52.44
N ARG C 441 16.48 -54.10 -53.52
CA ARG C 441 15.84 -53.04 -54.30
C ARG C 441 14.79 -52.30 -53.48
N TYR C 442 14.04 -53.03 -52.66
CA TYR C 442 13.05 -52.39 -51.79
C TYR C 442 13.71 -51.46 -50.78
N ILE C 443 14.84 -51.88 -50.21
CA ILE C 443 15.53 -51.05 -49.23
C ILE C 443 16.00 -49.74 -49.86
N ALA C 444 16.57 -49.84 -51.07
CA ALA C 444 16.99 -48.63 -51.77
C ALA C 444 15.80 -47.75 -52.13
N ASN C 445 14.70 -48.37 -52.58
CA ASN C 445 13.50 -47.61 -52.90
C ASN C 445 12.91 -46.92 -51.68
N ARG C 446 12.98 -47.58 -50.51
CA ARG C 446 12.52 -46.95 -49.29
C ARG C 446 13.35 -45.72 -48.96
N PHE C 447 14.66 -45.81 -49.13
CA PHE C 447 15.53 -44.66 -48.87
C PHE C 447 15.26 -43.54 -49.86
N ARG C 448 15.02 -43.88 -51.13
CA ARG C 448 14.75 -42.86 -52.14
C ARG C 448 13.48 -42.07 -51.82
N CYS C 449 12.44 -42.77 -51.35
CA CYS C 449 11.21 -42.07 -50.96
C CYS C 449 11.44 -41.17 -49.75
N GLN C 450 12.32 -41.58 -48.83
CA GLN C 450 12.62 -40.73 -47.68
C GLN C 450 13.34 -39.45 -48.11
N ASP C 451 14.25 -39.55 -49.09
CA ASP C 451 14.93 -38.36 -49.58
C ASP C 451 13.96 -37.38 -50.22
N GLU C 452 12.99 -37.90 -50.99
CA GLU C 452 11.97 -37.04 -51.58
C GLU C 452 11.10 -36.39 -50.51
N SER C 453 10.80 -37.13 -49.43
CA SER C 453 10.04 -36.54 -48.32
C SER C 453 10.87 -35.52 -47.56
N GLU C 454 12.18 -35.73 -47.46
CA GLU C 454 13.03 -34.75 -46.78
C GLU C 454 13.22 -33.48 -47.60
N ALA C 455 13.23 -33.60 -48.93
CA ALA C 455 13.37 -32.43 -49.78
C ALA C 455 12.15 -31.52 -49.68
N VAL C 456 10.95 -32.11 -49.67
CA VAL C 456 9.72 -31.32 -49.54
C VAL C 456 9.68 -30.63 -48.19
N CYS C 457 10.04 -31.36 -47.12
CA CYS C 457 10.08 -30.76 -45.79
C CYS C 457 11.15 -29.69 -45.67
N SER C 458 12.23 -29.79 -46.45
CA SER C 458 13.30 -28.80 -46.36
C SER C 458 12.86 -27.44 -46.89
N GLU C 459 12.14 -27.42 -48.01
CA GLU C 459 11.68 -26.15 -48.57
C GLU C 459 10.61 -25.49 -47.72
N TRP C 460 9.85 -26.28 -46.95
CA TRP C 460 8.91 -25.69 -45.99
C TRP C 460 9.65 -24.95 -44.88
N LYS C 461 10.75 -25.54 -44.40
CA LYS C 461 11.53 -24.89 -43.34
C LYS C 461 12.13 -23.58 -43.82
N PHE C 462 12.66 -23.56 -45.05
CA PHE C 462 13.21 -22.33 -45.59
C PHE C 462 12.13 -21.27 -45.77
N ALA C 463 10.93 -21.69 -46.20
CA ALA C 463 9.81 -20.76 -46.32
C ALA C 463 9.46 -20.14 -44.97
N ALA C 464 9.67 -20.85 -43.87
CA ALA C 464 9.49 -20.26 -42.55
C ALA C 464 10.62 -19.32 -42.18
N CYS C 465 11.81 -19.48 -42.77
CA CYS C 465 12.90 -18.55 -42.53
C CYS C 465 12.70 -17.23 -43.26
N VAL C 466 12.06 -17.26 -44.44
CA VAL C 466 11.77 -16.03 -45.16
C VAL C 466 10.83 -15.15 -44.36
N VAL C 467 9.80 -15.75 -43.73
CA VAL C 467 8.86 -14.98 -42.94
C VAL C 467 9.55 -14.34 -41.74
N ASP C 468 10.49 -15.05 -41.12
CA ASP C 468 11.25 -14.48 -40.02
C ASP C 468 12.05 -13.27 -40.47
N ARG C 469 12.74 -13.37 -41.61
CA ARG C 469 13.52 -12.24 -42.09
C ARG C 469 12.63 -11.12 -42.61
N LEU C 470 11.52 -11.46 -43.25
CA LEU C 470 10.60 -10.44 -43.76
C LEU C 470 9.93 -9.69 -42.61
N CYS C 471 9.45 -10.42 -41.60
CA CYS C 471 8.77 -9.77 -40.48
C CYS C 471 9.74 -9.06 -39.55
N LEU C 472 11.02 -9.45 -39.56
CA LEU C 472 12.02 -8.73 -38.77
C LEU C 472 12.15 -7.29 -39.25
N MET C 473 12.17 -7.09 -40.58
CA MET C 473 12.22 -5.74 -41.13
C MET C 473 10.87 -5.03 -41.07
N ALA C 474 9.76 -5.76 -41.20
CA ALA C 474 8.45 -5.15 -41.14
C ALA C 474 8.12 -4.66 -39.73
N PHE C 475 8.42 -5.44 -38.71
CA PHE C 475 8.16 -5.04 -37.34
C PHE C 475 9.17 -4.02 -36.82
N SER C 476 10.41 -4.05 -37.32
CA SER C 476 11.41 -3.07 -36.87
C SER C 476 11.01 -1.66 -37.30
N VAL C 477 10.58 -1.50 -38.54
CA VAL C 477 10.16 -0.18 -39.00
C VAL C 477 8.85 0.23 -38.35
N PHE C 478 8.02 -0.75 -37.98
CA PHE C 478 6.77 -0.43 -37.29
C PHE C 478 7.03 0.15 -35.90
N THR C 479 8.04 -0.36 -35.20
CA THR C 479 8.31 0.08 -33.84
C THR C 479 8.92 1.48 -33.81
N ILE C 480 9.88 1.76 -34.70
CA ILE C 480 10.60 3.02 -34.62
C ILE C 480 9.70 4.19 -35.01
N ILE C 481 8.91 4.03 -36.07
CA ILE C 481 8.04 5.12 -36.50
C ILE C 481 6.83 5.30 -35.59
N CYS C 482 6.52 4.29 -34.77
CA CYS C 482 5.40 4.43 -33.84
C CYS C 482 5.85 5.09 -32.54
N THR C 483 6.99 4.68 -32.00
CA THR C 483 7.52 5.32 -30.79
C THR C 483 7.83 6.79 -31.05
N ILE C 484 8.47 7.08 -32.19
CA ILE C 484 8.76 8.47 -32.54
C ILE C 484 7.48 9.25 -32.79
N GLY C 485 6.53 8.64 -33.50
CA GLY C 485 5.30 9.34 -33.84
C GLY C 485 4.48 9.72 -32.61
N ILE C 486 4.38 8.81 -31.65
CA ILE C 486 3.62 9.10 -30.44
C ILE C 486 4.35 10.11 -29.56
N LEU C 487 5.65 9.88 -29.34
CA LEU C 487 6.41 10.72 -28.41
C LEU C 487 6.61 12.13 -28.92
N MET C 488 6.76 12.32 -30.24
CA MET C 488 6.87 13.64 -30.82
C MET C 488 5.53 14.35 -30.95
N SER C 489 4.42 13.61 -30.87
CA SER C 489 3.11 14.21 -31.08
C SER C 489 2.79 15.26 -30.03
N ALA C 490 3.33 15.13 -28.82
CA ALA C 490 3.03 16.06 -27.75
C ALA C 490 3.62 17.44 -28.06
N PRO C 491 2.94 18.51 -27.65
CA PRO C 491 3.56 19.84 -27.71
C PRO C 491 4.71 19.93 -26.71
N ASN C 492 5.50 21.00 -26.87
CA ASN C 492 6.67 21.37 -26.06
C ASN C 492 7.49 20.16 -25.65
N PHE C 493 7.54 19.16 -26.54
CA PHE C 493 8.38 17.97 -26.31
C PHE C 493 9.85 18.28 -26.59
N VAL C 494 10.12 19.07 -27.63
CA VAL C 494 11.49 19.46 -27.92
C VAL C 494 12.04 20.34 -26.81
N GLU C 495 11.19 21.19 -26.22
CA GLU C 495 11.61 21.96 -25.06
C GLU C 495 11.89 21.07 -23.86
N ALA C 496 11.08 20.03 -23.67
CA ALA C 496 11.23 19.15 -22.51
C ALA C 496 12.52 18.36 -22.58
N VAL C 497 12.96 17.97 -23.77
CA VAL C 497 14.20 17.21 -23.89
C VAL C 497 15.42 18.12 -24.00
N SER C 498 15.24 19.36 -24.48
CA SER C 498 16.36 20.28 -24.55
C SER C 498 16.70 20.91 -23.19
N LYS C 499 15.78 20.85 -22.23
CA LYS C 499 15.98 21.43 -20.92
C LYS C 499 16.39 20.41 -19.87
N ASP C 500 15.76 19.24 -19.85
CA ASP C 500 16.03 18.24 -18.83
C ASP C 500 17.12 17.26 -19.24
N PHE C 501 16.99 16.67 -20.43
CA PHE C 501 17.99 15.70 -20.88
C PHE C 501 19.28 16.40 -21.31
N ALA C 502 19.19 17.29 -22.30
CA ALA C 502 20.36 18.00 -22.79
C ALA C 502 20.66 19.21 -21.91
N GLY D 23 -17.49 53.52 11.84
CA GLY D 23 -17.87 54.87 12.19
C GLY D 23 -18.51 54.98 13.55
N GLU D 24 -19.02 56.16 13.88
CA GLU D 24 -19.65 56.37 15.18
C GLU D 24 -21.03 55.72 15.26
N PHE D 25 -21.75 55.64 14.14
CA PHE D 25 -23.08 55.03 14.15
C PHE D 25 -23.00 53.52 14.24
N GLN D 26 -22.06 52.90 13.53
CA GLN D 26 -21.92 51.45 13.59
C GLN D 26 -21.51 50.98 14.99
N ARG D 27 -20.59 51.71 15.62
CA ARG D 27 -20.20 51.39 16.99
C ARG D 27 -21.38 51.56 17.94
N LYS D 28 -22.16 52.62 17.76
CA LYS D 28 -23.34 52.83 18.59
C LYS D 28 -24.38 51.73 18.38
N LEU D 29 -24.58 51.32 17.13
CA LEU D 29 -25.58 50.28 16.85
C LEU D 29 -25.19 48.95 17.46
N TYR D 30 -23.91 48.58 17.35
CA TYR D 30 -23.45 47.30 17.89
C TYR D 30 -23.62 47.24 19.40
N LYS D 31 -23.43 48.37 20.09
CA LYS D 31 -23.62 48.41 21.53
C LYS D 31 -25.09 48.30 21.93
N GLU D 32 -26.02 48.62 21.03
CA GLU D 32 -27.44 48.56 21.32
C GLU D 32 -28.06 47.20 21.00
N LEU D 33 -27.52 46.48 20.01
CA LEU D 33 -28.11 45.21 19.61
C LEU D 33 -27.84 44.10 20.62
N VAL D 34 -26.67 44.11 21.26
CA VAL D 34 -26.30 43.06 22.20
C VAL D 34 -26.69 43.43 23.63
N LYS D 35 -27.50 44.46 23.80
CA LYS D 35 -27.97 44.85 25.13
C LYS D 35 -29.14 43.95 25.53
N ASN D 36 -28.98 43.24 26.65
CA ASN D 36 -29.98 42.30 27.15
C ASN D 36 -30.34 41.25 26.12
N TYR D 37 -29.36 40.79 25.34
CA TYR D 37 -29.57 39.77 24.32
C TYR D 37 -29.05 38.43 24.83
N ASN D 38 -29.92 37.42 24.79
CA ASN D 38 -29.56 36.08 25.22
C ASN D 38 -29.40 35.17 24.01
N PRO D 39 -28.20 34.62 23.77
CA PRO D 39 -28.00 33.76 22.60
C PRO D 39 -28.56 32.35 22.74
N LEU D 40 -29.39 32.08 23.76
CA LEU D 40 -29.96 30.77 23.96
C LEU D 40 -31.44 30.67 23.61
N GLU D 41 -32.15 31.79 23.57
CA GLU D 41 -33.58 31.78 23.31
C GLU D 41 -33.85 31.86 21.81
N ARG D 42 -34.99 31.28 21.41
CA ARG D 42 -35.43 31.40 20.03
C ARG D 42 -35.85 32.84 19.74
N PRO D 43 -35.54 33.36 18.56
CA PRO D 43 -35.77 34.79 18.29
C PRO D 43 -37.22 35.12 17.96
N VAL D 44 -38.14 34.20 18.21
CA VAL D 44 -39.54 34.47 17.92
C VAL D 44 -40.10 35.50 18.91
N ALA D 45 -41.08 36.27 18.44
CA ALA D 45 -41.75 37.25 19.28
C ALA D 45 -42.86 36.66 20.13
N ASN D 46 -43.44 35.54 19.70
CA ASN D 46 -44.49 34.85 20.44
C ASN D 46 -44.06 33.40 20.61
N ASP D 47 -43.95 32.95 21.86
CA ASP D 47 -43.46 31.61 22.12
C ASP D 47 -44.57 30.57 21.98
N SER D 48 -45.30 30.62 20.87
CA SER D 48 -46.30 29.61 20.56
C SER D 48 -46.28 29.16 19.10
N GLN D 49 -45.62 29.88 18.19
CA GLN D 49 -45.54 29.54 16.79
C GLN D 49 -44.12 29.14 16.42
N PRO D 50 -43.96 28.17 15.52
CA PRO D 50 -42.62 27.75 15.12
C PRO D 50 -41.90 28.84 14.33
N LEU D 51 -40.57 28.77 14.36
CA LEU D 51 -39.72 29.69 13.62
C LEU D 51 -39.39 29.07 12.27
N THR D 52 -39.76 29.76 11.19
CA THR D 52 -39.54 29.25 9.85
C THR D 52 -38.07 29.43 9.46
N VAL D 53 -37.41 28.32 9.13
CA VAL D 53 -36.02 28.33 8.69
C VAL D 53 -35.97 27.73 7.30
N TYR D 54 -35.43 28.49 6.35
CA TYR D 54 -35.33 28.05 4.96
C TYR D 54 -33.94 27.47 4.76
N PHE D 55 -33.88 26.18 4.40
CA PHE D 55 -32.63 25.47 4.19
C PHE D 55 -32.42 25.18 2.72
N SER D 56 -31.18 25.32 2.26
CA SER D 56 -30.84 25.05 0.87
C SER D 56 -29.44 24.42 0.85
N LEU D 57 -28.91 24.25 -0.35
CA LEU D 57 -27.62 23.60 -0.52
C LEU D 57 -27.07 23.97 -1.89
N SER D 58 -25.74 23.97 -2.01
CA SER D 58 -25.05 24.26 -3.26
C SER D 58 -23.89 23.31 -3.41
N LEU D 59 -23.98 22.39 -4.36
CA LEU D 59 -22.91 21.44 -4.63
C LEU D 59 -21.83 22.10 -5.47
N LEU D 60 -20.59 22.05 -4.97
CA LEU D 60 -19.47 22.69 -5.65
C LEU D 60 -18.57 21.73 -6.40
N GLN D 61 -18.41 20.51 -5.92
CA GLN D 61 -17.68 19.44 -6.60
C GLN D 61 -17.80 18.16 -5.80
N ILE D 62 -17.65 17.03 -6.48
CA ILE D 62 -17.60 15.73 -5.83
C ILE D 62 -16.13 15.32 -5.74
N MET D 63 -15.57 15.44 -4.54
CA MET D 63 -14.13 15.21 -4.37
C MET D 63 -13.75 13.76 -4.60
N ASP D 64 -14.46 12.83 -3.96
CA ASP D 64 -14.10 11.43 -4.04
C ASP D 64 -15.28 10.57 -3.61
N VAL D 65 -15.52 9.49 -4.34
CA VAL D 65 -16.54 8.50 -4.02
C VAL D 65 -15.81 7.19 -3.74
N ASP D 66 -15.61 6.89 -2.45
CA ASP D 66 -14.90 5.68 -2.07
C ASP D 66 -15.87 4.50 -2.08
N GLU D 67 -15.51 3.46 -2.83
CA GLU D 67 -16.38 2.28 -2.91
C GLU D 67 -16.17 1.34 -1.73
N LYS D 68 -14.92 1.20 -1.28
CA LYS D 68 -14.63 0.26 -0.19
C LYS D 68 -15.27 0.71 1.12
N ASN D 69 -15.05 1.97 1.50
CA ASN D 69 -15.62 2.48 2.74
C ASN D 69 -17.04 2.99 2.59
N GLN D 70 -17.54 3.09 1.35
CA GLN D 70 -18.91 3.54 1.08
C GLN D 70 -19.19 4.91 1.69
N VAL D 71 -18.29 5.86 1.40
CA VAL D 71 -18.44 7.23 1.84
C VAL D 71 -18.49 8.13 0.60
N LEU D 72 -18.92 9.37 0.82
CA LEU D 72 -19.02 10.36 -0.26
C LEU D 72 -18.48 11.69 0.27
N THR D 73 -17.32 12.09 -0.21
CA THR D 73 -16.68 13.33 0.20
C THR D 73 -17.01 14.42 -0.81
N THR D 74 -17.78 15.42 -0.38
CA THR D 74 -18.18 16.52 -1.24
C THR D 74 -17.84 17.84 -0.57
N ASN D 75 -17.64 18.86 -1.41
CA ASN D 75 -17.40 20.23 -0.98
C ASN D 75 -18.64 21.04 -1.36
N ILE D 76 -19.44 21.42 -0.37
CA ILE D 76 -20.70 22.10 -0.60
C ILE D 76 -20.83 23.28 0.34
N TRP D 77 -21.73 24.20 -0.02
CA TRP D 77 -22.14 25.30 0.83
C TRP D 77 -23.54 25.05 1.37
N LEU D 78 -23.87 25.74 2.45
CA LEU D 78 -25.19 25.68 3.06
C LEU D 78 -25.82 27.07 3.06
N GLN D 79 -27.15 27.09 3.09
CA GLN D 79 -27.89 28.36 3.05
C GLN D 79 -29.00 28.29 4.08
N MET D 80 -28.75 28.85 5.26
CA MET D 80 -29.75 28.95 6.32
C MET D 80 -30.28 30.37 6.38
N SER D 81 -31.61 30.49 6.44
CA SER D 81 -32.24 31.81 6.35
C SER D 81 -33.44 31.84 7.28
N TRP D 82 -33.35 32.62 8.36
CA TRP D 82 -34.47 32.79 9.28
C TRP D 82 -34.63 34.27 9.62
N THR D 83 -35.49 34.57 10.59
CA THR D 83 -35.76 35.94 11.01
C THR D 83 -35.52 36.09 12.51
N ASP D 84 -35.12 37.29 12.90
CA ASP D 84 -34.85 37.61 14.30
C ASP D 84 -35.66 38.83 14.69
N HIS D 85 -36.45 38.70 15.76
CA HIS D 85 -37.29 39.80 16.23
C HIS D 85 -36.50 40.87 16.96
N TYR D 86 -35.43 40.48 17.66
CA TYR D 86 -34.69 41.42 18.50
C TYR D 86 -33.66 42.23 17.73
N LEU D 87 -33.09 41.68 16.66
CA LEU D 87 -32.06 42.37 15.89
C LEU D 87 -32.72 43.20 14.79
N GLN D 88 -33.41 44.25 15.22
CA GLN D 88 -34.13 45.14 14.33
C GLN D 88 -33.80 46.59 14.66
N TRP D 89 -33.67 47.41 13.62
CA TRP D 89 -33.44 48.84 13.78
C TRP D 89 -33.86 49.55 12.50
N ASN D 90 -33.99 50.86 12.60
CA ASN D 90 -34.34 51.69 11.45
C ASN D 90 -33.12 52.43 10.93
N VAL D 91 -33.07 52.61 9.60
CA VAL D 91 -31.94 53.27 8.96
C VAL D 91 -31.92 54.76 9.20
N SER D 92 -33.06 55.35 9.58
CA SER D 92 -33.11 56.79 9.81
C SER D 92 -32.16 57.22 10.92
N GLU D 93 -32.13 56.45 12.02
CA GLU D 93 -31.24 56.79 13.13
C GLU D 93 -29.79 56.46 12.80
N TYR D 94 -29.57 55.43 11.99
CA TYR D 94 -28.21 55.05 11.60
C TYR D 94 -28.08 55.16 10.09
N PRO D 95 -27.78 56.36 9.57
CA PRO D 95 -27.83 56.57 8.12
C PRO D 95 -26.80 55.77 7.33
N GLY D 96 -25.74 55.28 7.96
CA GLY D 96 -24.66 54.66 7.21
C GLY D 96 -24.72 53.16 7.12
N VAL D 97 -25.05 52.50 8.22
CA VAL D 97 -25.00 51.04 8.30
C VAL D 97 -26.34 50.44 7.89
N LYS D 98 -26.29 49.43 7.03
CA LYS D 98 -27.47 48.68 6.64
C LYS D 98 -27.35 47.18 6.91
N THR D 99 -26.19 46.74 7.41
CA THR D 99 -25.97 45.31 7.64
C THR D 99 -24.88 45.16 8.70
N VAL D 100 -25.13 44.31 9.69
CA VAL D 100 -24.15 43.99 10.72
C VAL D 100 -23.89 42.49 10.67
N ARG D 101 -22.73 42.09 11.16
CA ARG D 101 -22.29 40.71 11.11
C ARG D 101 -21.83 40.27 12.49
N PHE D 102 -22.42 39.16 12.97
CA PHE D 102 -22.07 38.60 14.27
C PHE D 102 -21.36 37.27 14.10
N PRO D 103 -20.28 37.03 14.85
CA PRO D 103 -19.55 35.76 14.73
C PRO D 103 -20.26 34.61 15.43
N ASP D 104 -19.62 33.45 15.44
CA ASP D 104 -20.21 32.27 16.08
C ASP D 104 -20.22 32.43 17.59
N GLY D 105 -21.37 32.21 18.21
CA GLY D 105 -21.47 32.22 19.65
C GLY D 105 -22.05 33.48 20.27
N GLN D 106 -22.50 34.44 19.46
CA GLN D 106 -23.07 35.66 19.99
C GLN D 106 -24.54 35.87 19.62
N ILE D 107 -25.06 35.16 18.64
CA ILE D 107 -26.48 35.22 18.28
C ILE D 107 -27.00 33.80 18.12
N TRP D 108 -28.33 33.67 18.20
CA TRP D 108 -28.95 32.36 18.09
C TRP D 108 -28.87 31.85 16.66
N LYS D 109 -28.43 30.60 16.50
CA LYS D 109 -28.37 29.95 15.22
C LYS D 109 -28.97 28.55 15.32
N PRO D 110 -29.64 28.07 14.27
CA PRO D 110 -30.16 26.71 14.30
C PRO D 110 -29.02 25.70 14.28
N ASP D 111 -29.30 24.51 14.81
CA ASP D 111 -28.32 23.44 14.91
C ASP D 111 -28.51 22.39 13.83
N ILE D 112 -28.87 22.82 12.62
CA ILE D 112 -29.04 21.88 11.51
C ILE D 112 -27.70 21.25 11.18
N LEU D 113 -27.68 19.91 11.10
CA LEU D 113 -26.45 19.18 10.83
C LEU D 113 -26.77 17.90 10.08
N LEU D 114 -25.77 17.38 9.38
CA LEU D 114 -25.94 16.16 8.61
C LEU D 114 -26.11 14.96 9.53
N TYR D 115 -27.13 14.15 9.24
CA TYR D 115 -27.40 12.98 10.08
C TYR D 115 -26.38 11.86 9.85
N ASN D 116 -26.01 11.61 8.59
CA ASN D 116 -25.11 10.51 8.29
C ASN D 116 -23.71 10.78 8.83
N SER D 117 -23.06 11.80 8.28
CA SER D 117 -21.79 12.35 8.77
C SER D 117 -20.81 11.24 9.16
N ALA D 118 -20.42 10.44 8.17
CA ALA D 118 -19.45 9.37 8.40
C ALA D 118 -18.05 9.93 8.54
N ASP D 119 -17.78 10.63 9.64
CA ASP D 119 -16.50 11.27 9.88
C ASP D 119 -16.30 11.49 11.37
N GLU D 120 -15.04 11.74 11.75
CA GLU D 120 -14.69 11.80 13.17
C GLU D 120 -15.45 12.91 13.89
N ARG D 121 -15.19 14.15 13.54
CA ARG D 121 -16.00 15.25 14.02
C ARG D 121 -17.27 15.37 13.20
N PHE D 122 -18.37 15.65 13.87
CA PHE D 122 -19.70 15.39 13.31
C PHE D 122 -20.30 16.60 12.61
N ASP D 123 -19.83 17.81 12.90
CA ASP D 123 -20.46 19.01 12.34
C ASP D 123 -20.00 19.28 10.92
N ALA D 124 -18.70 19.55 10.74
CA ALA D 124 -18.10 19.84 9.44
C ALA D 124 -18.83 21.00 8.75
N THR D 125 -18.81 22.16 9.40
CA THR D 125 -19.51 23.33 8.87
C THR D 125 -18.68 24.60 8.84
N PHE D 126 -17.58 24.69 9.60
CA PHE D 126 -16.70 25.86 9.58
C PHE D 126 -17.49 27.16 9.75
N HIS D 127 -18.05 27.32 10.95
CA HIS D 127 -18.88 28.48 11.27
C HIS D 127 -18.19 29.77 10.88
N THR D 128 -18.91 30.61 10.13
CA THR D 128 -18.42 31.90 9.67
C THR D 128 -19.32 33.01 10.24
N ASN D 129 -19.10 34.23 9.75
CA ASN D 129 -19.92 35.36 10.15
C ASN D 129 -21.36 35.17 9.67
N VAL D 130 -22.28 35.85 10.34
CA VAL D 130 -23.70 35.70 10.09
C VAL D 130 -24.23 37.07 9.65
N LEU D 131 -24.72 37.17 8.43
CA LEU D 131 -25.26 38.42 7.92
C LEU D 131 -26.58 38.75 8.61
N VAL D 132 -26.77 40.04 8.91
CA VAL D 132 -27.99 40.52 9.55
C VAL D 132 -28.57 41.64 8.71
N ASN D 133 -29.88 41.57 8.46
CA ASN D 133 -30.60 42.51 7.61
C ASN D 133 -30.78 43.84 8.31
N SER D 134 -31.44 44.79 7.65
CA SER D 134 -31.90 45.99 8.33
C SER D 134 -33.27 45.80 8.96
N SER D 135 -33.94 44.67 8.71
CA SER D 135 -35.25 44.39 9.25
C SER D 135 -35.30 43.14 10.11
N GLY D 136 -34.16 42.50 10.38
CA GLY D 136 -34.09 41.34 11.23
C GLY D 136 -33.90 40.02 10.50
N HIS D 137 -34.08 39.99 9.18
CA HIS D 137 -33.88 38.75 8.45
CA HIS D 137 -33.88 38.75 8.43
C HIS D 137 -32.42 38.31 8.51
N CYS D 138 -32.21 37.03 8.76
CA CYS D 138 -30.87 36.52 9.01
C CYS D 138 -30.47 35.54 7.91
N GLN D 139 -29.23 35.67 7.46
CA GLN D 139 -28.66 34.80 6.43
C GLN D 139 -27.35 34.22 6.95
N TYR D 140 -27.11 32.95 6.63
CA TYR D 140 -25.94 32.23 7.14
C TYR D 140 -25.47 31.26 6.08
N LEU D 141 -24.21 31.38 5.67
CA LEU D 141 -23.65 30.62 4.53
C LEU D 141 -22.36 29.94 4.96
N PRO D 142 -22.45 28.79 5.63
CA PRO D 142 -21.24 28.09 6.08
C PRO D 142 -20.71 27.15 5.02
N PRO D 143 -19.41 27.21 4.72
CA PRO D 143 -18.81 26.22 3.83
C PRO D 143 -18.20 25.06 4.61
N GLY D 144 -18.22 23.89 3.99
CA GLY D 144 -17.68 22.71 4.63
C GLY D 144 -17.52 21.57 3.66
N ILE D 145 -16.67 20.63 4.04
CA ILE D 145 -16.44 19.40 3.29
C ILE D 145 -17.09 18.27 4.07
N PHE D 146 -18.13 17.68 3.49
CA PHE D 146 -18.95 16.69 4.17
C PHE D 146 -18.62 15.28 3.68
N LYS D 147 -18.48 14.36 4.62
CA LYS D 147 -18.23 12.95 4.33
C LYS D 147 -19.44 12.15 4.82
N SER D 148 -20.44 12.03 3.95
CA SER D 148 -21.65 11.30 4.28
C SER D 148 -21.49 9.83 3.94
N SER D 149 -22.34 9.00 4.55
CA SER D 149 -22.33 7.55 4.35
C SER D 149 -23.53 7.17 3.48
N CYS D 150 -23.27 6.81 2.24
CA CYS D 150 -24.30 6.31 1.34
C CYS D 150 -23.94 4.89 0.92
N TYR D 151 -24.94 4.20 0.36
CA TYR D 151 -24.81 2.79 0.03
C TYR D 151 -24.38 2.64 -1.42
N ILE D 152 -23.15 2.20 -1.64
CA ILE D 152 -22.60 2.01 -2.97
C ILE D 152 -23.01 0.64 -3.46
N ASP D 153 -23.75 0.60 -4.57
CA ASP D 153 -24.25 -0.64 -5.15
C ASP D 153 -23.29 -1.07 -6.26
N VAL D 154 -22.47 -2.07 -5.97
CA VAL D 154 -21.52 -2.59 -6.97
C VAL D 154 -22.27 -3.69 -7.73
N ARG D 155 -23.05 -3.26 -8.71
CA ARG D 155 -23.73 -4.16 -9.62
C ARG D 155 -23.81 -3.44 -10.95
N TRP D 156 -23.42 -4.12 -12.03
CA TRP D 156 -23.09 -3.47 -13.30
C TRP D 156 -22.05 -2.38 -13.06
N PHE D 157 -20.94 -2.81 -12.42
CA PHE D 157 -20.01 -1.85 -11.83
C PHE D 157 -19.47 -0.82 -12.81
N PRO D 158 -18.97 -1.17 -13.99
CA PRO D 158 -18.51 -0.12 -14.92
C PRO D 158 -19.63 0.75 -15.45
N PHE D 159 -20.89 0.31 -15.37
CA PHE D 159 -22.01 1.02 -15.95
C PHE D 159 -23.11 1.25 -14.91
N ASP D 160 -22.74 1.72 -13.73
CA ASP D 160 -23.67 1.88 -12.62
C ASP D 160 -23.99 3.35 -12.37
N VAL D 161 -25.17 3.58 -11.81
CA VAL D 161 -25.61 4.91 -11.39
C VAL D 161 -25.89 4.85 -9.89
N GLN D 162 -25.30 5.78 -9.15
CA GLN D 162 -25.38 5.81 -7.70
C GLN D 162 -26.35 6.89 -7.23
N HIS D 163 -27.04 6.60 -6.12
CA HIS D 163 -27.95 7.55 -5.48
C HIS D 163 -27.55 7.66 -4.02
N CYS D 164 -26.82 8.72 -3.68
CA CYS D 164 -26.36 8.96 -2.32
C CYS D 164 -27.22 10.03 -1.67
N LYS D 165 -27.67 9.75 -0.44
CA LYS D 165 -28.55 10.65 0.28
C LYS D 165 -27.76 11.63 1.13
N LEU D 166 -28.38 12.78 1.40
CA LEU D 166 -27.83 13.80 2.28
C LEU D 166 -28.96 14.28 3.19
N LYS D 167 -29.03 13.73 4.39
CA LYS D 167 -30.14 13.98 5.31
C LYS D 167 -29.76 15.10 6.27
N PHE D 168 -30.40 16.25 6.12
CA PHE D 168 -30.16 17.42 6.97
C PHE D 168 -31.40 17.73 7.79
N GLY D 169 -31.19 18.10 9.04
CA GLY D 169 -32.30 18.45 9.91
C GLY D 169 -31.80 18.89 11.27
N SER D 170 -32.68 19.58 11.99
CA SER D 170 -32.35 20.05 13.33
C SER D 170 -32.21 18.86 14.28
N TRP D 171 -31.34 19.02 15.27
CA TRP D 171 -31.05 17.95 16.22
C TRP D 171 -31.76 18.11 17.56
N SER D 172 -32.17 19.31 17.92
CA SER D 172 -32.78 19.55 19.23
C SER D 172 -34.13 20.26 19.17
N TYR D 173 -34.49 20.89 18.06
CA TYR D 173 -35.77 21.59 17.93
C TYR D 173 -36.72 20.74 17.09
N GLY D 174 -37.94 20.56 17.60
CA GLY D 174 -38.96 19.80 16.92
C GLY D 174 -39.73 20.64 15.91
N GLY D 175 -40.81 20.04 15.40
CA GLY D 175 -41.64 20.72 14.43
C GLY D 175 -42.47 21.85 14.99
N TRP D 176 -42.69 21.87 16.31
CA TRP D 176 -43.46 22.94 16.93
C TRP D 176 -42.61 24.16 17.27
N SER D 177 -41.30 24.07 17.13
CA SER D 177 -40.41 25.18 17.48
C SER D 177 -39.63 25.70 16.27
N LEU D 178 -39.10 24.83 15.43
CA LEU D 178 -38.31 25.20 14.26
C LEU D 178 -38.97 24.57 13.04
N ASP D 179 -39.80 25.35 12.34
CA ASP D 179 -40.48 24.87 11.13
C ASP D 179 -39.48 24.94 9.98
N LEU D 180 -38.80 23.82 9.74
CA LEU D 180 -37.77 23.77 8.72
C LEU D 180 -38.41 23.61 7.33
N GLN D 181 -38.24 24.63 6.49
CA GLN D 181 -38.72 24.58 5.11
C GLN D 181 -37.58 24.11 4.21
N MET D 182 -37.78 24.15 2.90
CA MET D 182 -36.76 23.70 1.97
C MET D 182 -36.80 24.56 0.71
N GLN D 183 -35.64 24.76 0.10
CA GLN D 183 -35.52 25.41 -1.20
C GLN D 183 -34.70 24.51 -2.12
N GLU D 184 -34.91 24.67 -3.41
CA GLU D 184 -34.27 23.80 -4.39
C GLU D 184 -32.76 23.97 -4.35
N ALA D 185 -32.05 22.87 -4.57
CA ALA D 185 -30.60 22.89 -4.58
C ALA D 185 -30.08 23.68 -5.78
N ASP D 186 -28.91 24.28 -5.59
CA ASP D 186 -28.29 25.14 -6.60
C ASP D 186 -27.02 24.47 -7.12
N ILE D 187 -26.90 24.38 -8.45
CA ILE D 187 -25.73 23.80 -9.07
C ILE D 187 -25.13 24.79 -10.06
N SER D 188 -25.34 26.09 -9.81
CA SER D 188 -24.78 27.12 -10.66
C SER D 188 -23.28 27.23 -10.42
N GLY D 189 -22.50 26.41 -11.12
CA GLY D 189 -21.08 26.28 -10.86
C GLY D 189 -20.79 24.96 -10.18
N TYR D 190 -20.33 23.97 -10.96
CA TYR D 190 -20.18 22.61 -10.45
C TYR D 190 -18.80 22.04 -10.60
N ILE D 191 -17.97 22.53 -11.52
CA ILE D 191 -16.59 22.06 -11.70
C ILE D 191 -16.63 20.54 -11.88
N PRO D 192 -17.01 20.05 -13.06
CA PRO D 192 -17.25 18.61 -13.23
C PRO D 192 -16.06 17.76 -12.80
N ASN D 193 -16.36 16.65 -12.13
CA ASN D 193 -15.34 15.81 -11.51
C ASN D 193 -14.50 15.08 -12.56
N GLY D 194 -15.05 14.81 -13.72
CA GLY D 194 -14.34 14.05 -14.76
C GLY D 194 -14.59 12.56 -14.73
N GLU D 195 -14.57 11.97 -13.54
CA GLU D 195 -14.86 10.54 -13.40
C GLU D 195 -16.35 10.27 -13.24
N TRP D 196 -17.04 11.08 -12.46
CA TRP D 196 -18.47 10.94 -12.22
C TRP D 196 -19.24 12.03 -12.96
N ASP D 197 -20.29 11.62 -13.67
CA ASP D 197 -21.15 12.53 -14.41
C ASP D 197 -22.40 12.79 -13.57
N LEU D 198 -22.59 14.03 -13.15
CA LEU D 198 -23.74 14.37 -12.33
C LEU D 198 -25.01 14.38 -13.17
N VAL D 199 -26.05 13.72 -12.66
CA VAL D 199 -27.35 13.68 -13.32
C VAL D 199 -28.29 14.74 -12.76
N GLY D 200 -28.37 14.83 -11.44
CA GLY D 200 -29.19 15.84 -10.80
C GLY D 200 -29.09 15.70 -9.30
N ILE D 201 -29.80 16.59 -8.61
CA ILE D 201 -29.84 16.55 -7.15
C ILE D 201 -31.21 17.01 -6.69
N PRO D 202 -32.22 16.15 -6.71
CA PRO D 202 -33.53 16.53 -6.17
C PRO D 202 -33.56 16.45 -4.65
N GLY D 203 -34.55 17.14 -4.08
CA GLY D 203 -34.67 17.22 -2.64
C GLY D 203 -36.10 17.07 -2.17
N LYS D 204 -36.23 16.71 -0.89
CA LYS D 204 -37.53 16.50 -0.26
C LYS D 204 -37.50 17.13 1.11
N ARG D 205 -38.68 17.44 1.66
CA ARG D 205 -38.86 17.69 3.07
C ARG D 205 -39.89 16.70 3.62
N SER D 206 -39.53 15.97 4.67
CA SER D 206 -40.45 15.06 5.34
C SER D 206 -40.31 15.19 6.84
N GLU D 207 -41.38 14.88 7.56
CA GLU D 207 -41.41 14.92 9.02
C GLU D 207 -41.75 13.54 9.55
N ARG D 208 -40.93 13.04 10.47
CA ARG D 208 -41.04 11.70 11.02
C ARG D 208 -41.27 11.77 12.53
N PHE D 209 -41.41 10.58 13.13
CA PHE D 209 -41.56 10.45 14.58
C PHE D 209 -40.44 9.56 15.11
N TYR D 210 -40.03 9.83 16.35
CA TYR D 210 -38.93 9.11 16.97
C TYR D 210 -39.35 8.62 18.36
N GLU D 211 -38.50 7.79 18.95
CA GLU D 211 -38.81 7.16 20.23
C GLU D 211 -38.68 8.14 21.41
N CYS D 212 -37.85 9.16 21.29
CA CYS D 212 -37.67 10.11 22.38
C CYS D 212 -38.96 10.86 22.67
N CYS D 213 -39.59 11.39 21.62
CA CYS D 213 -40.49 12.52 21.76
C CYS D 213 -41.70 12.32 20.87
N LYS D 214 -42.79 13.02 21.22
CA LYS D 214 -44.00 13.06 20.42
C LYS D 214 -43.98 14.16 19.37
N GLU D 215 -43.05 15.11 19.48
CA GLU D 215 -42.93 16.16 18.49
C GLU D 215 -42.39 15.59 17.18
N PRO D 216 -43.05 15.84 16.04
CA PRO D 216 -42.46 15.46 14.76
C PRO D 216 -41.19 16.26 14.49
N TYR D 217 -40.23 15.62 13.83
CA TYR D 217 -38.95 16.26 13.51
C TYR D 217 -38.81 16.35 12.00
N PRO D 218 -39.17 17.48 11.38
CA PRO D 218 -38.99 17.63 9.94
C PRO D 218 -37.52 17.67 9.57
N ASP D 219 -37.24 17.18 8.36
CA ASP D 219 -35.88 17.18 7.84
C ASP D 219 -35.94 17.27 6.32
N VAL D 220 -34.81 17.63 5.72
CA VAL D 220 -34.69 17.77 4.28
C VAL D 220 -33.60 16.82 3.80
N THR D 221 -33.92 16.04 2.77
CA THR D 221 -32.99 15.05 2.22
C THR D 221 -32.71 15.39 0.76
N PHE D 222 -31.43 15.54 0.43
CA PHE D 222 -30.99 15.81 -0.93
C PHE D 222 -30.34 14.55 -1.48
N THR D 223 -30.94 13.98 -2.53
CA THR D 223 -30.41 12.78 -3.16
C THR D 223 -29.49 13.17 -4.31
N VAL D 224 -28.23 12.78 -4.21
CA VAL D 224 -27.23 13.08 -5.22
C VAL D 224 -27.19 11.92 -6.21
N THR D 225 -27.69 12.15 -7.42
CA THR D 225 -27.70 11.15 -8.47
C THR D 225 -26.56 11.42 -9.43
N MET D 226 -25.72 10.42 -9.65
CA MET D 226 -24.51 10.59 -10.44
C MET D 226 -24.23 9.31 -11.22
N ARG D 227 -23.72 9.48 -12.43
CA ARG D 227 -23.40 8.37 -13.32
C ARG D 227 -21.90 8.29 -13.53
N ARG D 228 -21.36 7.07 -13.43
CA ARG D 228 -19.93 6.87 -13.61
C ARG D 228 -19.58 6.82 -15.10
N ARG D 229 -18.59 7.61 -15.49
CA ARG D 229 -18.05 7.55 -16.84
C ARG D 229 -17.20 6.30 -16.99
N THR D 230 -17.46 5.52 -18.03
CA THR D 230 -16.89 4.18 -18.18
C THR D 230 -15.81 4.12 -19.25
N LEU D 231 -15.26 5.28 -19.63
CA LEU D 231 -14.18 5.30 -20.60
C LEU D 231 -12.88 4.81 -20.00
N TYR D 232 -12.64 5.10 -18.72
CA TYR D 232 -11.35 4.77 -18.11
C TYR D 232 -11.23 3.26 -17.87
N TYR D 233 -12.13 2.71 -17.05
CA TYR D 233 -12.08 1.29 -16.71
C TYR D 233 -12.21 0.39 -17.94
N GLY D 234 -13.15 0.70 -18.84
CA GLY D 234 -13.32 -0.11 -20.04
C GLY D 234 -12.13 -0.10 -20.96
N LEU D 235 -11.24 0.89 -20.82
CA LEU D 235 -10.00 0.92 -21.58
C LEU D 235 -8.83 0.28 -20.83
N ASN D 236 -8.93 0.17 -19.51
CA ASN D 236 -7.87 -0.38 -18.69
C ASN D 236 -8.21 -1.74 -18.08
N LEU D 237 -9.47 -2.16 -18.13
CA LEU D 237 -9.85 -3.45 -17.56
C LEU D 237 -10.62 -4.33 -18.53
N LEU D 238 -11.44 -3.75 -19.41
CA LEU D 238 -12.25 -4.55 -20.31
C LEU D 238 -11.54 -4.87 -21.62
N ILE D 239 -11.04 -3.86 -22.31
CA ILE D 239 -10.36 -4.04 -23.59
C ILE D 239 -9.10 -4.89 -23.44
N PRO D 240 -8.20 -4.60 -22.50
CA PRO D 240 -7.01 -5.47 -22.35
C PRO D 240 -7.37 -6.91 -22.00
N CYS D 241 -8.44 -7.13 -21.24
CA CYS D 241 -8.84 -8.49 -20.90
C CYS D 241 -9.28 -9.26 -22.13
N VAL D 242 -10.01 -8.61 -23.04
CA VAL D 242 -10.46 -9.29 -24.26
C VAL D 242 -9.26 -9.67 -25.13
N LEU D 243 -8.34 -8.72 -25.33
CA LEU D 243 -7.20 -8.98 -26.21
C LEU D 243 -6.26 -10.03 -25.64
N ILE D 244 -5.97 -9.97 -24.34
CA ILE D 244 -5.08 -10.96 -23.73
C ILE D 244 -5.72 -12.34 -23.73
N SER D 245 -7.02 -12.43 -23.42
CA SER D 245 -7.71 -13.71 -23.44
C SER D 245 -7.78 -14.30 -24.85
N ALA D 246 -7.65 -13.47 -25.89
CA ALA D 246 -7.62 -13.98 -27.25
C ALA D 246 -6.34 -14.76 -27.56
N LEU D 247 -5.27 -14.54 -26.79
CA LEU D 247 -4.05 -15.32 -26.98
C LEU D 247 -4.20 -16.76 -26.52
N ALA D 248 -5.13 -17.04 -25.62
CA ALA D 248 -5.40 -18.41 -25.23
C ALA D 248 -6.03 -19.21 -26.36
N LEU D 249 -6.75 -18.55 -27.26
CA LEU D 249 -7.29 -19.21 -28.45
C LEU D 249 -6.21 -19.51 -29.48
N LEU D 250 -5.03 -18.92 -29.32
CA LEU D 250 -3.92 -19.14 -30.24
C LEU D 250 -3.20 -20.46 -29.98
N VAL D 251 -3.49 -21.13 -28.86
CA VAL D 251 -2.87 -22.42 -28.57
C VAL D 251 -3.28 -23.46 -29.59
N PHE D 252 -4.51 -23.37 -30.10
CA PHE D 252 -5.02 -24.35 -31.05
C PHE D 252 -4.41 -24.21 -32.44
N LEU D 253 -3.61 -23.16 -32.68
CA LEU D 253 -2.90 -23.03 -33.94
C LEU D 253 -1.45 -23.51 -33.89
N LEU D 254 -0.89 -23.67 -32.70
CA LEU D 254 0.47 -24.20 -32.58
C LEU D 254 0.51 -25.66 -33.03
N PRO D 255 1.51 -26.03 -33.83
CA PRO D 255 1.74 -27.45 -34.09
C PRO D 255 2.21 -28.15 -32.82
N ALA D 256 1.82 -29.42 -32.67
CA ALA D 256 2.14 -30.16 -31.46
C ALA D 256 3.61 -30.51 -31.36
N ASP D 257 4.35 -30.45 -32.48
CA ASP D 257 5.78 -30.77 -32.44
C ASP D 257 6.55 -29.77 -31.58
N SER D 258 6.22 -28.51 -31.67
CA SER D 258 6.84 -27.51 -30.81
C SER D 258 6.27 -27.67 -29.41
N GLY D 259 7.11 -28.11 -28.47
CA GLY D 259 6.63 -28.38 -27.12
C GLY D 259 6.37 -27.12 -26.33
N GLU D 260 5.38 -26.34 -26.77
CA GLU D 260 5.07 -25.07 -26.13
C GLU D 260 3.57 -24.85 -26.01
N LYS D 261 2.73 -25.86 -26.28
CA LYS D 261 1.29 -25.67 -26.16
C LYS D 261 0.87 -25.45 -24.72
N ILE D 262 1.37 -26.27 -23.79
CA ILE D 262 1.06 -26.08 -22.39
C ILE D 262 1.74 -24.82 -21.85
N SER D 263 3.01 -24.52 -22.32
CA SER D 263 3.70 -23.34 -21.83
C SER D 263 3.04 -22.03 -22.27
N LEU D 264 2.14 -22.07 -23.25
CA LEU D 264 1.40 -20.89 -23.67
C LEU D 264 0.05 -20.78 -23.00
N GLY D 265 -0.70 -21.88 -22.91
CA GLY D 265 -2.01 -21.84 -22.27
C GLY D 265 -1.91 -21.57 -20.78
N ILE D 266 -0.95 -22.19 -20.11
CA ILE D 266 -0.84 -22.04 -18.66
C ILE D 266 -0.23 -20.69 -18.29
N THR D 267 0.56 -20.10 -19.19
CA THR D 267 1.15 -18.80 -18.90
C THR D 267 0.11 -17.69 -18.96
N VAL D 268 -0.74 -17.70 -19.99
CA VAL D 268 -1.77 -16.69 -20.11
C VAL D 268 -2.79 -16.80 -18.98
N LEU D 269 -3.19 -18.03 -18.65
CA LEU D 269 -4.24 -18.22 -17.64
C LEU D 269 -3.78 -17.72 -16.27
N LEU D 270 -2.59 -18.12 -15.84
CA LEU D 270 -2.13 -17.76 -14.50
C LEU D 270 -1.64 -16.32 -14.42
N SER D 271 -1.37 -15.67 -15.55
CA SER D 271 -0.96 -14.28 -15.56
C SER D 271 -2.12 -13.30 -15.77
N LEU D 272 -3.29 -13.80 -16.16
CA LEU D 272 -4.46 -12.94 -16.29
C LEU D 272 -5.11 -12.65 -14.94
N THR D 273 -4.67 -13.32 -13.88
CA THR D 273 -5.19 -13.12 -12.53
C THR D 273 -4.96 -11.70 -12.02
N VAL D 274 -3.98 -10.98 -12.57
CA VAL D 274 -3.63 -9.66 -12.06
C VAL D 274 -4.80 -8.69 -12.18
N PHE D 275 -5.71 -8.93 -13.12
CA PHE D 275 -6.85 -8.03 -13.29
C PHE D 275 -7.75 -8.04 -12.06
N MET D 276 -8.07 -9.21 -11.53
CA MET D 276 -8.96 -9.27 -10.37
C MET D 276 -8.27 -8.77 -9.11
N LEU D 277 -6.95 -8.89 -9.03
CA LEU D 277 -6.22 -8.25 -7.94
C LEU D 277 -6.39 -6.73 -7.98
N LEU D 278 -6.51 -6.17 -9.18
CA LEU D 278 -6.85 -4.76 -9.32
C LEU D 278 -8.29 -4.50 -8.92
N VAL D 279 -9.21 -5.38 -9.34
CA VAL D 279 -10.62 -5.23 -9.00
C VAL D 279 -10.85 -5.41 -7.50
N ALA D 280 -10.09 -6.31 -6.86
CA ALA D 280 -10.22 -6.51 -5.43
C ALA D 280 -9.85 -5.26 -4.63
N GLU D 281 -9.01 -4.40 -5.20
CA GLU D 281 -8.66 -3.13 -4.56
C GLU D 281 -9.73 -2.06 -4.75
N ILE D 282 -10.73 -2.32 -5.58
CA ILE D 282 -11.80 -1.36 -5.80
C ILE D 282 -13.14 -1.84 -5.23
N MET D 283 -13.43 -3.14 -5.29
CA MET D 283 -14.71 -3.64 -4.84
C MET D 283 -14.78 -3.64 -3.32
N PRO D 284 -15.84 -3.09 -2.72
CA PRO D 284 -16.09 -3.34 -1.29
C PRO D 284 -16.40 -4.81 -1.08
N ALA D 285 -16.01 -5.32 0.09
CA ALA D 285 -16.21 -6.74 0.42
C ALA D 285 -17.66 -7.00 0.85
N THR D 286 -18.58 -6.63 -0.03
CA THR D 286 -20.00 -6.78 0.24
C THR D 286 -20.52 -8.08 -0.36
N SER D 287 -21.09 -8.93 0.48
CA SER D 287 -21.67 -10.21 0.03
C SER D 287 -23.15 -10.06 -0.29
N ASP D 288 -23.47 -9.08 -1.14
CA ASP D 288 -24.86 -8.78 -1.49
C ASP D 288 -25.15 -8.91 -2.98
N SER D 289 -24.24 -8.50 -3.86
CA SER D 289 -24.46 -8.60 -5.30
C SER D 289 -23.12 -8.80 -5.99
N VAL D 290 -23.08 -9.73 -6.94
CA VAL D 290 -21.87 -10.01 -7.69
C VAL D 290 -21.69 -8.94 -8.77
N PRO D 291 -20.55 -8.24 -8.78
CA PRO D 291 -20.34 -7.22 -9.82
C PRO D 291 -20.30 -7.84 -11.21
N LEU D 292 -20.76 -7.07 -12.20
CA LEU D 292 -20.74 -7.54 -13.58
C LEU D 292 -19.32 -7.78 -14.07
N ILE D 293 -18.39 -6.88 -13.71
CA ILE D 293 -17.01 -7.05 -14.13
C ILE D 293 -16.41 -8.31 -13.50
N ALA D 294 -16.93 -8.73 -12.35
CA ALA D 294 -16.46 -9.97 -11.75
C ALA D 294 -17.00 -11.18 -12.50
N GLN D 295 -18.26 -11.13 -12.93
CA GLN D 295 -18.83 -12.20 -13.73
C GLN D 295 -18.10 -12.34 -15.07
N TYR D 296 -17.82 -11.21 -15.72
CA TYR D 296 -17.13 -11.25 -17.01
C TYR D 296 -15.68 -11.70 -16.86
N PHE D 297 -15.01 -11.30 -15.77
CA PHE D 297 -13.66 -11.80 -15.52
C PHE D 297 -13.68 -13.27 -15.14
N ALA D 298 -14.70 -13.70 -14.40
CA ALA D 298 -14.82 -15.12 -14.08
C ALA D 298 -15.12 -15.95 -15.33
N SER D 299 -15.93 -15.41 -16.25
CA SER D 299 -16.27 -16.14 -17.46
C SER D 299 -15.04 -16.34 -18.35
N THR D 300 -14.18 -15.34 -18.44
CA THR D 300 -13.01 -15.45 -19.31
C THR D 300 -11.91 -16.33 -18.71
N MET D 301 -11.93 -16.60 -17.40
CA MET D 301 -11.06 -17.62 -16.82
C MET D 301 -11.48 -19.04 -17.14
N ILE D 302 -12.78 -19.35 -17.10
CA ILE D 302 -13.22 -20.71 -17.38
C ILE D 302 -12.94 -21.06 -18.84
N ILE D 303 -13.17 -20.11 -19.74
CA ILE D 303 -12.91 -20.36 -21.15
C ILE D 303 -11.43 -20.66 -21.39
N VAL D 304 -10.55 -19.86 -20.78
CA VAL D 304 -9.12 -20.12 -20.89
C VAL D 304 -8.75 -21.39 -20.14
N GLY D 305 -9.37 -21.62 -18.97
CA GLY D 305 -9.09 -22.83 -18.21
C GLY D 305 -9.49 -24.09 -18.96
N LEU D 306 -10.64 -24.05 -19.64
CA LEU D 306 -11.07 -25.19 -20.42
C LEU D 306 -10.17 -25.44 -21.63
N SER D 307 -9.50 -24.40 -22.14
CA SER D 307 -8.58 -24.59 -23.25
C SER D 307 -7.40 -25.47 -22.85
N VAL D 308 -6.90 -25.29 -21.63
CA VAL D 308 -5.79 -26.13 -21.16
C VAL D 308 -6.24 -27.58 -21.01
N VAL D 309 -7.47 -27.78 -20.54
CA VAL D 309 -8.01 -29.15 -20.42
C VAL D 309 -8.11 -29.80 -21.79
N VAL D 310 -8.61 -29.05 -22.78
CA VAL D 310 -8.73 -29.60 -24.13
C VAL D 310 -7.35 -29.84 -24.74
N THR D 311 -6.39 -28.96 -24.45
CA THR D 311 -5.04 -29.12 -24.99
C THR D 311 -4.41 -30.42 -24.51
N VAL D 312 -4.64 -30.78 -23.24
CA VAL D 312 -4.11 -32.04 -22.73
C VAL D 312 -4.74 -33.22 -23.45
N ILE D 313 -6.03 -33.13 -23.77
CA ILE D 313 -6.70 -34.18 -24.52
C ILE D 313 -6.07 -34.33 -25.90
N VAL D 314 -5.68 -33.21 -26.51
CA VAL D 314 -5.03 -33.27 -27.82
C VAL D 314 -3.66 -33.92 -27.71
N LEU D 315 -2.89 -33.55 -26.68
CA LEU D 315 -1.51 -34.03 -26.59
C LEU D 315 -1.43 -35.54 -26.39
N GLN D 316 -2.43 -36.14 -25.74
CA GLN D 316 -2.43 -37.59 -25.57
C GLN D 316 -2.90 -38.32 -26.82
N TYR D 317 -3.51 -37.62 -27.78
CA TYR D 317 -3.75 -38.22 -29.09
C TYR D 317 -2.51 -38.13 -29.98
N HIS D 318 -1.67 -37.13 -29.77
CA HIS D 318 -0.46 -36.98 -30.58
C HIS D 318 0.56 -38.06 -30.24
N HIS D 319 0.96 -38.13 -28.98
CA HIS D 319 1.91 -39.15 -28.52
C HIS D 319 1.14 -40.37 -28.02
N HIS D 320 0.42 -41.00 -28.95
CA HIS D 320 -0.44 -42.12 -28.60
C HIS D 320 0.30 -43.43 -28.38
N ASP D 321 1.58 -43.50 -28.78
CA ASP D 321 2.39 -44.72 -28.61
C ASP D 321 1.69 -45.92 -29.23
N PRO D 322 1.68 -46.06 -30.55
CA PRO D 322 0.89 -47.12 -31.18
C PRO D 322 1.41 -48.51 -30.84
N ASP D 323 0.71 -49.52 -31.36
CA ASP D 323 0.88 -50.92 -30.96
C ASP D 323 0.54 -51.11 -29.49
N GLY D 324 -0.32 -50.25 -28.96
CA GLY D 324 -0.79 -50.35 -27.59
C GLY D 324 -2.27 -49.99 -27.51
N GLY D 325 -2.94 -50.05 -28.64
CA GLY D 325 -4.35 -49.71 -28.70
C GLY D 325 -4.78 -49.49 -30.13
N LYS D 326 -6.09 -49.32 -30.31
CA LYS D 326 -6.66 -49.09 -31.63
C LYS D 326 -7.88 -48.20 -31.51
N MET D 327 -8.23 -47.56 -32.61
CA MET D 327 -9.41 -46.68 -32.61
C MET D 327 -10.67 -47.51 -32.43
N PRO D 328 -11.59 -47.09 -31.56
CA PRO D 328 -12.78 -47.91 -31.27
C PRO D 328 -13.85 -47.84 -32.36
N LYS D 329 -13.48 -47.33 -33.53
CA LYS D 329 -14.36 -47.22 -34.70
C LYS D 329 -15.48 -46.22 -34.46
N TRP D 330 -15.48 -45.55 -33.30
CA TRP D 330 -16.44 -44.48 -33.04
C TRP D 330 -15.83 -43.11 -33.34
N THR D 331 -14.58 -42.89 -32.93
CA THR D 331 -13.83 -41.73 -33.38
C THR D 331 -13.30 -41.91 -34.79
N ARG D 332 -13.37 -43.14 -35.33
CA ARG D 332 -12.96 -43.38 -36.71
C ARG D 332 -13.88 -42.68 -37.70
N VAL D 333 -15.16 -42.56 -37.36
CA VAL D 333 -16.14 -41.96 -38.26
C VAL D 333 -16.44 -40.51 -37.91
N ILE D 334 -16.19 -40.11 -36.66
CA ILE D 334 -16.53 -38.74 -36.24
C ILE D 334 -15.43 -37.77 -36.65
N LEU D 335 -14.21 -37.99 -36.15
CA LEU D 335 -13.13 -37.04 -36.36
C LEU D 335 -12.32 -37.33 -37.63
N LEU D 336 -12.59 -38.45 -38.30
CA LEU D 336 -11.88 -38.81 -39.51
C LEU D 336 -12.75 -38.85 -40.76
N ASN D 337 -14.07 -38.96 -40.61
CA ASN D 337 -14.97 -39.06 -41.76
C ASN D 337 -15.95 -37.90 -41.86
N TRP D 338 -16.57 -37.50 -40.75
CA TRP D 338 -17.53 -36.40 -40.78
C TRP D 338 -16.86 -35.05 -40.54
N CYS D 339 -16.20 -34.90 -39.40
CA CYS D 339 -15.55 -33.63 -39.07
C CYS D 339 -14.36 -33.34 -39.99
N ALA D 340 -13.72 -34.36 -40.54
CA ALA D 340 -12.57 -34.13 -41.40
C ALA D 340 -12.98 -33.50 -42.73
N TRP D 341 -14.19 -33.77 -43.20
CA TRP D 341 -14.65 -33.25 -44.48
C TRP D 341 -15.37 -31.91 -44.33
N PHE D 342 -16.20 -31.76 -43.28
CA PHE D 342 -16.89 -30.50 -43.07
C PHE D 342 -15.92 -29.36 -42.77
N LEU D 343 -14.90 -29.64 -41.96
CA LEU D 343 -13.80 -28.70 -41.77
C LEU D 343 -12.91 -28.57 -42.99
N ARG D 344 -13.01 -29.49 -43.95
CA ARG D 344 -12.29 -29.44 -45.23
C ARG D 344 -10.77 -29.41 -45.00
N MET D 345 -10.28 -30.52 -44.45
CA MET D 345 -8.85 -30.68 -44.20
C MET D 345 -8.19 -31.75 -45.07
N LYS D 346 -8.97 -32.72 -45.57
CA LYS D 346 -8.51 -33.70 -46.56
C LYS D 346 -7.28 -34.47 -46.07
N ARG D 347 -7.47 -35.21 -44.98
CA ARG D 347 -6.44 -36.08 -44.42
C ARG D 347 -5.12 -35.35 -44.17
N ASP D 432 26.03 -70.88 -50.40
CA ASP D 432 25.60 -70.37 -49.11
C ASP D 432 24.76 -69.11 -49.27
N LEU D 433 24.16 -68.95 -50.44
CA LEU D 433 23.31 -67.80 -50.71
C LEU D 433 22.02 -67.83 -49.89
N ALA D 434 21.59 -69.02 -49.44
CA ALA D 434 20.37 -69.11 -48.64
C ALA D 434 20.53 -68.38 -47.31
N LYS D 435 21.70 -68.52 -46.68
CA LYS D 435 21.95 -67.82 -45.43
C LYS D 435 21.94 -66.31 -45.61
N ILE D 436 22.55 -65.83 -46.71
CA ILE D 436 22.53 -64.39 -47.00
C ILE D 436 21.10 -63.94 -47.30
N LEU D 437 20.35 -64.76 -48.02
CA LEU D 437 18.99 -64.40 -48.40
C LEU D 437 18.11 -64.21 -47.17
N GLU D 438 18.27 -65.07 -46.16
CA GLU D 438 17.45 -64.97 -44.95
C GLU D 438 17.73 -63.69 -44.20
N GLU D 439 19.00 -63.28 -44.13
CA GLU D 439 19.36 -62.09 -43.35
C GLU D 439 18.82 -60.82 -44.00
N VAL D 440 19.00 -60.68 -45.31
CA VAL D 440 18.52 -59.48 -46.00
C VAL D 440 17.00 -59.44 -46.00
N ARG D 441 16.35 -60.60 -46.05
CA ARG D 441 14.89 -60.64 -45.95
C ARG D 441 14.41 -60.13 -44.60
N TYR D 442 15.13 -60.46 -43.52
CA TYR D 442 14.78 -59.96 -42.20
C TYR D 442 14.90 -58.44 -42.12
N ILE D 443 15.94 -57.88 -42.73
CA ILE D 443 16.13 -56.43 -42.70
C ILE D 443 14.98 -55.73 -43.41
N ALA D 444 14.58 -56.24 -44.58
CA ALA D 444 13.45 -55.66 -45.29
C ALA D 444 12.16 -55.83 -44.50
N ASN D 445 11.96 -56.99 -43.88
CA ASN D 445 10.77 -57.21 -43.08
C ASN D 445 10.73 -56.29 -41.86
N ARG D 446 11.89 -56.01 -41.26
CA ARG D 446 11.93 -55.07 -40.15
C ARG D 446 11.52 -53.67 -40.60
N PHE D 447 11.97 -53.25 -41.77
CA PHE D 447 11.59 -51.94 -42.29
C PHE D 447 10.10 -51.89 -42.62
N ARG D 448 9.56 -52.99 -43.16
CA ARG D 448 8.14 -53.02 -43.49
C ARG D 448 7.27 -52.87 -42.25
N CYS D 449 7.65 -53.52 -41.16
CA CYS D 449 6.89 -53.37 -39.91
C CYS D 449 6.98 -51.95 -39.37
N GLN D 450 8.13 -51.28 -39.57
CA GLN D 450 8.26 -49.90 -39.12
C GLN D 450 7.34 -48.98 -39.91
N ASP D 451 7.20 -49.22 -41.21
CA ASP D 451 6.30 -48.40 -42.02
C ASP D 451 4.85 -48.57 -41.57
N GLU D 452 4.45 -49.80 -41.25
CA GLU D 452 3.10 -50.03 -40.74
C GLU D 452 2.89 -49.36 -39.38
N SER D 453 3.93 -49.35 -38.53
CA SER D 453 3.84 -48.64 -37.26
C SER D 453 3.81 -47.12 -37.46
N GLU D 454 4.50 -46.62 -38.48
CA GLU D 454 4.48 -45.18 -38.75
C GLU D 454 3.14 -44.74 -39.33
N ALA D 455 2.49 -45.60 -40.12
CA ALA D 455 1.20 -45.25 -40.69
C ALA D 455 0.13 -45.13 -39.60
N VAL D 456 0.13 -46.06 -38.64
CA VAL D 456 -0.83 -46.00 -37.55
C VAL D 456 -0.60 -44.76 -36.70
N CYS D 457 0.66 -44.45 -36.41
CA CYS D 457 0.98 -43.25 -35.65
C CYS D 457 0.65 -41.97 -36.41
N SER D 458 0.68 -42.02 -37.75
CA SER D 458 0.40 -40.83 -38.54
C SER D 458 -1.06 -40.43 -38.45
N GLU D 459 -1.98 -41.40 -38.50
CA GLU D 459 -3.40 -41.08 -38.43
C GLU D 459 -3.81 -40.62 -37.03
N TRP D 460 -3.09 -41.03 -35.99
CA TRP D 460 -3.34 -40.48 -34.66
C TRP D 460 -2.98 -39.01 -34.60
N LYS D 461 -1.87 -38.62 -35.23
CA LYS D 461 -1.48 -37.21 -35.22
C LYS D 461 -2.49 -36.35 -35.97
N PHE D 462 -3.00 -36.84 -37.10
CA PHE D 462 -4.02 -36.08 -37.83
C PHE D 462 -5.30 -35.97 -37.02
N ALA D 463 -5.67 -37.03 -36.30
CA ALA D 463 -6.84 -36.97 -35.43
C ALA D 463 -6.69 -35.93 -34.34
N ALA D 464 -5.45 -35.65 -33.90
CA ALA D 464 -5.21 -34.55 -32.98
C ALA D 464 -5.30 -33.19 -33.65
N CYS D 465 -5.06 -33.13 -34.97
CA CYS D 465 -5.22 -31.87 -35.69
C CYS D 465 -6.68 -31.51 -35.91
N VAL D 466 -7.55 -32.52 -36.06
CA VAL D 466 -8.98 -32.25 -36.21
C VAL D 466 -9.54 -31.61 -34.95
N VAL D 467 -9.12 -32.09 -33.78
CA VAL D 467 -9.59 -31.53 -32.52
C VAL D 467 -9.14 -30.08 -32.37
N ASP D 468 -7.92 -29.77 -32.81
CA ASP D 468 -7.45 -28.39 -32.77
C ASP D 468 -8.31 -27.49 -33.63
N ARG D 469 -8.62 -27.93 -34.85
CA ARG D 469 -9.43 -27.11 -35.75
C ARG D 469 -10.88 -27.06 -35.29
N LEU D 470 -11.39 -28.18 -34.76
CA LEU D 470 -12.77 -28.20 -34.28
C LEU D 470 -12.94 -27.32 -33.04
N CYS D 471 -12.01 -27.41 -32.08
CA CYS D 471 -12.11 -26.62 -30.87
C CYS D 471 -11.77 -25.16 -31.09
N LEU D 472 -11.01 -24.86 -32.15
CA LEU D 472 -10.74 -23.46 -32.49
C LEU D 472 -12.03 -22.72 -32.83
N MET D 473 -12.90 -23.37 -33.61
CA MET D 473 -14.19 -22.77 -33.93
C MET D 473 -15.18 -22.85 -32.76
N ALA D 474 -15.12 -23.92 -31.97
CA ALA D 474 -16.04 -24.07 -30.84
C ALA D 474 -15.75 -23.05 -29.75
N PHE D 475 -14.47 -22.83 -29.43
CA PHE D 475 -14.10 -21.86 -28.41
C PHE D 475 -14.20 -20.42 -28.90
N SER D 476 -13.98 -20.18 -30.20
CA SER D 476 -14.09 -18.82 -30.72
C SER D 476 -15.52 -18.30 -30.60
N VAL D 477 -16.50 -19.12 -30.97
CA VAL D 477 -17.89 -18.70 -30.85
C VAL D 477 -18.32 -18.63 -29.39
N PHE D 478 -17.69 -19.44 -28.52
CA PHE D 478 -18.01 -19.38 -27.10
C PHE D 478 -17.57 -18.05 -26.49
N THR D 479 -16.42 -17.53 -26.92
CA THR D 479 -15.89 -16.30 -26.34
C THR D 479 -16.68 -15.07 -26.77
N ILE D 480 -17.03 -14.98 -28.07
CA ILE D 480 -17.66 -13.76 -28.58
C ILE D 480 -19.08 -13.61 -28.03
N ILE D 481 -19.84 -14.71 -28.00
CA ILE D 481 -21.22 -14.61 -27.51
C ILE D 481 -21.28 -14.50 -26.00
N CYS D 482 -20.20 -14.83 -25.29
CA CYS D 482 -20.18 -14.68 -23.84
C CYS D 482 -19.80 -13.27 -23.43
N THR D 483 -18.77 -12.71 -24.07
CA THR D 483 -18.37 -11.34 -23.77
C THR D 483 -19.48 -10.36 -24.13
N ILE D 484 -20.11 -10.56 -25.30
CA ILE D 484 -21.22 -9.70 -25.70
C ILE D 484 -22.41 -9.91 -24.78
N GLY D 485 -22.71 -11.16 -24.44
CA GLY D 485 -23.87 -11.44 -23.60
C GLY D 485 -23.77 -10.82 -22.22
N ILE D 486 -22.59 -10.90 -21.60
CA ILE D 486 -22.41 -10.34 -20.27
C ILE D 486 -22.40 -8.81 -20.34
N LEU D 487 -21.63 -8.25 -21.27
CA LEU D 487 -21.44 -6.80 -21.32
C LEU D 487 -22.72 -6.06 -21.75
N MET D 488 -23.53 -6.67 -22.62
CA MET D 488 -24.80 -6.06 -23.01
C MET D 488 -25.89 -6.27 -21.97
N SER D 489 -25.70 -7.21 -21.04
CA SER D 489 -26.76 -7.52 -20.08
C SER D 489 -27.07 -6.34 -19.17
N ALA D 490 -26.10 -5.47 -18.92
CA ALA D 490 -26.30 -4.34 -18.03
C ALA D 490 -27.27 -3.34 -18.64
N PRO D 491 -28.10 -2.68 -17.83
CA PRO D 491 -28.88 -1.55 -18.32
C PRO D 491 -27.97 -0.38 -18.69
N ASN D 492 -28.56 0.60 -19.38
CA ASN D 492 -27.95 1.84 -19.85
C ASN D 492 -26.51 1.63 -20.33
N PHE D 493 -26.24 0.46 -20.91
CA PHE D 493 -24.94 0.18 -21.50
C PHE D 493 -24.78 0.88 -22.85
N VAL D 494 -25.84 0.91 -23.64
CA VAL D 494 -25.79 1.61 -24.93
C VAL D 494 -25.62 3.11 -24.69
N GLU D 495 -26.22 3.65 -23.63
CA GLU D 495 -26.00 5.05 -23.28
C GLU D 495 -24.56 5.28 -22.84
N ALA D 496 -23.98 4.33 -22.09
CA ALA D 496 -22.64 4.50 -21.59
C ALA D 496 -21.60 4.51 -22.70
N VAL D 497 -21.82 3.73 -23.75
CA VAL D 497 -20.87 3.71 -24.86
C VAL D 497 -21.15 4.80 -25.89
N SER D 498 -22.40 5.27 -25.98
CA SER D 498 -22.71 6.34 -26.91
C SER D 498 -22.29 7.71 -26.38
N LYS D 499 -22.05 7.82 -25.07
CA LYS D 499 -21.67 9.09 -24.46
C LYS D 499 -20.18 9.22 -24.21
N ASP D 500 -19.53 8.16 -23.73
CA ASP D 500 -18.12 8.22 -23.38
C ASP D 500 -17.22 7.80 -24.54
N PHE D 501 -17.49 6.65 -25.15
CA PHE D 501 -16.66 6.17 -26.25
C PHE D 501 -16.93 6.96 -27.53
N ALA D 502 -18.18 6.94 -27.99
CA ALA D 502 -18.56 7.64 -29.21
C ALA D 502 -18.84 9.11 -28.91
N GLY E 23 -39.58 35.04 22.74
CA GLY E 23 -40.53 35.98 23.30
C GLY E 23 -40.09 36.58 24.62
N GLU E 24 -40.98 37.34 25.26
CA GLU E 24 -40.63 37.97 26.53
C GLU E 24 -40.62 36.96 27.67
N PHE E 25 -41.45 35.92 27.61
CA PHE E 25 -41.49 34.93 28.68
C PHE E 25 -40.28 34.00 28.63
N GLN E 26 -39.88 33.58 27.43
CA GLN E 26 -38.71 32.71 27.31
C GLN E 26 -37.44 33.42 27.77
N ARG E 27 -37.28 34.70 27.40
CA ARG E 27 -36.13 35.46 27.86
C ARG E 27 -36.16 35.61 29.39
N LYS E 28 -37.34 35.86 29.95
CA LYS E 28 -37.46 35.97 31.40
C LYS E 28 -37.16 34.65 32.09
N LEU E 29 -37.62 33.53 31.52
CA LEU E 29 -37.38 32.23 32.14
C LEU E 29 -35.89 31.88 32.14
N TYR E 30 -35.20 32.14 31.01
CA TYR E 30 -33.79 31.80 30.93
C TYR E 30 -32.96 32.59 31.93
N LYS E 31 -33.35 33.84 32.21
CA LYS E 31 -32.65 34.63 33.21
C LYS E 31 -32.88 34.14 34.62
N GLU E 32 -33.97 33.39 34.86
CA GLU E 32 -34.28 32.89 36.19
C GLU E 32 -33.68 31.52 36.47
N LEU E 33 -33.50 30.69 35.43
CA LEU E 33 -33.00 29.34 35.64
C LEU E 33 -31.51 29.31 35.97
N VAL E 34 -30.72 30.22 35.39
CA VAL E 34 -29.28 30.24 35.60
C VAL E 34 -28.90 31.16 36.76
N LYS E 35 -29.87 31.60 37.56
CA LYS E 35 -29.59 32.44 38.72
C LYS E 35 -29.13 31.56 39.87
N ASN E 36 -27.92 31.81 40.37
CA ASN E 36 -27.32 31.03 41.45
C ASN E 36 -27.24 29.55 41.11
N TYR E 37 -26.98 29.22 39.85
CA TYR E 37 -26.87 27.84 39.40
C TYR E 37 -25.40 27.47 39.22
N ASN E 38 -24.99 26.38 39.86
CA ASN E 38 -23.61 25.91 39.78
C ASN E 38 -23.56 24.66 38.93
N PRO E 39 -22.85 24.67 37.80
CA PRO E 39 -22.78 23.50 36.93
C PRO E 39 -21.87 22.39 37.43
N LEU E 40 -21.41 22.45 38.68
CA LEU E 40 -20.52 21.43 39.22
C LEU E 40 -21.20 20.49 40.22
N GLU E 41 -22.32 20.90 40.81
CA GLU E 41 -22.99 20.10 41.82
C GLU E 41 -23.98 19.13 41.18
N ARG E 42 -24.19 18.01 41.86
CA ARG E 42 -25.21 17.07 41.42
C ARG E 42 -26.60 17.68 41.64
N PRO E 43 -27.54 17.46 40.72
CA PRO E 43 -28.83 18.15 40.80
C PRO E 43 -29.80 17.54 41.79
N VAL E 44 -29.31 16.66 42.67
CA VAL E 44 -30.20 16.04 43.65
C VAL E 44 -30.61 17.07 44.70
N ALA E 45 -31.80 16.86 45.26
CA ALA E 45 -32.31 17.73 46.32
C ALA E 45 -31.81 17.33 47.69
N ASN E 46 -31.44 16.06 47.88
CA ASN E 46 -30.89 15.58 49.14
C ASN E 46 -29.56 14.90 48.84
N ASP E 47 -28.49 15.38 49.47
CA ASP E 47 -27.16 14.86 49.18
C ASP E 47 -26.88 13.59 49.97
N SER E 48 -27.81 12.64 49.93
CA SER E 48 -27.60 11.32 50.53
C SER E 48 -28.09 10.17 49.66
N GLN E 49 -28.88 10.42 48.61
CA GLN E 49 -29.38 9.39 47.72
C GLN E 49 -28.76 9.53 46.34
N PRO E 50 -28.48 8.42 45.66
CA PRO E 50 -27.90 8.50 44.31
C PRO E 50 -28.89 9.09 43.32
N LEU E 51 -28.34 9.65 42.25
CA LEU E 51 -29.12 10.21 41.16
C LEU E 51 -29.29 9.13 40.08
N THR E 52 -30.54 8.80 39.78
CA THR E 52 -30.83 7.76 38.80
C THR E 52 -30.64 8.30 37.40
N VAL E 53 -29.76 7.67 36.63
CA VAL E 53 -29.49 8.03 35.25
C VAL E 53 -29.81 6.82 34.37
N TYR E 54 -30.71 7.01 33.42
CA TYR E 54 -31.11 5.94 32.51
C TYR E 54 -30.28 6.04 31.24
N PHE E 55 -29.51 4.99 30.94
CA PHE E 55 -28.63 4.97 29.79
C PHE E 55 -29.16 3.98 28.76
N SER E 56 -29.07 4.36 27.48
CA SER E 56 -29.51 3.51 26.39
C SER E 56 -28.55 3.70 25.22
N LEU E 57 -28.90 3.11 24.08
CA LEU E 57 -28.03 3.15 22.91
C LEU E 57 -28.87 2.84 21.69
N SER E 58 -28.43 3.36 20.55
CA SER E 58 -29.11 3.12 19.27
C SER E 58 -28.06 2.91 18.20
N LEU E 59 -27.94 1.69 17.69
CA LEU E 59 -26.99 1.37 16.64
C LEU E 59 -27.55 1.81 15.28
N LEU E 60 -26.78 2.62 14.57
CA LEU E 60 -27.22 3.14 13.27
C LEU E 60 -26.58 2.45 12.09
N GLN E 61 -25.35 2.00 12.19
CA GLN E 61 -24.67 1.20 11.17
C GLN E 61 -23.31 0.77 11.70
N ILE E 62 -22.80 -0.32 11.14
CA ILE E 62 -21.45 -0.80 11.44
C ILE E 62 -20.56 -0.35 10.28
N MET E 63 -19.77 0.69 10.52
CA MET E 63 -18.98 1.29 9.44
C MET E 63 -17.89 0.34 8.96
N ASP E 64 -17.10 -0.21 9.87
CA ASP E 64 -15.96 -1.05 9.49
C ASP E 64 -15.54 -1.89 10.67
N VAL E 65 -15.22 -3.16 10.41
CA VAL E 65 -14.69 -4.08 11.40
C VAL E 65 -13.29 -4.46 10.94
N ASP E 66 -12.28 -3.81 11.50
CA ASP E 66 -10.90 -4.09 11.11
C ASP E 66 -10.38 -5.31 11.85
N GLU E 67 -9.89 -6.30 11.10
CA GLU E 67 -9.39 -7.51 11.71
C GLU E 67 -7.96 -7.35 12.19
N LYS E 68 -7.14 -6.62 11.45
CA LYS E 68 -5.73 -6.47 11.80
C LYS E 68 -5.56 -5.68 13.09
N ASN E 69 -6.20 -4.51 13.18
CA ASN E 69 -6.10 -3.68 14.37
C ASN E 69 -7.09 -4.06 15.46
N GLN E 70 -8.04 -4.96 15.16
CA GLN E 70 -9.03 -5.44 16.13
C GLN E 70 -9.81 -4.27 16.75
N VAL E 71 -10.34 -3.41 15.88
CA VAL E 71 -11.18 -2.30 16.30
C VAL E 71 -12.56 -2.45 15.65
N LEU E 72 -13.51 -1.68 16.16
CA LEU E 72 -14.88 -1.71 15.65
C LEU E 72 -15.37 -0.28 15.57
N THR E 73 -15.51 0.23 14.35
CA THR E 73 -15.97 1.60 14.11
C THR E 73 -17.46 1.57 13.83
N THR E 74 -18.25 2.16 14.72
CA THR E 74 -19.69 2.20 14.59
C THR E 74 -20.19 3.64 14.75
N ASN E 75 -21.32 3.91 14.12
CA ASN E 75 -22.02 5.20 14.22
C ASN E 75 -23.28 4.95 15.03
N ILE E 76 -23.30 5.44 16.28
CA ILE E 76 -24.41 5.18 17.19
C ILE E 76 -24.82 6.48 17.88
N TRP E 77 -26.02 6.49 18.43
CA TRP E 77 -26.51 7.55 19.28
C TRP E 77 -26.54 7.07 20.73
N LEU E 78 -26.57 8.02 21.65
CA LEU E 78 -26.68 7.76 23.08
C LEU E 78 -27.93 8.40 23.63
N GLN E 79 -28.44 7.84 24.74
CA GLN E 79 -29.66 8.34 25.34
C GLN E 79 -29.45 8.40 26.86
N MET E 80 -29.11 9.59 27.35
CA MET E 80 -28.97 9.83 28.78
C MET E 80 -30.18 10.58 29.29
N SER E 81 -30.73 10.12 30.41
CA SER E 81 -31.98 10.66 30.91
C SER E 81 -31.93 10.69 32.44
N TRP E 82 -31.88 11.89 33.02
CA TRP E 82 -31.91 12.06 34.46
C TRP E 82 -32.87 13.18 34.84
N THR E 83 -32.88 13.57 36.11
CA THR E 83 -33.75 14.61 36.60
C THR E 83 -32.94 15.70 37.28
N ASP E 84 -33.47 16.93 37.23
CA ASP E 84 -32.82 18.09 37.82
C ASP E 84 -33.80 18.78 38.76
N HIS E 85 -33.40 18.97 40.00
CA HIS E 85 -34.26 19.60 40.99
C HIS E 85 -34.35 21.12 40.80
N TYR E 86 -33.28 21.75 40.33
CA TYR E 86 -33.24 23.20 40.24
C TYR E 86 -33.88 23.75 38.98
N LEU E 87 -33.86 23.00 37.88
CA LEU E 87 -34.43 23.46 36.62
C LEU E 87 -35.91 23.08 36.54
N GLN E 88 -36.69 23.73 37.40
CA GLN E 88 -38.13 23.48 37.49
C GLN E 88 -38.89 24.79 37.45
N TRP E 89 -40.03 24.77 36.77
CA TRP E 89 -40.91 25.94 36.72
C TRP E 89 -42.31 25.46 36.34
N ASN E 90 -43.29 26.34 36.54
CA ASN E 90 -44.66 26.05 36.19
C ASN E 90 -45.07 26.78 34.91
N VAL E 91 -45.92 26.14 34.12
CA VAL E 91 -46.34 26.71 32.83
C VAL E 91 -47.32 27.86 33.02
N SER E 92 -47.96 27.98 34.18
CA SER E 92 -48.92 29.04 34.40
C SER E 92 -48.26 30.42 34.29
N GLU E 93 -47.07 30.57 34.87
CA GLU E 93 -46.37 31.85 34.80
C GLU E 93 -45.78 32.09 33.42
N TYR E 94 -45.38 31.02 32.74
CA TYR E 94 -44.81 31.13 31.39
C TYR E 94 -45.70 30.37 30.41
N PRO E 95 -46.76 31.00 29.91
CA PRO E 95 -47.75 30.25 29.11
C PRO E 95 -47.22 29.71 27.79
N GLY E 96 -46.12 30.24 27.27
CA GLY E 96 -45.68 29.86 25.95
C GLY E 96 -44.62 28.76 25.89
N VAL E 97 -43.65 28.82 26.78
CA VAL E 97 -42.50 27.92 26.73
C VAL E 97 -42.79 26.69 27.57
N LYS E 98 -42.49 25.52 27.00
CA LYS E 98 -42.59 24.25 27.72
C LYS E 98 -41.29 23.47 27.73
N THR E 99 -40.25 23.98 27.06
CA THR E 99 -38.98 23.28 26.97
C THR E 99 -37.88 24.28 26.70
N VAL E 100 -36.78 24.19 27.45
CA VAL E 100 -35.60 25.02 27.24
C VAL E 100 -34.42 24.10 26.95
N ARG E 101 -33.41 24.65 26.27
CA ARG E 101 -32.26 23.88 25.83
C ARG E 101 -30.99 24.61 26.25
N PHE E 102 -30.11 23.90 26.97
CA PHE E 102 -28.85 24.44 27.42
C PHE E 102 -27.69 23.77 26.69
N PRO E 103 -26.69 24.53 26.25
CA PRO E 103 -25.56 23.94 25.55
C PRO E 103 -24.57 23.28 26.50
N ASP E 104 -23.46 22.78 25.95
CA ASP E 104 -22.45 22.10 26.76
C ASP E 104 -21.73 23.12 27.64
N GLY E 105 -21.63 22.82 28.93
CA GLY E 105 -20.88 23.64 29.86
C GLY E 105 -21.68 24.58 30.73
N GLN E 106 -23.01 24.54 30.65
CA GLN E 106 -23.84 25.43 31.46
C GLN E 106 -24.74 24.70 32.46
N ILE E 107 -24.95 23.39 32.28
CA ILE E 107 -25.72 22.60 33.24
C ILE E 107 -24.96 21.32 33.53
N TRP E 108 -25.29 20.69 34.65
CA TRP E 108 -24.61 19.46 35.05
C TRP E 108 -25.01 18.32 34.14
N LYS E 109 -24.01 17.58 33.65
CA LYS E 109 -24.23 16.40 32.83
C LYS E 109 -23.35 15.26 33.34
N PRO E 110 -23.83 14.02 33.28
CA PRO E 110 -22.99 12.88 33.66
C PRO E 110 -21.83 12.70 32.69
N ASP E 111 -20.77 12.10 33.19
CA ASP E 111 -19.54 11.88 32.42
C ASP E 111 -19.43 10.45 31.91
N ILE E 112 -20.57 9.86 31.52
CA ILE E 112 -20.55 8.51 30.99
C ILE E 112 -19.78 8.47 29.68
N LEU E 113 -18.82 7.55 29.59
CA LEU E 113 -17.97 7.45 28.40
C LEU E 113 -17.57 6.00 28.20
N LEU E 114 -17.19 5.69 26.95
CA LEU E 114 -16.79 4.34 26.60
C LEU E 114 -15.44 4.00 27.24
N TYR E 115 -15.37 2.83 27.87
CA TYR E 115 -14.14 2.42 28.54
C TYR E 115 -13.06 2.00 27.55
N ASN E 116 -13.44 1.25 26.52
CA ASN E 116 -12.46 0.73 25.57
C ASN E 116 -11.85 1.86 24.74
N SER E 117 -12.67 2.51 23.93
CA SER E 117 -12.32 3.73 23.20
C SER E 117 -10.92 3.67 22.59
N ALA E 118 -10.74 2.71 21.68
CA ALA E 118 -9.47 2.56 20.99
C ALA E 118 -9.28 3.65 19.94
N ASP E 119 -9.08 4.89 20.39
CA ASP E 119 -8.97 6.03 19.49
C ASP E 119 -8.21 7.15 20.21
N GLU E 120 -7.73 8.12 19.41
CA GLU E 120 -6.84 9.15 19.95
C GLU E 120 -7.55 9.98 21.01
N ARG E 121 -8.56 10.72 20.63
CA ARG E 121 -9.41 11.38 21.61
C ARG E 121 -10.42 10.40 22.18
N PHE E 122 -10.66 10.50 23.48
CA PHE E 122 -11.28 9.41 24.21
C PHE E 122 -12.80 9.52 24.35
N ASP E 123 -13.36 10.72 24.16
CA ASP E 123 -14.78 10.91 24.39
C ASP E 123 -15.61 10.45 23.19
N ALA E 124 -15.44 11.11 22.05
CA ALA E 124 -16.16 10.81 20.82
C ALA E 124 -17.67 10.84 21.04
N THR E 125 -18.16 12.02 21.44
CA THR E 125 -19.58 12.17 21.74
C THR E 125 -20.24 13.37 21.09
N PHE E 126 -19.48 14.37 20.64
CA PHE E 126 -20.02 15.55 19.94
C PHE E 126 -21.19 16.16 20.71
N HIS E 127 -20.84 16.72 21.88
CA HIS E 127 -21.83 17.32 22.77
C HIS E 127 -22.76 18.26 22.02
N THR E 128 -24.06 18.06 22.20
CA THR E 128 -25.10 18.87 21.59
C THR E 128 -25.94 19.54 22.67
N ASN E 129 -27.03 20.18 22.25
CA ASN E 129 -27.95 20.80 23.19
C ASN E 129 -28.61 19.74 24.07
N VAL E 130 -29.08 20.18 25.24
CA VAL E 130 -29.64 19.30 26.25
C VAL E 130 -31.09 19.73 26.46
N LEU E 131 -32.03 18.84 26.15
CA LEU E 131 -33.44 19.14 26.34
C LEU E 131 -33.79 19.19 27.83
N VAL E 132 -34.65 20.12 28.20
CA VAL E 132 -35.09 20.29 29.57
C VAL E 132 -36.62 20.28 29.60
N ASN E 133 -37.19 19.49 30.51
CA ASN E 133 -38.63 19.29 30.63
C ASN E 133 -39.29 20.53 31.23
N SER E 134 -40.60 20.48 31.42
CA SER E 134 -41.29 21.48 32.22
C SER E 134 -41.31 21.11 33.70
N SER E 135 -40.84 19.91 34.05
CA SER E 135 -40.82 19.45 35.43
C SER E 135 -39.42 19.11 35.93
N GLY E 136 -38.38 19.36 35.14
CA GLY E 136 -37.02 19.09 35.54
C GLY E 136 -36.38 17.87 34.93
N HIS E 137 -37.15 16.99 34.31
CA HIS E 137 -36.57 15.81 33.68
CA HIS E 137 -36.59 15.81 33.67
C HIS E 137 -35.68 16.22 32.51
N CYS E 138 -34.51 15.60 32.45
CA CYS E 138 -33.49 16.00 31.49
C CYS E 138 -33.24 14.87 30.50
N GLN E 139 -33.12 15.25 29.22
CA GLN E 139 -32.85 14.31 28.14
C GLN E 139 -31.65 14.81 27.34
N TYR E 140 -30.79 13.88 26.93
CA TYR E 140 -29.54 14.22 26.25
C TYR E 140 -29.23 13.14 25.22
N LEU E 141 -29.08 13.55 23.96
CA LEU E 141 -28.95 12.62 22.84
C LEU E 141 -27.73 13.00 22.00
N PRO E 142 -26.54 12.58 22.43
CA PRO E 142 -25.32 12.93 21.69
C PRO E 142 -25.01 11.90 20.61
N PRO E 143 -24.76 12.35 19.38
CA PRO E 143 -24.29 11.43 18.34
C PRO E 143 -22.77 11.39 18.27
N GLY E 144 -22.26 10.22 17.89
CA GLY E 144 -20.82 10.06 17.78
C GLY E 144 -20.46 8.79 17.05
N ILE E 145 -19.23 8.76 16.54
CA ILE E 145 -18.65 7.60 15.88
C ILE E 145 -17.62 7.01 16.83
N PHE E 146 -17.90 5.81 17.32
CA PHE E 146 -17.08 5.18 18.35
C PHE E 146 -16.18 4.10 17.75
N LYS E 147 -14.93 4.09 18.16
CA LYS E 147 -13.95 3.09 17.75
C LYS E 147 -13.54 2.31 18.98
N SER E 148 -14.30 1.27 19.31
CA SER E 148 -14.02 0.43 20.46
C SER E 148 -13.04 -0.69 20.08
N SER E 149 -12.41 -1.26 21.10
CA SER E 149 -11.46 -2.33 20.93
C SER E 149 -12.09 -3.64 21.40
N CYS E 150 -12.42 -4.51 20.46
CA CYS E 150 -12.93 -5.83 20.76
C CYS E 150 -11.98 -6.88 20.18
N TYR E 151 -12.14 -8.11 20.64
CA TYR E 151 -11.24 -9.20 20.31
C TYR E 151 -11.79 -9.96 19.11
N ILE E 152 -11.12 -9.84 17.97
CA ILE E 152 -11.53 -10.51 16.74
C ILE E 152 -10.93 -11.91 16.74
N ASP E 153 -11.80 -12.92 16.71
CA ASP E 153 -11.38 -14.32 16.74
C ASP E 153 -11.33 -14.84 15.31
N VAL E 154 -10.12 -14.97 14.78
CA VAL E 154 -9.94 -15.49 13.41
C VAL E 154 -9.83 -17.00 13.53
N ARG E 155 -10.98 -17.64 13.64
CA ARG E 155 -11.08 -19.10 13.62
C ARG E 155 -12.39 -19.44 12.93
N TRP E 156 -12.34 -20.36 11.97
CA TRP E 156 -13.42 -20.53 11.00
C TRP E 156 -13.70 -19.19 10.32
N PHE E 157 -12.63 -18.60 9.77
CA PHE E 157 -12.65 -17.19 9.40
C PHE E 157 -13.77 -16.84 8.41
N PRO E 158 -13.98 -17.55 7.30
CA PRO E 158 -15.11 -17.20 6.42
C PRO E 158 -16.47 -17.44 7.06
N PHE E 159 -16.56 -18.23 8.11
CA PHE E 159 -17.84 -18.61 8.72
C PHE E 159 -17.82 -18.34 10.22
N ASP E 160 -17.38 -17.14 10.62
CA ASP E 160 -17.21 -16.80 12.02
C ASP E 160 -18.29 -15.82 12.47
N VAL E 161 -18.58 -15.85 13.77
CA VAL E 161 -19.49 -14.92 14.41
C VAL E 161 -18.72 -14.19 15.50
N GLN E 162 -18.78 -12.86 15.48
CA GLN E 162 -18.01 -12.02 16.39
C GLN E 162 -18.91 -11.45 17.49
N HIS E 163 -18.33 -11.29 18.67
CA HIS E 163 -19.02 -10.69 19.81
C HIS E 163 -18.13 -9.56 20.34
N CYS E 164 -18.46 -8.32 19.98
CA CYS E 164 -17.70 -7.15 20.39
C CYS E 164 -18.46 -6.43 21.51
N LYS E 165 -17.72 -6.09 22.58
CA LYS E 165 -18.32 -5.46 23.74
C LYS E 165 -18.27 -3.94 23.63
N LEU E 166 -19.21 -3.28 24.31
CA LEU E 166 -19.27 -1.83 24.41
C LEU E 166 -19.54 -1.49 25.87
N LYS E 167 -18.48 -1.17 26.61
CA LYS E 167 -18.57 -0.95 28.05
C LYS E 167 -18.72 0.54 28.33
N PHE E 168 -19.89 0.93 28.81
CA PHE E 168 -20.20 2.32 29.13
C PHE E 168 -20.42 2.45 30.62
N GLY E 169 -19.93 3.55 31.20
CA GLY E 169 -20.11 3.79 32.61
C GLY E 169 -19.49 5.13 33.00
N SER E 170 -19.93 5.61 34.15
CA SER E 170 -19.40 6.87 34.68
C SER E 170 -17.94 6.71 35.07
N TRP E 171 -17.18 7.80 34.95
CA TRP E 171 -15.74 7.76 35.23
C TRP E 171 -15.37 8.34 36.59
N SER E 172 -16.22 9.19 37.17
CA SER E 172 -15.89 9.85 38.43
C SER E 172 -16.94 9.68 39.52
N TYR E 173 -18.17 9.29 39.18
CA TYR E 173 -19.22 9.10 40.17
C TYR E 173 -19.42 7.62 40.45
N GLY E 174 -19.46 7.25 41.72
CA GLY E 174 -19.65 5.88 42.13
C GLY E 174 -21.11 5.50 42.22
N GLY E 175 -21.35 4.31 42.78
CA GLY E 175 -22.72 3.81 42.91
C GLY E 175 -23.55 4.54 43.94
N TRP E 176 -22.90 5.24 44.88
CA TRP E 176 -23.63 5.98 45.91
C TRP E 176 -24.03 7.38 45.46
N SER E 177 -23.57 7.83 44.30
CA SER E 177 -23.86 9.16 43.80
C SER E 177 -24.65 9.15 42.50
N LEU E 178 -24.26 8.30 41.55
CA LEU E 178 -24.92 8.21 40.25
C LEU E 178 -25.36 6.76 40.04
N ASP E 179 -26.64 6.50 40.34
CA ASP E 179 -27.21 5.17 40.18
C ASP E 179 -27.54 4.97 38.70
N LEU E 180 -26.59 4.39 37.97
CA LEU E 180 -26.74 4.20 36.54
C LEU E 180 -27.64 3.00 36.26
N GLN E 181 -28.80 3.24 35.67
CA GLN E 181 -29.70 2.18 35.25
C GLN E 181 -29.44 1.85 33.79
N MET E 182 -30.29 1.01 33.20
CA MET E 182 -30.10 0.61 31.81
C MET E 182 -31.46 0.42 31.15
N GLN E 183 -31.51 0.71 29.85
CA GLN E 183 -32.67 0.42 29.02
C GLN E 183 -32.21 -0.35 27.79
N GLU E 184 -33.14 -1.12 27.22
CA GLU E 184 -32.81 -1.99 26.09
C GLU E 184 -32.35 -1.17 24.89
N ALA E 185 -31.39 -1.73 24.16
CA ALA E 185 -30.87 -1.07 22.97
C ALA E 185 -31.94 -1.01 21.88
N ASP E 186 -31.85 0.03 21.05
CA ASP E 186 -32.82 0.27 19.99
C ASP E 186 -32.15 0.09 18.64
N ILE E 187 -32.79 -0.71 17.78
CA ILE E 187 -32.26 -0.95 16.43
C ILE E 187 -33.34 -0.60 15.41
N SER E 188 -34.23 0.32 15.76
CA SER E 188 -35.27 0.76 14.84
C SER E 188 -34.65 1.65 13.77
N GLY E 189 -34.16 1.03 12.70
CA GLY E 189 -33.39 1.73 11.68
C GLY E 189 -31.93 1.38 11.80
N TYR E 190 -31.46 0.46 10.96
CA TYR E 190 -30.11 -0.08 11.09
C TYR E 190 -29.24 0.07 9.84
N ILE E 191 -29.83 0.23 8.66
CA ILE E 191 -29.07 0.41 7.41
C ILE E 191 -28.06 -0.72 7.28
N PRO E 192 -28.50 -1.92 6.90
CA PRO E 192 -27.60 -3.09 6.96
C PRO E 192 -26.29 -2.87 6.21
N ASN E 193 -25.21 -3.35 6.82
CA ASN E 193 -23.87 -3.10 6.31
C ASN E 193 -23.60 -3.83 5.00
N GLY E 194 -24.24 -4.95 4.77
CA GLY E 194 -24.00 -5.75 3.57
C GLY E 194 -22.97 -6.84 3.74
N GLU E 195 -21.84 -6.53 4.39
CA GLU E 195 -20.83 -7.53 4.66
C GLU E 195 -21.09 -8.28 5.96
N TRP E 196 -21.52 -7.58 7.00
CA TRP E 196 -21.79 -8.18 8.30
C TRP E 196 -23.30 -8.24 8.54
N ASP E 197 -23.78 -9.39 8.97
CA ASP E 197 -25.20 -9.60 9.27
C ASP E 197 -25.38 -9.50 10.77
N LEU E 198 -26.13 -8.50 11.21
CA LEU E 198 -26.35 -8.29 12.63
C LEU E 198 -27.30 -9.36 13.18
N VAL E 199 -26.91 -9.96 14.31
CA VAL E 199 -27.73 -10.96 14.98
C VAL E 199 -28.55 -10.34 16.11
N GLY E 200 -27.91 -9.52 16.93
CA GLY E 200 -28.60 -8.85 18.00
C GLY E 200 -27.62 -8.00 18.79
N ILE E 201 -28.16 -7.32 19.80
CA ILE E 201 -27.32 -6.49 20.66
C ILE E 201 -27.92 -6.52 22.08
N PRO E 202 -27.66 -7.56 22.85
CA PRO E 202 -28.12 -7.58 24.24
C PRO E 202 -27.23 -6.74 25.15
N GLY E 203 -27.78 -6.38 26.30
CA GLY E 203 -27.08 -5.53 27.24
C GLY E 203 -27.23 -5.99 28.67
N LYS E 204 -26.30 -5.52 29.51
CA LYS E 204 -26.27 -5.88 30.91
C LYS E 204 -25.97 -4.62 31.72
N ARG E 205 -26.32 -4.63 32.99
CA ARG E 205 -25.79 -3.70 33.98
C ARG E 205 -25.13 -4.50 35.10
N SER E 206 -23.87 -4.20 35.40
CA SER E 206 -23.16 -4.83 36.49
C SER E 206 -22.35 -3.78 37.25
N GLU E 207 -22.13 -4.04 38.54
CA GLU E 207 -21.35 -3.16 39.41
C GLU E 207 -20.15 -3.93 39.95
N ARG E 208 -18.96 -3.35 39.79
CA ARG E 208 -17.71 -3.97 40.17
C ARG E 208 -16.99 -3.14 41.24
N PHE E 209 -15.84 -3.63 41.66
CA PHE E 209 -14.98 -2.93 42.60
C PHE E 209 -13.60 -2.71 41.98
N TYR E 210 -12.96 -1.61 42.36
CA TYR E 210 -11.67 -1.22 41.81
C TYR E 210 -10.70 -0.92 42.94
N GLU E 211 -9.42 -0.75 42.57
CA GLU E 211 -8.36 -0.54 43.55
C GLU E 211 -8.38 0.85 44.15
N CYS E 212 -8.90 1.85 43.44
CA CYS E 212 -8.93 3.21 43.96
C CYS E 212 -9.81 3.31 45.20
N CYS E 213 -11.01 2.76 45.11
CA CYS E 213 -12.10 3.20 45.97
C CYS E 213 -12.91 1.99 46.43
N LYS E 214 -13.63 2.18 47.54
CA LYS E 214 -14.55 1.19 48.07
C LYS E 214 -15.95 1.32 47.47
N GLU E 215 -16.24 2.43 46.81
CA GLU E 215 -17.54 2.60 46.16
C GLU E 215 -17.64 1.68 44.95
N PRO E 216 -18.71 0.88 44.85
CA PRO E 216 -18.92 0.13 43.60
C PRO E 216 -19.20 1.07 42.44
N TYR E 217 -18.74 0.68 41.25
CA TYR E 217 -18.92 1.49 40.05
C TYR E 217 -19.79 0.72 39.05
N PRO E 218 -21.10 0.96 39.04
CA PRO E 218 -21.95 0.28 38.06
C PRO E 218 -21.65 0.74 36.64
N ASP E 219 -21.86 -0.17 35.70
CA ASP E 219 -21.64 0.11 34.29
C ASP E 219 -22.58 -0.75 33.46
N VAL E 220 -22.77 -0.35 32.21
CA VAL E 220 -23.64 -1.07 31.27
C VAL E 220 -22.80 -1.50 30.09
N THR E 221 -22.90 -2.78 29.72
CA THR E 221 -22.14 -3.35 28.62
C THR E 221 -23.11 -3.86 27.56
N PHE E 222 -22.93 -3.39 26.33
CA PHE E 222 -23.73 -3.82 25.19
C PHE E 222 -22.86 -4.70 24.30
N THR E 223 -23.25 -5.95 24.16
CA THR E 223 -22.51 -6.91 23.34
C THR E 223 -23.10 -6.92 21.92
N VAL E 224 -22.28 -6.56 20.94
CA VAL E 224 -22.71 -6.50 19.55
C VAL E 224 -22.38 -7.85 18.93
N THR E 225 -23.41 -8.64 18.64
CA THR E 225 -23.27 -9.94 18.00
C THR E 225 -23.59 -9.81 16.52
N MET E 226 -22.65 -10.23 15.68
CA MET E 226 -22.77 -10.05 14.24
C MET E 226 -22.16 -11.24 13.52
N ARG E 227 -22.77 -11.63 12.40
CA ARG E 227 -22.32 -12.76 11.60
C ARG E 227 -21.83 -12.26 10.25
N ARG E 228 -20.68 -12.78 9.82
CA ARG E 228 -20.09 -12.38 8.55
C ARG E 228 -20.76 -13.13 7.42
N ARG E 229 -21.19 -12.39 6.40
CA ARG E 229 -21.71 -13.00 5.18
C ARG E 229 -20.54 -13.54 4.36
N THR E 230 -20.65 -14.81 3.94
CA THR E 230 -19.53 -15.53 3.36
C THR E 230 -19.69 -15.71 1.85
N LEU E 231 -20.55 -14.92 1.22
CA LEU E 231 -20.72 -15.00 -0.23
C LEU E 231 -19.53 -14.39 -0.96
N TYR E 232 -18.94 -13.33 -0.40
CA TYR E 232 -17.88 -12.62 -1.11
C TYR E 232 -16.58 -13.42 -1.10
N TYR E 233 -16.05 -13.72 0.08
CA TYR E 233 -14.79 -14.44 0.19
C TYR E 233 -14.86 -15.82 -0.44
N GLY E 234 -15.94 -16.58 -0.19
CA GLY E 234 -16.07 -17.91 -0.76
C GLY E 234 -16.15 -17.92 -2.27
N LEU E 235 -16.48 -16.78 -2.88
CA LEU E 235 -16.46 -16.65 -4.34
C LEU E 235 -15.14 -16.11 -4.87
N ASN E 236 -14.36 -15.44 -4.02
CA ASN E 236 -13.09 -14.86 -4.43
C ASN E 236 -11.87 -15.55 -3.85
N LEU E 237 -12.05 -16.42 -2.85
CA LEU E 237 -10.92 -17.12 -2.25
C LEU E 237 -11.09 -18.63 -2.23
N LEU E 238 -12.31 -19.13 -2.05
CA LEU E 238 -12.53 -20.56 -1.93
C LEU E 238 -12.76 -21.23 -3.28
N ILE E 239 -13.72 -20.74 -4.06
CA ILE E 239 -14.05 -21.33 -5.37
C ILE E 239 -12.86 -21.24 -6.32
N PRO E 240 -12.21 -20.08 -6.50
CA PRO E 240 -11.05 -20.05 -7.41
C PRO E 240 -9.92 -20.95 -6.96
N CYS E 241 -9.73 -21.14 -5.65
CA CYS E 241 -8.67 -22.03 -5.17
C CYS E 241 -8.95 -23.48 -5.56
N VAL E 242 -10.21 -23.90 -5.46
CA VAL E 242 -10.56 -25.27 -5.82
C VAL E 242 -10.33 -25.51 -7.31
N LEU E 243 -10.80 -24.58 -8.16
CA LEU E 243 -10.67 -24.77 -9.59
C LEU E 243 -9.22 -24.72 -10.07
N ILE E 244 -8.44 -23.77 -9.54
CA ILE E 244 -7.04 -23.68 -9.95
C ILE E 244 -6.23 -24.89 -9.47
N SER E 245 -6.49 -25.34 -8.23
CA SER E 245 -5.80 -26.53 -7.73
C SER E 245 -6.17 -27.78 -8.51
N ALA E 246 -7.32 -27.78 -9.19
CA ALA E 246 -7.70 -28.92 -10.02
C ALA E 246 -6.83 -29.06 -11.25
N LEU E 247 -6.16 -27.98 -11.68
CA LEU E 247 -5.24 -28.07 -12.81
C LEU E 247 -3.96 -28.81 -12.47
N ALA E 248 -3.60 -28.88 -11.19
CA ALA E 248 -2.46 -29.69 -10.79
C ALA E 248 -2.73 -31.19 -10.96
N LEU E 249 -3.99 -31.60 -10.86
CA LEU E 249 -4.36 -32.98 -11.13
C LEU E 249 -4.32 -33.31 -12.62
N LEU E 250 -4.23 -32.30 -13.48
CA LEU E 250 -4.17 -32.49 -14.92
C LEU E 250 -2.78 -32.90 -15.40
N VAL E 251 -1.76 -32.82 -14.53
CA VAL E 251 -0.41 -33.23 -14.90
C VAL E 251 -0.37 -34.72 -15.21
N PHE E 252 -1.16 -35.51 -14.49
CA PHE E 252 -1.17 -36.95 -14.65
C PHE E 252 -1.82 -37.41 -15.95
N LEU E 253 -2.43 -36.50 -16.71
CA LEU E 253 -2.98 -36.83 -18.01
C LEU E 253 -2.06 -36.48 -19.17
N LEU E 254 -1.06 -35.64 -18.95
CA LEU E 254 -0.11 -35.31 -20.00
C LEU E 254 0.74 -36.53 -20.34
N PRO E 255 0.93 -36.82 -21.63
CA PRO E 255 1.94 -37.82 -22.01
C PRO E 255 3.33 -37.32 -21.67
N ALA E 256 4.21 -38.25 -21.32
CA ALA E 256 5.56 -37.90 -20.90
C ALA E 256 6.42 -37.41 -22.06
N ASP E 257 6.02 -37.70 -23.31
CA ASP E 257 6.81 -37.25 -24.45
C ASP E 257 6.83 -35.73 -24.55
N SER E 258 5.72 -35.09 -24.31
CA SER E 258 5.70 -33.63 -24.27
C SER E 258 6.38 -33.15 -23.00
N GLY E 259 7.54 -32.52 -23.15
CA GLY E 259 8.33 -32.12 -22.00
C GLY E 259 7.74 -30.92 -21.28
N GLU E 260 6.54 -31.11 -20.72
CA GLU E 260 5.84 -30.02 -20.05
C GLU E 260 5.19 -30.46 -18.75
N LYS E 261 5.48 -31.67 -18.25
CA LYS E 261 4.88 -32.13 -17.01
C LYS E 261 5.37 -31.30 -15.82
N ILE E 262 6.68 -31.08 -15.72
CA ILE E 262 7.21 -30.26 -14.64
C ILE E 262 6.82 -28.80 -14.85
N SER E 263 6.81 -28.30 -16.14
CA SER E 263 6.45 -26.91 -16.40
C SER E 263 5.01 -26.59 -16.06
N LEU E 264 4.15 -27.60 -15.90
CA LEU E 264 2.76 -27.40 -15.51
C LEU E 264 2.55 -27.53 -14.00
N GLY E 265 3.15 -28.55 -13.38
CA GLY E 265 2.99 -28.72 -11.95
C GLY E 265 3.66 -27.61 -11.14
N ILE E 266 4.86 -27.20 -11.57
CA ILE E 266 5.60 -26.20 -10.81
C ILE E 266 5.02 -24.80 -11.06
N THR E 267 4.37 -24.59 -12.20
CA THR E 267 3.79 -23.27 -12.48
C THR E 267 2.55 -23.03 -11.62
N VAL E 268 1.68 -24.04 -11.53
CA VAL E 268 0.46 -23.88 -10.73
C VAL E 268 0.80 -23.75 -9.25
N LEU E 269 1.75 -24.55 -8.76
CA LEU E 269 2.07 -24.55 -7.34
C LEU E 269 2.63 -23.20 -6.89
N LEU E 270 3.61 -22.68 -7.62
CA LEU E 270 4.26 -21.44 -7.22
C LEU E 270 3.42 -20.20 -7.52
N SER E 271 2.40 -20.32 -8.38
CA SER E 271 1.51 -19.20 -8.68
C SER E 271 0.25 -19.20 -7.83
N LEU E 272 -0.04 -20.28 -7.11
CA LEU E 272 -1.18 -20.31 -6.21
C LEU E 272 -0.88 -19.61 -4.89
N THR E 273 0.38 -19.23 -4.66
CA THR E 273 0.79 -18.53 -3.45
C THR E 273 0.11 -17.17 -3.29
N VAL E 274 -0.37 -16.57 -4.38
CA VAL E 274 -0.94 -15.23 -4.33
C VAL E 274 -2.17 -15.18 -3.42
N PHE E 275 -2.84 -16.31 -3.23
CA PHE E 275 -4.02 -16.32 -2.38
C PHE E 275 -3.67 -15.99 -0.93
N MET E 276 -2.61 -16.61 -0.40
CA MET E 276 -2.26 -16.35 0.99
C MET E 276 -1.66 -14.97 1.18
N LEU E 277 -1.04 -14.41 0.14
CA LEU E 277 -0.64 -13.01 0.20
C LEU E 277 -1.85 -12.10 0.36
N LEU E 278 -2.98 -12.49 -0.21
CA LEU E 278 -4.23 -11.77 0.02
C LEU E 278 -4.74 -12.01 1.44
N VAL E 279 -4.65 -13.24 1.92
CA VAL E 279 -5.09 -13.57 3.27
C VAL E 279 -4.20 -12.91 4.31
N ALA E 280 -2.90 -12.80 4.03
CA ALA E 280 -1.99 -12.13 4.97
C ALA E 280 -2.34 -10.67 5.16
N GLU E 281 -2.99 -10.05 4.19
CA GLU E 281 -3.45 -8.66 4.31
C GLU E 281 -4.74 -8.54 5.09
N ILE E 282 -5.38 -9.65 5.43
CA ILE E 282 -6.62 -9.63 6.20
C ILE E 282 -6.44 -10.20 7.60
N MET E 283 -5.62 -11.24 7.77
CA MET E 283 -5.47 -11.88 9.07
C MET E 283 -4.64 -11.00 10.00
N PRO E 284 -5.10 -10.76 11.23
CA PRO E 284 -4.21 -10.19 12.24
C PRO E 284 -3.11 -11.18 12.58
N ALA E 285 -1.93 -10.66 12.93
CA ALA E 285 -0.78 -11.50 13.23
C ALA E 285 -0.88 -12.07 14.65
N THR E 286 -1.98 -12.75 14.89
CA THR E 286 -2.24 -13.33 16.22
C THR E 286 -1.81 -14.79 16.24
N SER E 287 -0.92 -15.12 17.17
CA SER E 287 -0.44 -16.49 17.35
C SER E 287 -1.28 -17.25 18.37
N ASP E 288 -2.59 -17.24 18.17
CA ASP E 288 -3.52 -17.87 19.10
C ASP E 288 -4.36 -18.97 18.48
N SER E 289 -4.82 -18.80 17.24
CA SER E 289 -5.64 -19.82 16.58
C SER E 289 -5.38 -19.77 15.08
N VAL E 290 -5.21 -20.94 14.47
CA VAL E 290 -4.97 -21.03 13.03
C VAL E 290 -6.30 -20.87 12.31
N PRO E 291 -6.42 -19.91 11.39
CA PRO E 291 -7.67 -19.75 10.64
C PRO E 291 -7.97 -20.97 9.80
N LEU E 292 -9.27 -21.23 9.61
CA LEU E 292 -9.67 -22.37 8.79
C LEU E 292 -9.25 -22.18 7.34
N ILE E 293 -9.38 -20.95 6.83
CA ILE E 293 -8.97 -20.69 5.44
C ILE E 293 -7.47 -20.90 5.28
N ALA E 294 -6.70 -20.73 6.36
CA ALA E 294 -5.27 -20.99 6.29
C ALA E 294 -4.99 -22.49 6.25
N GLN E 295 -5.75 -23.28 7.04
CA GLN E 295 -5.59 -24.73 6.99
C GLN E 295 -5.98 -25.28 5.63
N TYR E 296 -7.07 -24.79 5.05
CA TYR E 296 -7.51 -25.26 3.75
C TYR E 296 -6.55 -24.83 2.64
N PHE E 297 -6.00 -23.63 2.74
CA PHE E 297 -4.98 -23.21 1.77
C PHE E 297 -3.69 -23.98 1.96
N ALA E 298 -3.33 -24.28 3.20
CA ALA E 298 -2.15 -25.10 3.44
C ALA E 298 -2.35 -26.52 2.94
N SER E 299 -3.56 -27.06 3.09
CA SER E 299 -3.82 -28.42 2.63
C SER E 299 -3.70 -28.54 1.12
N THR E 300 -4.20 -27.54 0.38
CA THR E 300 -4.15 -27.61 -1.07
C THR E 300 -2.76 -27.35 -1.65
N MET E 301 -1.84 -26.76 -0.87
CA MET E 301 -0.44 -26.71 -1.28
C MET E 301 0.29 -28.04 -1.18
N ILE E 302 0.06 -28.80 -0.09
CA ILE E 302 0.75 -30.07 0.06
C ILE E 302 0.30 -31.05 -1.02
N ILE E 303 -1.00 -31.06 -1.34
CA ILE E 303 -1.51 -31.95 -2.37
C ILE E 303 -0.87 -31.62 -3.72
N VAL E 304 -0.80 -30.33 -4.05
CA VAL E 304 -0.14 -29.93 -5.29
C VAL E 304 1.36 -30.17 -5.20
N GLY E 305 1.95 -29.90 -4.03
CA GLY E 305 3.38 -30.14 -3.86
C GLY E 305 3.75 -31.60 -4.00
N LEU E 306 2.92 -32.49 -3.46
CA LEU E 306 3.17 -33.93 -3.60
C LEU E 306 3.01 -34.40 -5.03
N SER E 307 2.21 -33.71 -5.85
CA SER E 307 2.06 -34.08 -7.25
C SER E 307 3.37 -33.91 -8.00
N VAL E 308 4.11 -32.84 -7.70
CA VAL E 308 5.40 -32.63 -8.35
C VAL E 308 6.39 -33.71 -7.95
N VAL E 309 6.36 -34.13 -6.68
CA VAL E 309 7.24 -35.19 -6.21
C VAL E 309 6.92 -36.50 -6.94
N VAL E 310 5.63 -36.81 -7.09
CA VAL E 310 5.23 -38.03 -7.79
C VAL E 310 5.58 -37.93 -9.27
N THR E 311 5.44 -36.73 -9.86
CA THR E 311 5.75 -36.56 -11.27
C THR E 311 7.22 -36.87 -11.55
N VAL E 312 8.11 -36.46 -10.65
CA VAL E 312 9.53 -36.76 -10.82
C VAL E 312 9.78 -38.26 -10.76
N ILE E 313 9.05 -38.96 -9.88
CA ILE E 313 9.17 -40.42 -9.81
C ILE E 313 8.73 -41.06 -11.13
N VAL E 314 7.70 -40.50 -11.77
CA VAL E 314 7.25 -41.02 -13.06
C VAL E 314 8.31 -40.78 -14.12
N LEU E 315 8.90 -39.58 -14.15
CA LEU E 315 9.81 -39.22 -15.22
C LEU E 315 11.07 -40.07 -15.22
N GLN E 316 11.51 -40.54 -14.05
CA GLN E 316 12.67 -41.40 -14.00
C GLN E 316 12.36 -42.85 -14.36
N TYR E 317 11.08 -43.23 -14.39
CA TYR E 317 10.69 -44.50 -14.99
C TYR E 317 10.59 -44.43 -16.50
N HIS E 318 10.27 -43.26 -17.04
CA HIS E 318 10.16 -43.10 -18.48
C HIS E 318 11.51 -43.16 -19.15
N HIS E 319 12.43 -42.28 -18.76
CA HIS E 319 13.79 -42.28 -19.29
C HIS E 319 14.70 -43.14 -18.41
N HIS E 320 14.39 -44.43 -18.39
CA HIS E 320 15.09 -45.35 -17.51
C HIS E 320 16.46 -45.77 -18.04
N ASP E 321 16.77 -45.49 -19.31
CA ASP E 321 18.05 -45.83 -19.90
C ASP E 321 18.34 -47.32 -19.73
N PRO E 322 17.70 -48.20 -20.50
CA PRO E 322 17.84 -49.64 -20.26
C PRO E 322 19.26 -50.13 -20.51
N ASP E 323 19.45 -51.44 -20.28
CA ASP E 323 20.78 -52.06 -20.23
C ASP E 323 21.62 -51.46 -19.10
N GLY E 324 20.96 -50.96 -18.07
CA GLY E 324 21.62 -50.42 -16.90
C GLY E 324 20.87 -50.78 -15.64
N GLY E 325 20.03 -51.80 -15.74
CA GLY E 325 19.22 -52.25 -14.62
C GLY E 325 18.09 -53.14 -15.09
N LYS E 326 17.38 -53.70 -14.13
CA LYS E 326 16.27 -54.60 -14.42
C LYS E 326 15.23 -54.47 -13.32
N MET E 327 14.00 -54.85 -13.65
CA MET E 327 12.92 -54.80 -12.68
C MET E 327 13.17 -55.81 -11.57
N PRO E 328 13.00 -55.42 -10.30
CA PRO E 328 13.33 -56.33 -9.19
C PRO E 328 12.28 -57.40 -8.95
N LYS E 329 11.37 -57.59 -9.91
CA LYS E 329 10.32 -58.60 -9.86
C LYS E 329 9.30 -58.30 -8.78
N TRP E 330 9.46 -57.17 -8.09
CA TRP E 330 8.45 -56.72 -7.13
C TRP E 330 7.49 -55.71 -7.75
N THR E 331 8.01 -54.75 -8.52
CA THR E 331 7.18 -53.91 -9.36
C THR E 331 6.72 -54.64 -10.62
N ARG E 332 7.29 -55.81 -10.90
CA ARG E 332 6.87 -56.60 -12.05
C ARG E 332 5.45 -57.13 -11.85
N VAL E 333 5.08 -57.42 -10.61
CA VAL E 333 3.76 -58.00 -10.31
C VAL E 333 2.78 -56.95 -9.82
N ILE E 334 3.27 -55.82 -9.29
CA ILE E 334 2.37 -54.82 -8.73
C ILE E 334 1.83 -53.91 -9.83
N LEU E 335 2.72 -53.22 -10.54
CA LEU E 335 2.29 -52.23 -11.52
C LEU E 335 2.09 -52.81 -12.91
N LEU E 336 2.45 -54.09 -13.12
CA LEU E 336 2.30 -54.71 -14.42
C LEU E 336 1.31 -55.88 -14.43
N ASN E 337 1.00 -56.45 -13.27
CA ASN E 337 0.09 -57.60 -13.20
C ASN E 337 -1.19 -57.32 -12.43
N TRP E 338 -1.10 -56.67 -11.27
CA TRP E 338 -2.28 -56.39 -10.46
C TRP E 338 -2.91 -55.05 -10.83
N CYS E 339 -2.13 -53.97 -10.71
CA CYS E 339 -2.65 -52.63 -11.00
C CYS E 339 -2.94 -52.45 -12.49
N ALA E 340 -2.25 -53.18 -13.37
CA ALA E 340 -2.48 -53.03 -14.80
C ALA E 340 -3.84 -53.56 -15.21
N TRP E 341 -4.36 -54.58 -14.51
CA TRP E 341 -5.63 -55.18 -14.86
C TRP E 341 -6.81 -54.53 -14.14
N PHE E 342 -6.63 -54.17 -12.87
CA PHE E 342 -7.72 -53.52 -12.14
C PHE E 342 -8.02 -52.14 -12.72
N LEU E 343 -6.99 -51.38 -13.08
CA LEU E 343 -7.17 -50.15 -13.84
C LEU E 343 -7.63 -50.39 -15.28
N ARG E 344 -7.51 -51.62 -15.77
CA ARG E 344 -8.00 -52.02 -17.09
C ARG E 344 -7.33 -51.20 -18.21
N MET E 345 -6.01 -51.39 -18.32
CA MET E 345 -5.24 -50.72 -19.35
C MET E 345 -4.68 -51.66 -20.41
N LYS E 346 -4.53 -52.95 -20.10
CA LYS E 346 -4.18 -53.98 -21.08
C LYS E 346 -2.89 -53.66 -21.82
N ARG E 347 -1.80 -53.58 -21.06
CA ARG E 347 -0.45 -53.37 -21.60
C ARG E 347 -0.38 -52.15 -22.51
N ASP E 432 34.02 -65.71 -52.60
CA ASP E 432 34.21 -64.78 -51.48
C ASP E 432 32.87 -64.42 -50.84
N LEU E 433 31.88 -65.29 -51.03
CA LEU E 433 30.56 -65.04 -50.45
C LEU E 433 30.56 -65.15 -48.93
N ALA E 434 31.52 -65.87 -48.36
CA ALA E 434 31.59 -66.00 -46.90
C ALA E 434 31.85 -64.66 -46.25
N LYS E 435 32.75 -63.86 -46.83
CA LYS E 435 33.03 -62.52 -46.29
C LYS E 435 31.79 -61.64 -46.35
N ILE E 436 31.05 -61.69 -47.45
CA ILE E 436 29.82 -60.91 -47.57
C ILE E 436 28.78 -61.43 -46.57
N LEU E 437 28.71 -62.74 -46.40
CA LEU E 437 27.73 -63.32 -45.49
C LEU E 437 27.95 -62.87 -44.05
N GLU E 438 29.22 -62.78 -43.64
CA GLU E 438 29.52 -62.36 -42.27
C GLU E 438 29.09 -60.91 -42.02
N GLU E 439 29.29 -60.03 -43.00
CA GLU E 439 28.97 -58.62 -42.80
C GLU E 439 27.47 -58.40 -42.70
N VAL E 440 26.69 -58.99 -43.61
CA VAL E 440 25.24 -58.82 -43.58
C VAL E 440 24.65 -59.47 -42.34
N ARG E 441 25.25 -60.57 -41.86
CA ARG E 441 24.79 -61.19 -40.62
C ARG E 441 24.99 -60.26 -39.43
N TYR E 442 26.11 -59.52 -39.42
CA TYR E 442 26.34 -58.56 -38.34
C TYR E 442 25.30 -57.45 -38.34
N ILE E 443 24.93 -56.96 -39.53
CA ILE E 443 23.95 -55.88 -39.62
C ILE E 443 22.60 -56.35 -39.08
N ALA E 444 22.18 -57.56 -39.44
CA ALA E 444 20.94 -58.11 -38.92
C ALA E 444 21.02 -58.33 -37.41
N ASN E 445 22.16 -58.82 -36.93
CA ASN E 445 22.34 -59.03 -35.49
C ASN E 445 22.31 -57.71 -34.73
N ARG E 446 22.87 -56.65 -35.32
CA ARG E 446 22.81 -55.34 -34.69
C ARG E 446 21.37 -54.86 -34.56
N PHE E 447 20.57 -55.07 -35.60
CA PHE E 447 19.16 -54.68 -35.55
C PHE E 447 18.39 -55.51 -34.52
N ARG E 448 18.70 -56.80 -34.42
CA ARG E 448 18.01 -57.66 -33.47
C ARG E 448 18.28 -57.21 -32.03
N CYS E 449 19.52 -56.82 -31.72
CA CYS E 449 19.83 -56.32 -30.40
C CYS E 449 19.10 -55.00 -30.11
N GLN E 450 18.93 -54.16 -31.12
CA GLN E 450 18.19 -52.92 -30.94
C GLN E 450 16.73 -53.18 -30.61
N ASP E 451 16.12 -54.17 -31.26
CA ASP E 451 14.73 -54.51 -30.96
C ASP E 451 14.57 -55.00 -29.54
N GLU E 452 15.52 -55.81 -29.06
CA GLU E 452 15.48 -56.26 -27.67
C GLU E 452 15.66 -55.10 -26.70
N SER E 453 16.51 -54.12 -27.05
CA SER E 453 16.65 -52.94 -26.22
C SER E 453 15.42 -52.07 -26.26
N GLU E 454 14.72 -52.01 -27.40
CA GLU E 454 13.50 -51.23 -27.49
C GLU E 454 12.35 -51.87 -26.73
N ALA E 455 12.31 -53.21 -26.68
CA ALA E 455 11.26 -53.88 -25.94
C ALA E 455 11.38 -53.64 -24.45
N VAL E 456 12.61 -53.69 -23.92
CA VAL E 456 12.82 -53.44 -22.50
C VAL E 456 12.46 -52.00 -22.15
N CYS E 457 12.86 -51.05 -23.00
CA CYS E 457 12.51 -49.65 -22.78
C CYS E 457 11.01 -49.40 -22.93
N SER E 458 10.31 -50.22 -23.73
CA SER E 458 8.87 -50.02 -23.92
C SER E 458 8.09 -50.34 -22.65
N GLU E 459 8.45 -51.44 -21.97
CA GLU E 459 7.73 -51.81 -20.75
C GLU E 459 8.01 -50.86 -19.60
N TRP E 460 9.17 -50.19 -19.61
CA TRP E 460 9.42 -49.15 -18.61
C TRP E 460 8.49 -47.96 -18.82
N LYS E 461 8.25 -47.58 -20.07
CA LYS E 461 7.36 -46.46 -20.36
C LYS E 461 5.93 -46.77 -19.93
N PHE E 462 5.47 -48.00 -20.19
CA PHE E 462 4.12 -48.38 -19.75
C PHE E 462 4.02 -48.40 -18.24
N ALA E 463 5.07 -48.86 -17.55
CA ALA E 463 5.08 -48.82 -16.10
C ALA E 463 4.98 -47.40 -15.56
N ALA E 464 5.47 -46.40 -16.30
CA ALA E 464 5.26 -45.01 -15.92
C ALA E 464 3.84 -44.55 -16.21
N CYS E 465 3.15 -45.17 -17.15
CA CYS E 465 1.76 -44.84 -17.42
C CYS E 465 0.82 -45.38 -16.34
N VAL E 466 1.16 -46.53 -15.74
CA VAL E 466 0.36 -47.08 -14.66
C VAL E 466 0.38 -46.15 -13.45
N VAL E 467 1.55 -45.59 -13.14
CA VAL E 467 1.66 -44.68 -12.00
C VAL E 467 0.83 -43.43 -12.24
N ASP E 468 0.81 -42.93 -13.48
CA ASP E 468 -0.03 -41.76 -13.80
C ASP E 468 -1.49 -42.07 -13.57
N ARG E 469 -1.96 -43.22 -14.04
CA ARG E 469 -3.37 -43.56 -13.86
C ARG E 469 -3.69 -43.90 -12.41
N LEU E 470 -2.76 -44.57 -11.72
CA LEU E 470 -2.97 -44.91 -10.32
C LEU E 470 -3.00 -43.66 -9.45
N CYS E 471 -2.05 -42.75 -9.65
CA CYS E 471 -1.99 -41.54 -8.84
C CYS E 471 -3.08 -40.54 -9.22
N LEU E 472 -3.62 -40.63 -10.43
CA LEU E 472 -4.74 -39.77 -10.80
C LEU E 472 -5.96 -40.06 -9.93
N MET E 473 -6.24 -41.34 -9.68
CA MET E 473 -7.33 -41.71 -8.80
C MET E 473 -6.99 -41.52 -7.33
N ALA E 474 -5.73 -41.74 -6.94
CA ALA E 474 -5.33 -41.56 -5.55
C ALA E 474 -5.36 -40.11 -5.12
N PHE E 475 -4.88 -39.21 -5.98
CA PHE E 475 -4.89 -37.79 -5.66
C PHE E 475 -6.27 -37.15 -5.81
N SER E 476 -7.10 -37.67 -6.73
CA SER E 476 -8.43 -37.12 -6.90
C SER E 476 -9.29 -37.34 -5.65
N VAL E 477 -9.24 -38.55 -5.09
CA VAL E 477 -10.01 -38.81 -3.87
C VAL E 477 -9.39 -38.09 -2.68
N PHE E 478 -8.08 -37.83 -2.71
CA PHE E 478 -7.45 -37.09 -1.64
C PHE E 478 -7.93 -35.65 -1.60
N THR E 479 -8.13 -35.04 -2.77
CA THR E 479 -8.52 -33.64 -2.82
C THR E 479 -9.97 -33.43 -2.40
N ILE E 480 -10.88 -34.28 -2.85
CA ILE E 480 -12.30 -34.05 -2.59
C ILE E 480 -12.63 -34.26 -1.12
N ILE E 481 -12.10 -35.32 -0.51
CA ILE E 481 -12.39 -35.59 0.89
C ILE E 481 -11.66 -34.64 1.82
N CYS E 482 -10.61 -33.95 1.35
CA CYS E 482 -9.91 -32.99 2.18
C CYS E 482 -10.59 -31.62 2.14
N THR E 483 -10.97 -31.17 0.95
CA THR E 483 -11.69 -29.90 0.83
C THR E 483 -13.03 -29.96 1.56
N ILE E 484 -13.76 -31.06 1.39
CA ILE E 484 -15.03 -31.23 2.09
C ILE E 484 -14.80 -31.34 3.60
N GLY E 485 -13.79 -32.12 4.00
CA GLY E 485 -13.54 -32.32 5.42
C GLY E 485 -13.20 -31.04 6.15
N ILE E 486 -12.35 -30.22 5.55
CA ILE E 486 -11.96 -28.96 6.18
C ILE E 486 -13.13 -27.97 6.19
N LEU E 487 -13.78 -27.80 5.04
CA LEU E 487 -14.82 -26.79 4.90
C LEU E 487 -16.07 -27.12 5.71
N MET E 488 -16.42 -28.39 5.86
CA MET E 488 -17.54 -28.79 6.68
C MET E 488 -17.22 -28.79 8.16
N SER E 489 -15.94 -28.79 8.53
CA SER E 489 -15.55 -28.90 9.92
C SER E 489 -16.04 -27.71 10.74
N ALA E 490 -16.18 -26.54 10.12
CA ALA E 490 -16.60 -25.35 10.84
C ALA E 490 -18.04 -25.48 11.32
N PRO E 491 -18.38 -24.92 12.47
CA PRO E 491 -19.79 -24.81 12.85
C PRO E 491 -20.52 -23.83 11.94
N ASN E 492 -21.85 -23.86 12.05
CA ASN E 492 -22.82 -23.02 11.32
C ASN E 492 -22.40 -22.81 9.87
N PHE E 493 -21.75 -23.82 9.28
CA PHE E 493 -21.39 -23.77 7.87
C PHE E 493 -22.59 -24.04 6.98
N VAL E 494 -23.46 -24.97 7.38
CA VAL E 494 -24.69 -25.22 6.62
C VAL E 494 -25.60 -24.01 6.66
N GLU E 495 -25.64 -23.30 7.78
CA GLU E 495 -26.39 -22.05 7.85
C GLU E 495 -25.78 -20.99 6.94
N ALA E 496 -24.45 -20.92 6.88
CA ALA E 496 -23.79 -19.90 6.07
C ALA E 496 -24.04 -20.10 4.58
N VAL E 497 -24.13 -21.34 4.12
CA VAL E 497 -24.38 -21.59 2.71
C VAL E 497 -25.87 -21.59 2.37
N SER E 498 -26.73 -21.89 3.35
CA SER E 498 -28.17 -21.87 3.11
C SER E 498 -28.73 -20.45 3.12
N LYS E 499 -28.00 -19.49 3.68
CA LYS E 499 -28.46 -18.10 3.77
C LYS E 499 -27.85 -17.21 2.69
N ASP E 500 -26.56 -17.34 2.42
CA ASP E 500 -25.89 -16.45 1.46
C ASP E 500 -25.90 -17.02 0.05
N PHE E 501 -25.48 -18.28 -0.11
CA PHE E 501 -25.44 -18.87 -1.45
C PHE E 501 -26.84 -19.23 -1.94
N ALA E 502 -27.54 -20.09 -1.20
CA ALA E 502 -28.88 -20.50 -1.57
C ALA E 502 -29.92 -19.47 -1.12
C1 NAG F . -8.58 10.63 52.59
C2 NAG F . -9.43 10.00 53.66
C3 NAG F . -8.55 9.10 54.54
C4 NAG F . -7.66 8.18 53.70
C5 NAG F . -7.07 8.85 52.47
C6 NAG F . -6.53 7.88 51.45
C7 NAG F . -11.35 10.89 54.90
C8 NAG F . -11.86 12.02 55.73
N2 NAG F . -10.09 11.00 54.48
O3 NAG F . -9.38 8.32 55.39
O4 NAG F . -6.56 7.79 54.53
O5 NAG F . -8.05 9.64 51.78
O6 NAG F . -7.36 7.81 50.31
O7 NAG F . -12.03 9.91 54.64
C1 NAG F . -6.27 6.38 54.52
C2 NAG F . -4.75 6.20 54.51
C3 NAG F . -4.39 4.73 54.55
C4 NAG F . -5.07 4.04 55.72
C5 NAG F . -6.58 4.30 55.67
C6 NAG F . -7.30 3.75 56.88
C7 NAG F . -3.40 7.96 53.45
C8 NAG F . -2.86 8.48 52.15
N2 NAG F . -4.15 6.85 53.36
O3 NAG F . -2.98 4.60 54.66
O4 NAG F . -4.84 2.64 55.66
O5 NAG F . -6.84 5.71 55.65
O6 NAG F . -6.46 3.70 58.02
O7 NAG F . -3.15 8.48 54.52
C1 NAG G . 18.32 34.46 37.74
C2 NAG G . 19.08 34.30 39.03
C3 NAG G . 20.56 34.60 38.80
C4 NAG G . 21.11 33.89 37.56
C5 NAG G . 20.13 33.88 36.38
C6 NAG G . 20.48 32.87 35.32
C7 NAG G . 18.40 34.77 41.35
C8 NAG G . 17.83 35.79 42.29
N2 NAG G . 18.54 35.15 40.07
O3 NAG G . 21.31 34.22 39.95
O4 NAG G . 22.27 34.62 37.13
O5 NAG G . 18.80 33.56 36.81
O6 NAG G . 19.59 31.76 35.34
O7 NAG G . 18.73 33.65 41.73
C1 NAG G . 23.41 33.79 36.85
C2 NAG G . 24.10 34.36 35.61
C3 NAG G . 25.35 33.55 35.27
C4 NAG G . 26.26 33.48 36.50
C5 NAG G . 25.49 32.95 37.70
C6 NAG G . 26.31 32.98 38.97
C7 NAG G . 22.70 35.50 33.93
C8 NAG G . 21.78 35.32 32.76
N2 NAG G . 23.19 34.38 34.46
O3 NAG G . 26.03 34.16 34.19
O4 NAG G . 27.36 32.62 36.23
O5 NAG G . 24.34 33.77 37.94
O6 NAG G . 27.28 34.01 38.94
O7 NAG G . 23.00 36.61 34.38
C1 NAG H . 2.28 53.67 7.99
C2 NAG H . 3.41 54.66 8.11
C3 NAG H . 3.60 55.39 6.78
C4 NAG H . 3.63 54.43 5.59
C5 NAG H . 2.62 53.27 5.72
C6 NAG H . 2.91 52.12 4.78
C7 NAG H . 4.10 56.05 10.02
C8 NAG H . 3.65 57.03 11.06
N2 NAG H . 3.15 55.61 9.18
O3 NAG H . 4.80 56.15 6.82
O4 NAG H . 3.28 55.16 4.43
O5 NAG H . 2.61 52.72 7.03
O6 NAG H . 3.42 51.00 5.49
O7 NAG H . 5.27 55.67 9.93
C1 NAG H . 4.16 54.96 3.31
C2 NAG H . 3.30 54.90 2.05
C3 NAG H . 4.18 54.73 0.81
C4 NAG H . 5.25 55.81 0.77
C5 NAG H . 6.03 55.83 2.08
C6 NAG H . 7.03 56.97 2.15
C7 NAG H . 1.00 54.06 2.24
C8 NAG H . 0.14 52.83 2.31
N2 NAG H . 2.31 53.84 2.13
O3 NAG H . 3.37 54.80 -0.35
O4 NAG H . 6.14 55.57 -0.30
O5 NAG H . 5.13 56.00 3.18
O6 NAG H . 6.60 58.08 1.37
O7 NAG H . 0.54 55.18 2.29
C1 NAG I . -34.51 41.70 4.42
C2 NAG I . -34.76 42.95 3.61
C3 NAG I . -35.97 42.73 2.71
C4 NAG I . -35.91 41.40 1.96
C5 NAG I . -35.36 40.24 2.82
C6 NAG I . -34.93 39.04 2.01
C7 NAG I . -34.47 45.31 4.20
C8 NAG I . -34.78 46.39 5.19
N2 NAG I . -34.96 44.10 4.47
O3 NAG I . -36.08 43.80 1.78
O4 NAG I . -37.23 41.05 1.60
O5 NAG I . -34.22 40.65 3.58
O6 NAG I . -33.50 38.93 1.97
O7 NAG I . -33.81 45.53 3.19
C1 NAG I . -37.39 40.63 0.22
C2 NAG I . -38.37 39.46 0.19
C3 NAG I . -38.61 39.01 -1.24
C4 NAG I . -39.04 40.18 -2.10
C5 NAG I . -38.03 41.32 -1.98
C6 NAG I . -38.47 42.57 -2.71
C7 NAG I . -38.48 37.98 2.15
C8 NAG I . -37.85 36.82 2.87
N2 NAG I . -37.89 38.35 1.01
O3 NAG I . -39.62 38.00 -1.25
O4 NAG I . -39.13 39.78 -3.46
O5 NAG I . -37.87 41.69 -0.60
O6 NAG I . -39.88 42.67 -2.79
O7 NAG I . -39.46 38.56 2.60
C1 NAG J . -41.24 15.13 31.95
C2 NAG J . -42.72 15.36 31.72
C3 NAG J . -43.51 14.14 32.18
C4 NAG J . -42.91 12.83 31.66
C5 NAG J . -41.37 12.81 31.68
C6 NAG J . -40.78 11.73 30.81
C7 NAG J . -44.04 17.42 31.90
C8 NAG J . -44.40 18.59 32.76
N2 NAG J . -43.17 16.55 32.42
O3 NAG J . -44.86 14.26 31.77
O4 NAG J . -43.35 11.78 32.52
O5 NAG J . -40.83 14.05 31.19
O6 NAG J . -40.20 12.27 29.63
O7 NAG J . -44.52 17.27 30.78
C1 NAG J . -43.86 10.63 31.83
C2 NAG J . -43.37 9.39 32.58
C3 NAG J . -43.93 8.12 31.93
C4 NAG J . -45.44 8.21 31.82
C5 NAG J . -45.85 9.49 31.10
C6 NAG J . -47.34 9.70 31.07
C7 NAG J . -41.22 9.52 33.76
C8 NAG J . -39.73 9.43 33.62
N2 NAG J . -41.92 9.35 32.63
O3 NAG J . -43.55 7.00 32.71
O4 NAG J . -45.94 7.09 31.09
O5 NAG J . -45.29 10.63 31.78
O6 NAG J . -47.98 9.09 32.18
O7 NAG J . -41.77 9.73 34.84
C1 NAG K . 8.62 25.73 56.94
C2 NAG K . 8.46 26.35 58.32
C3 NAG K . 9.78 26.94 58.80
C4 NAG K . 10.88 25.90 58.74
C5 NAG K . 10.96 25.30 57.34
C6 NAG K . 11.96 24.18 57.23
C7 NAG K . 6.58 27.55 59.35
C8 NAG K . 5.56 28.64 59.18
N2 NAG K . 7.41 27.36 58.32
O3 NAG K . 9.63 27.42 60.14
O4 NAG K . 12.14 26.50 59.06
O5 NAG K . 9.69 24.76 56.97
O6 NAG K . 12.05 23.45 58.43
O7 NAG K . 6.65 26.89 60.38
C1 CLR L . 37.80 -32.01 -12.19
C2 CLR L . 38.86 -32.53 -13.23
C3 CLR L . 39.69 -33.59 -12.51
C4 CLR L . 38.78 -34.82 -12.21
C5 CLR L . 37.66 -34.32 -11.27
C6 CLR L . 37.40 -35.03 -10.10
C7 CLR L . 36.31 -34.64 -9.08
C8 CLR L . 35.26 -33.62 -9.58
C9 CLR L . 36.03 -32.49 -10.32
C10 CLR L . 36.83 -33.09 -11.59
C11 CLR L . 35.07 -31.34 -10.71
C12 CLR L . 33.98 -30.89 -9.64
C13 CLR L . 33.32 -32.11 -8.99
C14 CLR L . 34.42 -33.00 -8.39
C15 CLR L . 33.64 -34.00 -7.50
C16 CLR L . 32.41 -33.16 -6.97
C17 CLR L . 32.36 -31.82 -7.79
C18 CLR L . 32.51 -32.95 -10.05
C19 CLR L . 35.79 -33.45 -12.71
C20 CLR L . 30.86 -31.47 -8.26
C21 CLR L . 30.87 -30.66 -9.57
C22 CLR L . 30.12 -30.63 -7.13
C23 CLR L . 30.53 -31.12 -5.68
C24 CLR L . 29.36 -31.92 -4.96
C25 CLR L . 29.26 -31.59 -3.41
C26 CLR L . 29.55 -30.07 -3.22
C27 CLR L . 30.35 -32.41 -2.66
O1 CLR L . 40.70 -34.03 -13.53
C02 I33 M . -9.28 2.77 39.19
C03 I33 M . -7.75 2.71 39.10
C04 I33 M . -6.99 3.32 38.16
C05 I33 M . -5.56 3.16 38.21
C06 I33 M . -5.11 2.35 39.31
C07 I33 M . -3.76 2.12 39.49
C09 I33 M . -2.84 2.68 38.59
C10 I33 M . -3.29 3.48 37.52
C11 I33 M . -4.65 3.70 37.35
C14 I33 M . -11.54 3.44 38.31
C15 I33 M . -12.05 4.88 38.49
C16 I33 M . -12.16 2.89 37.12
C17 I33 M . -13.59 2.93 37.29
C18 I33 M . -14.04 4.34 37.54
C20 I33 M . -12.38 5.17 36.23
C21 I33 M . -11.81 3.73 35.97
N13 I33 M . -10.07 3.43 38.17
N19 I33 M . -12.98 5.21 37.51
O01 I33 M . -9.81 2.26 40.11
S12 I33 M . -6.65 1.88 40.15
CL08 I33 M . -3.20 1.11 40.84
C01 I34 N . 3.91 -16.01 0.62
C03 I34 N . 3.63 -17.62 2.28
C04 I34 N . 3.85 -18.89 1.79
C05 I34 N . 3.11 -19.96 2.25
C07 I34 N . 3.26 -21.31 0.36
C08 I34 N . 2.14 -19.77 3.22
C10 I34 N . 0.88 -21.08 5.05
C13 I34 N . -0.39 -22.56 6.69
C14 I34 N . -0.42 -23.84 7.34
C15 I34 N . -1.03 -23.57 8.57
C16 I34 N . -1.31 -24.60 9.66
C19 I34 N . 1.91 -18.49 3.72
C20 I34 N . 2.65 -17.42 3.25
N09 I34 N . 1.36 -20.91 3.69
N12 I34 N . 0.13 -22.29 5.37
N18 I34 N . -0.95 -21.69 7.52
O02 I34 N . 4.38 -16.55 1.83
O06 I34 N . 3.34 -21.24 1.75
O11 I34 N . 1.09 -20.29 5.90
O17 I34 N . -1.31 -22.30 8.63
CL1 I34 N . 2.36 -15.78 3.89
C02 I33 O . 16.47 20.93 30.38
C03 I33 O . 17.03 21.52 29.08
C04 I33 O . 16.34 21.72 27.94
C05 I33 O . 17.01 22.28 26.80
C06 I33 O . 18.39 22.60 27.05
C07 I33 O . 19.16 23.15 26.05
C09 I33 O . 18.59 23.41 24.80
C10 I33 O . 17.23 23.10 24.56
C11 I33 O . 16.46 22.54 25.58
C14 I33 O . 14.65 19.86 31.74
C15 I33 O . 13.49 20.70 32.29
C16 I33 O . 14.16 18.49 31.53
C17 I33 O . 13.69 17.99 32.79
C18 I33 O . 12.62 18.88 33.35
C20 I33 O . 11.89 19.41 31.27
C21 I33 O . 13.03 18.54 30.61
N13 I33 O . 15.12 20.42 30.45
N19 I33 O . 12.35 19.92 32.51
O01 I33 O . 17.16 20.91 31.35
S12 I33 O . 18.65 22.09 28.78
CL08 I33 O . 20.87 23.53 26.35
C01 I34 P . 13.71 -8.59 -3.30
C03 I34 P . 15.74 -8.82 -2.15
C04 I34 P . 16.49 -9.85 -2.66
C05 I34 P . 17.26 -10.63 -1.81
C07 I34 P . 17.26 -12.60 -3.09
C08 I34 P . 17.30 -10.36 -0.46
C10 I34 P . 18.83 -10.73 1.57
C13 I34 P . 20.37 -11.32 3.52
C14 I34 P . 21.67 -11.79 3.89
C15 I34 P . 21.95 -11.16 5.11
C16 I34 P . 23.22 -11.33 5.92
C19 I34 P . 16.54 -9.32 0.06
C20 I34 P . 15.76 -8.54 -0.79
N09 I34 P . 18.12 -11.20 0.40
N12 I34 P . 19.62 -11.67 2.33
N18 I34 P . 19.99 -10.48 4.49
O02 I34 P . 14.96 -8.03 -3.01
O06 I34 P . 18.01 -11.68 -2.34
O11 I34 P . 18.80 -9.59 1.92
O17 I34 P . 20.92 -10.40 5.41
CL1 I34 P . 14.81 -7.19 -0.13
C1 NAG Q . 15.86 54.84 26.71
C2 NAG Q . 16.12 55.99 27.67
C3 NAG Q . 16.44 57.27 26.89
C4 NAG Q . 17.57 57.03 25.91
C5 NAG Q . 17.27 55.83 25.02
C6 NAG Q . 18.41 55.46 24.11
C7 NAG Q . 15.11 56.58 29.82
C8 NAG Q . 13.83 56.75 30.59
N2 NAG Q . 14.99 56.20 28.55
O3 NAG Q . 16.78 58.31 27.79
O4 NAG Q . 17.78 58.18 25.09
O5 NAG Q . 17.00 54.67 25.83
O6 NAG Q . 19.67 55.73 24.71
O7 NAG Q . 16.21 56.77 30.34
C1 CLR R . 30.89 -11.79 -38.86
C2 CLR R . 31.09 -12.29 -40.34
C3 CLR R . 32.59 -12.20 -40.63
C4 CLR R . 33.32 -13.24 -39.76
C5 CLR R . 33.08 -12.85 -38.28
C6 CLR R . 34.16 -12.76 -37.42
C7 CLR R . 34.04 -12.38 -35.93
C8 CLR R . 32.61 -12.45 -35.33
C9 CLR R . 31.65 -11.80 -36.35
C10 CLR R . 31.67 -12.59 -37.76
C11 CLR R . 30.21 -11.69 -35.75
C12 CLR R . 30.08 -11.24 -34.24
C13 CLR R . 31.11 -11.97 -33.35
C14 CLR R . 32.50 -11.71 -33.94
C15 CLR R . 33.46 -12.20 -32.82
C16 CLR R . 32.68 -11.88 -31.48
C17 CLR R . 31.20 -11.47 -31.87
C18 CLR R . 30.84 -13.52 -33.34
C19 CLR R . 30.93 -13.97 -37.56
C20 CLR R . 30.12 -12.20 -30.91
C21 CLR R . 28.81 -12.43 -31.65
C22 CLR R . 29.87 -11.29 -29.63
C23 CLR R . 31.20 -10.58 -29.14
C24 CLR R . 31.75 -11.21 -27.80
C25 CLR R . 32.34 -10.12 -26.80
C26 CLR R . 31.42 -8.86 -26.87
C27 CLR R . 33.77 -9.73 -27.28
O1 CLR R . 32.71 -12.65 -42.06
C02 I33 S . 7.48 39.36 4.79
C03 I33 S . 6.52 39.23 3.61
C04 I33 S . 5.49 38.36 3.51
C05 I33 S . 4.67 38.38 2.33
C06 I33 S . 5.09 39.34 1.36
C07 I33 S . 4.41 39.46 0.17
C09 I33 S . 3.31 38.64 -0.09
C10 I33 S . 2.90 37.69 0.88
C11 I33 S . 3.59 37.57 2.08
C14 I33 S . 8.37 38.62 7.04
C15 I33 S . 7.63 39.01 8.33
C16 I33 S . 9.08 37.37 7.27
C17 I33 S . 10.00 37.58 8.36
C18 I33 S . 9.26 38.03 9.59
C20 I33 S . 7.42 36.82 9.00
C21 I33 S . 8.12 36.35 7.66
N13 I33 S . 7.41 38.45 5.93
N19 I33 S . 7.90 38.10 9.35
O01 I33 S . 8.29 40.22 4.79
S12 I33 S . 6.53 40.14 2.13
CL08 I33 S . 4.91 40.66 -1.05
C01 I34 T . 9.58 -1.63 -13.36
C03 I34 T . 11.14 -0.19 -14.35
C04 I34 T . 11.91 -0.85 -15.29
C05 I34 T . 13.24 -0.53 -15.45
C07 I34 T . 13.99 -2.59 -16.24
C08 I34 T . 13.81 0.48 -14.69
C10 I34 T . 15.78 2.13 -14.78
C13 I34 T . 17.87 3.58 -14.92
C14 I34 T . 18.91 4.06 -15.79
C15 I34 T . 19.22 5.33 -15.28
C16 I34 T . 20.28 6.27 -15.85
C19 I34 T . 13.05 1.14 -13.74
C20 I34 T . 11.71 0.81 -13.58
N09 I34 T . 15.21 0.80 -14.88
N12 I34 T . 17.21 2.30 -15.01
N18 I34 T . 17.65 4.54 -14.02
O02 I34 T . 9.80 -0.52 -14.18
O06 I34 T . 14.01 -1.21 -16.40
O11 I34 T . 15.12 3.07 -14.50
O17 I34 T . 18.45 5.56 -14.25
CL1 I34 T . 10.73 1.68 -12.37
C1 NAG U . -19.92 59.66 4.23
C2 NAG U . -20.15 61.12 4.61
C3 NAG U . -21.41 61.65 3.95
C4 NAG U . -21.36 61.42 2.44
C5 NAG U . -21.08 59.95 2.14
C6 NAG U . -20.89 59.67 0.67
C7 NAG U . -19.74 62.34 6.70
C8 NAG U . -19.91 62.33 8.20
N2 NAG U . -20.23 61.27 6.06
O3 NAG U . -21.56 63.04 4.22
O4 NAG U . -22.59 61.79 1.84
O5 NAG U . -19.87 59.53 2.80
O6 NAG U . -20.29 60.77 0.00
O7 NAG U . -19.20 63.27 6.11
C1 CLR V . -1.57 -17.12 -48.05
C2 CLR V . -1.96 -18.23 -49.08
C3 CLR V . -1.64 -17.68 -50.46
C4 CLR V . -0.11 -17.54 -50.60
C5 CLR V . 0.35 -16.50 -49.52
C6 CLR V . 1.15 -15.45 -49.90
C7 CLR V . 1.66 -14.36 -48.93
C8 CLR V . 1.52 -14.70 -47.43
C9 CLR V . 0.11 -15.30 -47.22
C10 CLR V . -0.08 -16.65 -48.06
C11 CLR V . -0.17 -15.50 -45.69
C12 CLR V . 0.29 -14.36 -44.69
C13 CLR V . 1.72 -13.88 -45.04
C14 CLR V . 1.71 -13.43 -46.50
C15 CLR V . 3.05 -12.66 -46.66
C16 CLR V . 3.27 -12.00 -45.24
C17 CLR V . 2.22 -12.62 -44.25
C18 CLR V . 2.77 -15.03 -44.87
C19 CLR V . 0.77 -17.78 -47.40
C20 CLR V . 2.89 -13.03 -42.84
C21 CLR V . 2.16 -14.20 -42.20
C22 CLR V . 2.84 -11.78 -41.86
C23 CLR V . 3.07 -10.40 -42.63
C24 CLR V . 4.49 -9.78 -42.33
C25 CLR V . 4.46 -8.20 -42.19
C26 CLR V . 3.14 -7.81 -41.45
C27 CLR V . 4.43 -7.59 -43.62
O1 CLR V . -2.06 -18.77 -51.41
C02 I33 W . -23.78 32.56 -2.11
C03 I33 W . -24.71 31.34 -2.02
C04 I33 W . -24.50 30.24 -1.26
C05 I33 W . -25.46 29.18 -1.29
C06 I33 W . -26.57 29.43 -2.16
C07 I33 W . -27.57 28.51 -2.28
C09 I33 W . -27.51 27.31 -1.56
C10 I33 W . -26.43 27.06 -0.71
C11 I33 W . -25.41 28.01 -0.58
C14 I33 W . -21.65 33.78 -1.56
C15 I33 W . -21.48 34.48 -0.20
C16 I33 W . -20.33 33.41 -2.04
C17 I33 W . -19.53 34.61 -2.15
C18 I33 W . -19.45 35.30 -0.82
C20 I33 W . -19.57 33.32 0.28
C21 I33 W . -19.71 32.53 -1.07
N13 I33 W . -22.50 32.58 -1.43
N19 I33 W . -20.13 34.60 0.14
O01 I33 W . -24.12 33.49 -2.76
S12 I33 W . -26.21 31.07 -2.86
CL08 I33 W . -28.95 28.81 -3.37
C01 I34 X . -2.73 -4.71 -15.61
C03 I34 X . -3.78 -3.64 -17.41
C04 I34 X . -3.52 -4.30 -18.60
C05 I34 X . -3.37 -3.58 -19.77
C07 I34 X . -2.00 -5.11 -20.90
C08 I34 X . -3.48 -2.21 -19.75
C10 I34 X . -4.03 -0.26 -21.36
C13 I34 X . -4.42 1.55 -23.10
C14 I34 X . -4.86 1.82 -24.44
C15 I34 X . -5.41 3.11 -24.36
C16 I34 X . -6.04 3.88 -25.52
C19 I34 X . -3.72 -1.54 -18.56
C20 I34 X . -3.88 -2.26 -17.39
N09 I34 X . -3.31 -1.48 -21.01
N12 I34 X . -3.76 0.34 -22.65
N18 I34 X . -4.71 2.63 -22.38
O02 I34 X . -3.93 -4.37 -16.22
O06 I34 X . -3.11 -4.26 -20.96
O11 I34 X . -4.82 0.23 -20.64
O17 I34 X . -5.29 3.53 -23.13
CL1 I34 X . -4.21 -1.41 -15.86
C1 NAG Y . -49.27 33.56 20.51
C2 NAG Y . -50.22 34.66 20.97
C3 NAG Y . -51.46 34.06 21.63
C4 NAG Y . -52.10 33.03 20.71
C5 NAG Y . -51.08 31.99 20.26
C6 NAG Y . -51.63 31.02 19.25
C7 NAG Y . -49.81 36.90 21.89
C8 NAG Y . -49.02 37.70 22.89
N2 NAG Y . -49.56 35.59 21.88
O3 NAG Y . -52.38 35.09 21.94
O4 NAG Y . -53.17 32.39 21.38
O5 NAG Y . -49.96 32.65 19.64
O6 NAG Y . -52.60 31.63 18.41
O7 NAG Y . -50.62 37.42 21.13
C1 CLR Z . -14.72 -40.66 -27.05
C2 CLR Z . -14.61 -42.19 -27.36
C3 CLR Z . -15.68 -42.50 -28.41
C4 CLR Z . -15.29 -41.79 -29.73
C5 CLR Z . -15.29 -40.26 -29.45
C6 CLR Z . -15.99 -39.42 -30.29
C7 CLR Z . -16.06 -37.89 -30.11
C8 CLR Z . -15.02 -37.29 -29.14
C9 CLR Z . -14.98 -38.19 -27.88
C10 CLR Z . -14.53 -39.69 -28.26
C11 CLR Z . -14.08 -37.55 -26.78
C12 CLR Z . -14.19 -35.99 -26.54
C13 CLR Z . -14.23 -35.23 -27.89
C14 CLR Z . -15.39 -35.80 -28.72
C15 CLR Z . -15.54 -34.78 -29.87
C16 CLR Z . -15.15 -33.40 -29.21
C17 CLR Z . -14.53 -33.69 -27.79
C18 CLR Z . -12.88 -35.43 -28.68
C19 CLR Z . -12.99 -39.67 -28.60
C20 CLR Z . -13.20 -32.83 -27.54
C21 CLR Z . -12.23 -33.56 -26.61
C22 CLR Z . -13.60 -31.43 -26.89
C23 CLR Z . -14.96 -30.88 -27.49
C24 CLR Z . -14.72 -29.64 -28.45
C25 CLR Z . -15.84 -28.51 -28.30
C26 CLR Z . -16.20 -28.40 -26.78
C27 CLR Z . -17.10 -28.97 -29.09
O1 CLR Z . -15.55 -43.98 -28.65
C02 I33 AA . -34.12 9.92 19.17
C03 I33 AA . -33.51 8.75 19.93
C04 I33 AA . -32.19 8.55 20.17
C05 I33 AA . -31.78 7.40 20.91
C06 I33 AA . -32.86 6.56 21.32
C07 I33 AA . -32.61 5.41 22.03
C09 I33 AA . -31.30 5.08 22.37
C10 I33 AA . -30.24 5.90 21.97
C11 I33 AA . -30.49 7.06 21.24
C14 I33 AA . -33.94 12.03 17.79
C15 I33 AA . -33.62 13.38 18.47
C16 I33 AA . -33.44 12.08 16.42
C17 I33 AA . -34.09 13.17 15.75
C18 I33 AA . -33.84 14.46 16.47
C20 I33 AA . -31.78 13.75 17.15
C21 I33 AA . -32.01 12.35 16.45
N13 I33 AA . -33.29 10.92 18.52
N19 I33 AA . -33.03 14.27 17.57
O01 I33 AA . -35.30 10.02 19.10
S12 I33 AA . -34.33 7.41 20.66
CL08 I33 AA . -33.96 4.37 22.54
C01 I34 BA . -6.22 -13.62 -6.93
C03 I34 BA . -8.41 -14.44 -7.09
C04 I34 BA . -8.48 -15.48 -8.00
C05 I34 BA . -9.62 -15.63 -8.78
C07 I34 BA . -8.62 -16.70 -10.60
C08 I34 BA . -10.68 -14.73 -8.65
C10 I34 BA . -13.22 -14.64 -9.08
C13 I34 BA . -15.68 -14.63 -9.72
C14 I34 BA . -16.80 -15.44 -10.11
C15 I34 BA . -17.91 -14.77 -9.58
C16 I34 BA . -19.36 -15.23 -9.72
C19 I34 BA . -10.59 -13.70 -7.74
C20 I34 BA . -9.46 -13.56 -6.96
N09 I34 BA . -11.85 -14.92 -9.49
N12 I34 BA . -14.29 -14.88 -10.03
N18 I34 BA . -16.19 -13.61 -9.02
O02 I34 BA . -7.27 -14.29 -6.30
O06 I34 BA . -9.70 -16.67 -9.71
O11 I34 BA . -13.47 -14.23 -7.99
O17 I34 BA . -17.49 -13.70 -8.95
CL1 I34 BA . -9.36 -12.22 -5.77
C1 NAG CA . -31.65 12.62 53.04
C2 NAG CA . -32.57 13.20 54.11
C3 NAG CA . -32.21 12.63 55.49
C4 NAG CA . -32.21 11.11 55.45
C5 NAG CA . -31.31 10.61 54.33
C6 NAG CA . -31.36 9.11 54.15
C7 NAG CA . -33.57 15.43 54.38
C8 NAG CA . -33.31 16.91 54.36
N2 NAG CA . -32.51 14.66 54.12
O3 NAG CA . -33.14 13.10 56.45
O4 NAG CA . -31.75 10.59 56.69
O5 NAG CA . -31.73 11.19 53.07
O6 NAG CA . -32.64 8.60 54.47
O7 NAG CA . -34.67 14.97 54.62
C1 CLR DA . 9.59 -49.84 -4.94
C2 CLR DA . 10.59 -51.00 -5.25
C3 CLR DA . 9.84 -52.31 -5.00
C4 CLR DA . 8.73 -52.44 -6.07
C5 CLR DA . 7.75 -51.25 -5.85
C6 CLR DA . 6.40 -51.50 -5.74
C7 CLR DA . 5.33 -50.40 -5.53
C8 CLR DA . 5.81 -48.96 -5.79
C9 CLR DA . 7.20 -48.80 -5.13
C10 CLR DA . 8.27 -49.82 -5.78
C11 CLR DA . 7.67 -47.31 -5.20
C12 CLR DA . 6.61 -46.18 -4.93
C13 CLR DA . 5.28 -46.49 -5.65
C14 CLR DA . 4.81 -47.87 -5.22
C15 CLR DA . 3.35 -47.94 -5.72
C16 CLR DA . 2.84 -46.46 -5.61
C17 CLR DA . 4.08 -45.53 -5.31
C18 CLR DA . 5.47 -46.48 -7.22
C19 CLR DA . 8.63 -49.32 -7.22
C20 CLR DA . 4.08 -44.21 -6.22
C21 CLR DA . 5.49 -43.72 -6.50
C22 CLR DA . 3.25 -43.07 -5.48
C23 CLR DA . 2.00 -43.66 -4.70
C24 CLR DA . 0.62 -43.29 -5.41
C25 CLR DA . -0.53 -42.95 -4.38
C26 CLR DA . 0.10 -42.14 -3.20
C27 CLR DA . -1.11 -44.28 -3.82
O1 CLR DA . 10.86 -53.39 -5.29
#